data_9EX4
#
_entry.id   9EX4
#
_cell.length_a   1.00
_cell.length_b   1.00
_cell.length_c   1.00
_cell.angle_alpha   90.00
_cell.angle_beta   90.00
_cell.angle_gamma   90.00
#
_symmetry.space_group_name_H-M   'P 1'
#
loop_
_entity.id
_entity.type
_entity.pdbx_description
1 polymer 'Cys-loop ligand-gated ion channel'
2 non-polymer 'fluorinated fos-choline-8'
3 non-polymer HEXANE
4 non-polymer '4-(2-HYDROXYETHYL)-1-PIPERAZINE ETHANESULFONIC ACID'
5 water water
#
_entity_poly.entity_id   1
_entity_poly.type   'polypeptide(L)'
_entity_poly.pdbx_seq_one_letter_code
;MASLAAEPSDVFIGLKIDQITGINQKEENFSVVGSLRIDWRQPLLAFEHAPGEPKHRTYTLATFLKLLEEKQIRWPAFTY
HNQQGRMDFQNRLISLSEDGTVMYLERFTSTFQAPAFDFRLFPFDNQLFFIHVDSIFPQHLFRFQEMQGFSGLGDQLGEE
EWIVTEVNTHLTTHNEFTKGDASRFVLEFHAERHLNYYLMRILIPVLLIITVSWFTFFLQDYTKRIDLAGGNLLLFIAFN
FTISSDLPRLGYITLMDAFLVGTFIITALVVLGNVWLRRLENHGKQALARKLDIYAITSYPLAYLLGALTLWLLFFWRSY
;
_entity_poly.pdbx_strand_id   A,B,C,D,E
#
# COMPACT_ATOMS: atom_id res chain seq x y z
N GLU A 7 -9.78 -51.34 -11.39
CA GLU A 7 -10.35 -50.75 -10.18
C GLU A 7 -9.58 -49.50 -9.77
N PRO A 8 -10.30 -48.49 -9.28
CA PRO A 8 -9.63 -47.25 -8.86
C PRO A 8 -8.74 -47.47 -7.65
N SER A 9 -7.71 -46.64 -7.55
CA SER A 9 -6.76 -46.68 -6.45
C SER A 9 -7.13 -45.64 -5.40
N ASP A 10 -6.80 -45.95 -4.15
CA ASP A 10 -7.13 -45.09 -3.03
C ASP A 10 -6.04 -44.07 -2.76
N VAL A 11 -6.44 -42.84 -2.48
CA VAL A 11 -5.53 -41.75 -2.16
C VAL A 11 -5.94 -41.18 -0.80
N PHE A 12 -5.01 -41.17 0.15
CA PHE A 12 -5.25 -40.68 1.49
C PHE A 12 -4.77 -39.23 1.60
N ILE A 13 -5.63 -38.37 2.14
CA ILE A 13 -5.40 -36.93 2.16
C ILE A 13 -5.46 -36.43 3.60
N GLY A 14 -4.52 -35.57 3.96
CA GLY A 14 -4.53 -34.91 5.24
C GLY A 14 -4.07 -33.46 5.15
N LEU A 15 -4.72 -32.56 5.90
CA LEU A 15 -4.41 -31.14 5.84
C LEU A 15 -4.50 -30.53 7.23
N LYS A 16 -3.49 -29.76 7.60
CA LYS A 16 -3.43 -29.10 8.90
C LYS A 16 -3.08 -27.63 8.72
N ILE A 17 -3.66 -26.78 9.54
CA ILE A 17 -3.43 -25.34 9.51
C ILE A 17 -2.61 -24.95 10.74
N ASP A 18 -1.49 -24.28 10.50
CA ASP A 18 -0.58 -23.89 11.57
C ASP A 18 -0.75 -22.45 12.02
N GLN A 19 -0.93 -21.52 11.09
CA GLN A 19 -1.03 -20.10 11.41
C GLN A 19 -2.20 -19.48 10.66
N ILE A 20 -2.79 -18.45 11.26
CA ILE A 20 -3.76 -17.59 10.60
C ILE A 20 -3.13 -16.20 10.55
N THR A 21 -2.64 -15.81 9.38
CA THR A 21 -1.88 -14.57 9.26
C THR A 21 -2.75 -13.34 9.08
N GLY A 22 -4.06 -13.51 8.84
CA GLY A 22 -4.93 -12.35 8.71
C GLY A 22 -6.28 -12.66 8.10
N ILE A 23 -7.30 -11.91 8.51
CA ILE A 23 -8.65 -12.01 7.96
C ILE A 23 -9.05 -10.63 7.45
N ASN A 24 -9.37 -10.53 6.17
CA ASN A 24 -9.73 -9.28 5.52
C ASN A 24 -11.21 -9.33 5.18
N GLN A 25 -12.04 -8.75 6.06
CA GLN A 25 -13.48 -8.74 5.82
C GLN A 25 -13.87 -7.77 4.71
N LYS A 26 -13.08 -6.73 4.47
CA LYS A 26 -13.38 -5.81 3.38
C LYS A 26 -13.30 -6.50 2.03
N GLU A 27 -12.30 -7.35 1.83
CA GLU A 27 -12.15 -8.12 0.60
C GLU A 27 -12.71 -9.53 0.71
N GLU A 28 -13.14 -9.95 1.90
CA GLU A 28 -13.73 -11.27 2.13
C GLU A 28 -12.79 -12.39 1.71
N ASN A 29 -11.64 -12.45 2.39
CA ASN A 29 -10.66 -13.51 2.19
C ASN A 29 -9.83 -13.65 3.45
N PHE A 30 -9.08 -14.75 3.52
CA PHE A 30 -8.20 -15.00 4.65
C PHE A 30 -6.95 -15.74 4.16
N SER A 31 -5.89 -15.64 4.96
CA SER A 31 -4.60 -16.23 4.61
C SER A 31 -4.12 -17.10 5.77
N VAL A 32 -3.52 -18.25 5.43
CA VAL A 32 -3.08 -19.23 6.41
C VAL A 32 -1.74 -19.81 6.00
N VAL A 33 -1.11 -20.50 6.94
CA VAL A 33 0.09 -21.31 6.68
C VAL A 33 -0.24 -22.73 7.11
N GLY A 34 -0.08 -23.69 6.20
CA GLY A 34 -0.52 -25.05 6.45
C GLY A 34 0.43 -26.08 5.85
N SER A 35 0.11 -27.35 6.10
CA SER A 35 0.89 -28.48 5.63
C SER A 35 -0.03 -29.53 5.04
N LEU A 36 0.41 -30.16 3.97
CA LEU A 36 -0.36 -31.19 3.29
C LEU A 36 0.41 -32.51 3.27
N ARG A 37 -0.29 -33.61 3.55
CA ARG A 37 0.29 -34.94 3.56
C ARG A 37 -0.58 -35.88 2.74
N ILE A 38 0.05 -36.63 1.84
CA ILE A 38 -0.65 -37.56 0.95
C ILE A 38 0.10 -38.88 0.94
N ASP A 39 -0.65 -39.99 0.99
CA ASP A 39 -0.10 -41.33 0.87
C ASP A 39 -0.77 -42.06 -0.28
N TRP A 40 0.04 -42.62 -1.17
CA TRP A 40 -0.48 -43.31 -2.36
C TRP A 40 0.45 -44.46 -2.70
N ARG A 41 -0.13 -45.63 -2.99
CA ARG A 41 0.61 -46.84 -3.26
C ARG A 41 0.45 -47.24 -4.72
N GLN A 42 1.57 -47.46 -5.40
CA GLN A 42 1.58 -47.93 -6.79
C GLN A 42 2.50 -49.14 -6.89
N PRO A 43 1.96 -50.33 -7.16
CA PRO A 43 2.81 -51.53 -7.22
C PRO A 43 3.89 -51.48 -8.29
N LEU A 44 3.71 -50.68 -9.34
CA LEU A 44 4.70 -50.62 -10.41
C LEU A 44 5.98 -49.91 -10.00
N LEU A 45 6.00 -49.25 -8.83
CA LEU A 45 7.18 -48.55 -8.36
C LEU A 45 7.99 -49.36 -7.35
N ALA A 46 7.67 -50.64 -7.17
CA ALA A 46 8.39 -51.48 -6.23
C ALA A 46 9.83 -51.71 -6.70
N PHE A 47 10.73 -51.85 -5.73
CA PHE A 47 12.14 -52.06 -6.02
C PHE A 47 12.76 -52.90 -4.91
N GLU A 48 14.00 -53.32 -5.15
CA GLU A 48 14.79 -54.06 -4.17
C GLU A 48 16.07 -53.28 -3.90
N HIS A 49 16.34 -53.02 -2.62
CA HIS A 49 17.49 -52.22 -2.23
C HIS A 49 18.78 -53.02 -2.37
N ALA A 50 19.83 -52.36 -2.85
CA ALA A 50 21.14 -52.96 -2.93
C ALA A 50 21.83 -52.90 -1.56
N PRO A 51 22.78 -53.81 -1.30
CA PRO A 51 23.49 -53.76 -0.02
C PRO A 51 24.22 -52.44 0.17
N GLY A 52 24.17 -51.91 1.39
CA GLY A 52 24.75 -50.64 1.70
C GLY A 52 23.87 -49.44 1.43
N GLU A 53 22.67 -49.65 0.88
CA GLU A 53 21.74 -48.58 0.55
C GLU A 53 20.57 -48.56 1.54
N PRO A 54 19.97 -47.39 1.78
CA PRO A 54 18.84 -47.32 2.70
C PRO A 54 17.60 -48.01 2.14
N LYS A 55 16.72 -48.41 3.05
CA LYS A 55 15.49 -49.10 2.67
C LYS A 55 14.47 -48.16 2.03
N HIS A 56 14.64 -46.85 2.19
CA HIS A 56 13.76 -45.86 1.57
C HIS A 56 14.59 -44.91 0.71
N ARG A 57 13.99 -44.44 -0.37
CA ARG A 57 14.64 -43.56 -1.32
C ARG A 57 14.03 -42.16 -1.25
N THR A 58 14.88 -41.15 -1.40
CA THR A 58 14.48 -39.75 -1.34
C THR A 58 14.63 -39.12 -2.71
N TYR A 59 13.62 -38.38 -3.14
CA TYR A 59 13.59 -37.77 -4.46
C TYR A 59 13.17 -36.32 -4.37
N THR A 60 13.62 -35.53 -5.35
CA THR A 60 13.03 -34.23 -5.60
C THR A 60 11.80 -34.38 -6.51
N LEU A 61 10.97 -33.34 -6.54
CA LEU A 61 9.72 -33.43 -7.29
C LEU A 61 9.98 -33.62 -8.78
N ALA A 62 10.94 -32.87 -9.34
CA ALA A 62 11.19 -32.95 -10.78
C ALA A 62 11.68 -34.33 -11.19
N THR A 63 12.61 -34.91 -10.41
CA THR A 63 13.11 -36.24 -10.73
C THR A 63 12.02 -37.29 -10.61
N PHE A 64 11.16 -37.17 -9.59
CA PHE A 64 10.06 -38.12 -9.45
C PHE A 64 9.09 -38.02 -10.62
N LEU A 65 8.78 -36.80 -11.07
CA LEU A 65 7.90 -36.63 -12.22
C LEU A 65 8.54 -37.19 -13.48
N LYS A 66 9.84 -36.98 -13.66
CA LYS A 66 10.54 -37.55 -14.81
C LYS A 66 10.51 -39.07 -14.78
N LEU A 67 10.70 -39.67 -13.59
CA LEU A 67 10.63 -41.12 -13.47
C LEU A 67 9.23 -41.63 -13.81
N LEU A 68 8.19 -40.94 -13.33
CA LEU A 68 6.83 -41.36 -13.64
C LEU A 68 6.56 -41.26 -15.14
N GLU A 69 7.03 -40.20 -15.78
CA GLU A 69 6.86 -40.06 -17.23
C GLU A 69 7.60 -41.15 -17.98
N GLU A 70 8.82 -41.48 -17.54
CA GLU A 70 9.57 -42.56 -18.18
C GLU A 70 8.86 -43.90 -18.05
N LYS A 71 8.28 -44.16 -16.87
CA LYS A 71 7.52 -45.39 -16.69
C LYS A 71 6.08 -45.29 -17.19
N GLN A 72 5.66 -44.11 -17.62
CA GLN A 72 4.31 -43.87 -18.15
C GLN A 72 3.23 -44.28 -17.15
N ILE A 73 3.25 -43.59 -16.00
CA ILE A 73 2.30 -43.83 -14.93
C ILE A 73 1.54 -42.54 -14.66
N ARG A 74 0.21 -42.64 -14.64
CA ARG A 74 -0.63 -41.48 -14.38
C ARG A 74 -0.59 -41.12 -12.90
N TRP A 75 -0.45 -39.82 -12.61
CA TRP A 75 -0.44 -39.36 -11.25
C TRP A 75 -1.72 -38.61 -10.90
N PRO A 76 -2.17 -38.66 -9.64
CA PRO A 76 -3.44 -38.00 -9.24
C PRO A 76 -3.31 -36.49 -9.04
N ALA A 77 -3.45 -35.75 -10.14
CA ALA A 77 -3.38 -34.30 -10.09
C ALA A 77 -4.57 -33.74 -9.31
N PHE A 78 -4.31 -32.67 -8.55
CA PHE A 78 -5.34 -32.04 -7.74
C PHE A 78 -5.14 -30.52 -7.77
N THR A 79 -6.11 -29.80 -7.22
CA THR A 79 -6.04 -28.34 -7.19
C THR A 79 -6.81 -27.82 -5.99
N TYR A 80 -6.45 -26.61 -5.56
CA TYR A 80 -7.18 -25.89 -4.53
C TYR A 80 -8.25 -25.04 -5.21
N HIS A 81 -9.52 -25.39 -4.98
CA HIS A 81 -10.60 -24.78 -5.75
C HIS A 81 -10.75 -23.29 -5.47
N ASN A 82 -10.69 -22.90 -4.19
CA ASN A 82 -10.93 -21.51 -3.79
C ASN A 82 -9.64 -20.74 -3.52
N GLN A 83 -8.52 -21.17 -4.10
CA GLN A 83 -7.27 -20.44 -3.94
C GLN A 83 -7.30 -19.13 -4.71
N GLN A 84 -6.71 -18.09 -4.11
CA GLN A 84 -6.57 -16.79 -4.75
C GLN A 84 -5.10 -16.38 -4.75
N GLY A 85 -4.61 -15.94 -5.90
CA GLY A 85 -3.26 -15.44 -6.00
C GLY A 85 -2.21 -16.54 -6.06
N ARG A 86 -0.97 -16.14 -5.76
CA ARG A 86 0.17 -17.05 -5.81
C ARG A 86 0.37 -17.76 -4.49
N MET A 87 0.74 -19.03 -4.55
CA MET A 87 1.05 -19.83 -3.38
C MET A 87 2.56 -20.00 -3.27
N ASP A 88 3.11 -19.67 -2.12
CA ASP A 88 4.55 -19.76 -1.87
C ASP A 88 4.86 -21.08 -1.20
N PHE A 89 5.69 -21.90 -1.85
CA PHE A 89 6.06 -23.22 -1.34
C PHE A 89 7.40 -23.14 -0.60
N GLN A 90 7.45 -23.79 0.55
CA GLN A 90 8.69 -23.89 1.33
C GLN A 90 9.34 -25.26 1.22
N ASN A 91 8.57 -26.34 1.34
CA ASN A 91 9.11 -27.69 1.24
C ASN A 91 8.21 -28.55 0.37
N ARG A 92 8.83 -29.35 -0.51
CA ARG A 92 8.12 -30.32 -1.34
C ARG A 92 9.01 -31.57 -1.40
N LEU A 93 8.68 -32.56 -0.58
CA LEU A 93 9.54 -33.74 -0.39
C LEU A 93 8.81 -34.99 -0.82
N ILE A 94 9.59 -35.96 -1.31
CA ILE A 94 9.07 -37.23 -1.80
C ILE A 94 9.83 -38.37 -1.12
N SER A 95 9.10 -39.36 -0.62
CA SER A 95 9.68 -40.55 -0.01
C SER A 95 9.00 -41.78 -0.59
N LEU A 96 9.80 -42.77 -0.99
CA LEU A 96 9.29 -43.99 -1.62
C LEU A 96 9.79 -45.20 -0.85
N SER A 97 8.88 -46.15 -0.59
CA SER A 97 9.22 -47.39 0.08
C SER A 97 9.38 -48.52 -0.93
N GLU A 98 9.87 -49.66 -0.45
CA GLU A 98 10.16 -50.79 -1.33
C GLU A 98 8.88 -51.39 -1.92
N ASP A 99 7.76 -51.30 -1.21
CA ASP A 99 6.51 -51.87 -1.69
C ASP A 99 5.76 -50.95 -2.66
N GLY A 100 6.27 -49.75 -2.91
CA GLY A 100 5.65 -48.83 -3.84
C GLY A 100 4.82 -47.74 -3.22
N THR A 101 4.83 -47.60 -1.89
CA THR A 101 4.07 -46.55 -1.23
C THR A 101 4.81 -45.23 -1.32
N VAL A 102 4.11 -44.18 -1.74
CA VAL A 102 4.68 -42.85 -1.93
C VAL A 102 4.14 -41.94 -0.84
N MET A 103 5.03 -41.20 -0.19
CA MET A 103 4.68 -40.24 0.85
C MET A 103 5.10 -38.85 0.41
N TYR A 104 4.19 -37.89 0.51
CA TYR A 104 4.39 -36.53 0.01
C TYR A 104 4.09 -35.52 1.10
N LEU A 105 4.92 -34.48 1.17
CA LEU A 105 4.77 -33.39 2.13
C LEU A 105 4.85 -32.06 1.40
N GLU A 106 4.00 -31.11 1.80
CA GLU A 106 3.95 -29.81 1.16
C GLU A 106 3.65 -28.75 2.20
N ARG A 107 4.51 -27.73 2.27
CA ARG A 107 4.34 -26.58 3.15
C ARG A 107 4.14 -25.34 2.29
N PHE A 108 3.16 -24.51 2.66
CA PHE A 108 2.76 -23.40 1.80
C PHE A 108 2.17 -22.27 2.62
N THR A 109 2.09 -21.10 2.00
CA THR A 109 1.35 -19.95 2.49
C THR A 109 0.52 -19.41 1.34
N SER A 110 -0.77 -19.17 1.57
CA SER A 110 -1.66 -18.76 0.49
C SER A 110 -2.89 -18.07 1.07
N THR A 111 -3.66 -17.46 0.17
CA THR A 111 -4.90 -16.77 0.51
C THR A 111 -6.07 -17.51 -0.13
N PHE A 112 -7.21 -17.56 0.57
CA PHE A 112 -8.38 -18.30 0.12
C PHE A 112 -9.62 -17.43 0.19
N GLN A 113 -10.56 -17.70 -0.71
CA GLN A 113 -11.82 -16.96 -0.77
C GLN A 113 -12.75 -17.38 0.35
N ALA A 114 -13.54 -16.42 0.84
CA ALA A 114 -14.54 -16.65 1.88
C ALA A 114 -15.88 -16.08 1.41
N PRO A 115 -16.62 -16.81 0.58
CA PRO A 115 -17.88 -16.29 0.03
C PRO A 115 -19.09 -16.48 0.93
N ALA A 116 -18.92 -16.93 2.17
CA ALA A 116 -20.03 -17.19 3.07
C ALA A 116 -20.24 -16.08 4.10
N PHE A 117 -19.62 -14.92 3.92
CA PHE A 117 -19.73 -13.85 4.88
C PHE A 117 -21.16 -13.30 4.95
N ASP A 118 -21.59 -12.93 6.15
CA ASP A 118 -22.89 -12.32 6.38
C ASP A 118 -22.74 -11.31 7.51
N PHE A 119 -23.01 -10.04 7.22
CA PHE A 119 -22.78 -8.95 8.16
C PHE A 119 -24.08 -8.39 8.75
N ARG A 120 -25.18 -9.13 8.65
CA ARG A 120 -26.46 -8.61 9.13
C ARG A 120 -26.46 -8.41 10.64
N LEU A 121 -25.81 -9.31 11.38
CA LEU A 121 -25.75 -9.23 12.83
C LEU A 121 -24.45 -8.60 13.34
N PHE A 122 -23.70 -7.93 12.48
CA PHE A 122 -22.46 -7.31 12.89
C PHE A 122 -22.74 -6.27 13.99
N PRO A 123 -21.91 -6.21 15.06
CA PRO A 123 -20.73 -7.04 15.28
C PRO A 123 -20.97 -8.31 16.10
N PHE A 124 -22.23 -8.76 16.21
CA PHE A 124 -22.57 -9.97 16.93
C PHE A 124 -22.70 -11.17 16.01
N ASP A 125 -21.90 -11.22 14.95
CA ASP A 125 -22.02 -12.23 13.91
C ASP A 125 -21.07 -13.40 14.14
N ASN A 126 -21.40 -14.52 13.51
CA ASN A 126 -20.57 -15.72 13.50
C ASN A 126 -20.41 -16.18 12.06
N GLN A 127 -19.18 -16.53 11.67
CA GLN A 127 -18.86 -16.78 10.27
C GLN A 127 -18.31 -18.19 10.08
N LEU A 128 -18.29 -18.61 8.82
CA LEU A 128 -17.82 -19.93 8.41
C LEU A 128 -16.69 -19.78 7.39
N PHE A 129 -15.65 -20.61 7.54
CA PHE A 129 -14.53 -20.62 6.62
C PHE A 129 -14.23 -22.07 6.22
N PHE A 130 -13.77 -22.24 4.98
CA PHE A 130 -13.52 -23.58 4.47
C PHE A 130 -12.40 -23.55 3.43
N ILE A 131 -11.81 -24.73 3.21
CA ILE A 131 -10.82 -24.95 2.16
C ILE A 131 -11.21 -26.21 1.40
N HIS A 132 -11.23 -26.14 0.08
CA HIS A 132 -11.65 -27.24 -0.77
C HIS A 132 -10.48 -27.77 -1.57
N VAL A 133 -10.33 -29.10 -1.58
CA VAL A 133 -9.33 -29.79 -2.40
C VAL A 133 -10.07 -30.70 -3.37
N ASP A 134 -9.83 -30.52 -4.66
CA ASP A 134 -10.58 -31.22 -5.70
C ASP A 134 -9.64 -32.08 -6.55
N SER A 135 -10.12 -33.28 -6.88
CA SER A 135 -9.41 -34.17 -7.79
C SER A 135 -9.83 -33.88 -9.23
N ILE A 136 -8.85 -33.89 -10.13
CA ILE A 136 -9.14 -33.58 -11.52
C ILE A 136 -9.73 -34.79 -12.24
N PHE A 137 -9.13 -35.96 -12.06
CA PHE A 137 -9.60 -37.17 -12.72
C PHE A 137 -10.85 -37.71 -12.03
N PRO A 138 -11.72 -38.39 -12.78
CA PRO A 138 -12.98 -38.89 -12.19
C PRO A 138 -12.73 -40.03 -11.22
N GLN A 139 -13.81 -40.41 -10.53
CA GLN A 139 -13.73 -41.39 -9.44
C GLN A 139 -13.50 -42.81 -9.93
N HIS A 140 -13.62 -43.09 -11.22
CA HIS A 140 -13.32 -44.43 -11.71
C HIS A 140 -11.84 -44.67 -11.92
N LEU A 141 -11.00 -43.65 -11.67
CA LEU A 141 -9.55 -43.78 -11.70
C LEU A 141 -8.93 -43.62 -10.32
N PHE A 142 -9.35 -42.61 -9.56
CA PHE A 142 -8.81 -42.37 -8.22
C PHE A 142 -9.96 -42.06 -7.26
N ARG A 143 -9.76 -42.41 -6.00
CA ARG A 143 -10.72 -42.14 -4.93
C ARG A 143 -10.00 -41.57 -3.73
N PHE A 144 -10.54 -40.50 -3.16
CA PHE A 144 -9.96 -39.88 -1.98
C PHE A 144 -10.38 -40.60 -0.71
N GLN A 145 -9.45 -40.66 0.25
CA GLN A 145 -9.73 -41.22 1.56
C GLN A 145 -9.16 -40.29 2.62
N GLU A 146 -9.70 -40.39 3.84
CA GLU A 146 -9.34 -39.50 4.93
C GLU A 146 -8.19 -40.10 5.73
N MET A 147 -7.05 -39.41 5.75
CA MET A 147 -5.95 -39.79 6.61
C MET A 147 -6.31 -39.53 8.08
N GLN A 148 -5.91 -40.44 8.95
CA GLN A 148 -6.29 -40.39 10.36
C GLN A 148 -5.16 -39.79 11.20
N GLY A 149 -5.54 -38.94 12.15
CA GLY A 149 -4.61 -38.42 13.13
C GLY A 149 -3.76 -37.26 12.70
N PHE A 150 -4.09 -36.60 11.59
CA PHE A 150 -3.29 -35.47 11.11
C PHE A 150 -4.09 -34.19 10.94
N SER A 151 -5.32 -34.27 10.46
CA SER A 151 -6.08 -33.07 10.13
C SER A 151 -6.53 -32.34 11.39
N GLY A 152 -6.59 -31.02 11.30
CA GLY A 152 -7.04 -30.18 12.39
C GLY A 152 -6.40 -28.81 12.31
N LEU A 153 -6.48 -28.09 13.43
CA LEU A 153 -5.90 -26.77 13.56
C LEU A 153 -4.88 -26.78 14.69
N GLY A 154 -3.90 -25.88 14.58
CA GLY A 154 -2.85 -25.78 15.56
C GLY A 154 -3.27 -25.04 16.82
N ASP A 155 -2.32 -24.91 17.74
CA ASP A 155 -2.55 -24.25 19.02
C ASP A 155 -2.14 -22.78 19.02
N GLN A 156 -1.01 -22.44 18.41
CA GLN A 156 -0.52 -21.06 18.36
C GLN A 156 -0.93 -20.46 17.01
N LEU A 157 -2.21 -20.11 16.89
CA LEU A 157 -2.71 -19.53 15.66
C LEU A 157 -2.28 -18.07 15.49
N GLY A 158 -2.21 -17.33 16.58
CA GLY A 158 -1.79 -15.94 16.55
C GLY A 158 -2.89 -14.93 16.26
N GLU A 159 -4.13 -15.37 16.13
CA GLU A 159 -5.23 -14.45 15.89
C GLU A 159 -5.67 -13.81 17.20
N GLU A 160 -5.89 -12.49 17.18
CA GLU A 160 -6.24 -11.75 18.38
C GLU A 160 -7.72 -11.43 18.49
N GLU A 161 -8.42 -11.25 17.37
CA GLU A 161 -9.81 -10.83 17.39
C GLU A 161 -10.80 -11.98 17.29
N TRP A 162 -10.49 -13.04 16.55
CA TRP A 162 -11.42 -14.13 16.31
C TRP A 162 -11.10 -15.32 17.21
N ILE A 163 -12.16 -16.01 17.64
CA ILE A 163 -12.07 -17.19 18.48
C ILE A 163 -12.71 -18.36 17.75
N VAL A 164 -11.98 -19.45 17.59
CA VAL A 164 -12.48 -20.62 16.88
C VAL A 164 -13.38 -21.42 17.81
N THR A 165 -14.50 -21.92 17.26
CA THR A 165 -15.48 -22.67 18.03
C THR A 165 -15.50 -24.16 17.73
N GLU A 166 -15.39 -24.55 16.45
CA GLU A 166 -15.43 -25.97 16.11
C GLU A 166 -14.72 -26.18 14.79
N VAL A 167 -14.30 -27.43 14.56
CA VAL A 167 -13.59 -27.82 13.35
C VAL A 167 -14.13 -29.18 12.89
N ASN A 168 -14.34 -29.32 11.58
CA ASN A 168 -14.88 -30.55 11.03
C ASN A 168 -14.28 -30.82 9.66
N THR A 169 -14.27 -32.09 9.27
CA THR A 169 -13.83 -32.53 7.95
C THR A 169 -14.79 -33.59 7.42
N HIS A 170 -14.89 -33.68 6.10
CA HIS A 170 -15.74 -34.68 5.45
C HIS A 170 -15.33 -34.76 3.98
N LEU A 171 -16.06 -35.60 3.23
CA LEU A 171 -15.80 -35.82 1.81
C LEU A 171 -17.08 -35.62 1.02
N THR A 172 -16.92 -35.23 -0.24
CA THR A 172 -18.05 -35.01 -1.14
C THR A 172 -17.55 -35.18 -2.58
N THR A 173 -18.37 -34.77 -3.54
CA THR A 173 -18.07 -34.95 -4.95
C THR A 173 -18.29 -33.64 -5.71
N HIS A 174 -17.82 -33.61 -6.95
CA HIS A 174 -17.97 -32.46 -7.83
C HIS A 174 -17.89 -32.92 -9.27
N ASN A 175 -18.30 -32.03 -10.17
CA ASN A 175 -18.32 -32.31 -11.61
C ASN A 175 -17.77 -31.11 -12.39
N GLU A 176 -16.63 -30.58 -11.93
CA GLU A 176 -16.09 -29.35 -12.52
C GLU A 176 -15.60 -29.58 -13.95
N PHE A 177 -14.88 -30.67 -14.20
CA PHE A 177 -14.25 -30.89 -15.49
C PHE A 177 -14.69 -32.16 -16.21
N THR A 178 -15.45 -33.02 -15.57
CA THR A 178 -15.86 -34.28 -16.19
C THR A 178 -17.35 -34.50 -15.93
N LYS A 179 -17.97 -35.27 -16.84
CA LYS A 179 -19.37 -35.64 -16.65
C LYS A 179 -19.54 -36.51 -15.41
N GLY A 180 -18.61 -37.43 -15.17
CA GLY A 180 -18.64 -38.25 -13.98
C GLY A 180 -18.20 -37.50 -12.74
N ASP A 181 -18.49 -38.09 -11.59
CA ASP A 181 -18.18 -37.45 -10.31
C ASP A 181 -16.69 -37.59 -9.99
N ALA A 182 -16.18 -36.60 -9.25
CA ALA A 182 -14.80 -36.59 -8.80
C ALA A 182 -14.76 -36.24 -7.32
N SER A 183 -13.77 -36.75 -6.62
CA SER A 183 -13.69 -36.61 -5.17
C SER A 183 -13.35 -35.19 -4.77
N ARG A 184 -13.78 -34.82 -3.55
CA ARG A 184 -13.48 -33.52 -2.96
C ARG A 184 -13.26 -33.67 -1.47
N PHE A 185 -12.25 -32.97 -0.94
CA PHE A 185 -11.91 -32.97 0.47
C PHE A 185 -12.18 -31.58 1.04
N VAL A 186 -12.83 -31.53 2.20
CA VAL A 186 -13.29 -30.28 2.79
C VAL A 186 -12.80 -30.18 4.23
N LEU A 187 -12.28 -29.01 4.59
CA LEU A 187 -11.94 -28.66 5.97
C LEU A 187 -12.65 -27.36 6.32
N GLU A 188 -13.36 -27.36 7.46
CA GLU A 188 -14.19 -26.23 7.85
C GLU A 188 -13.98 -25.88 9.32
N PHE A 189 -14.22 -24.61 9.65
CA PHE A 189 -14.22 -24.16 11.03
C PHE A 189 -15.06 -22.90 11.14
N HIS A 190 -15.51 -22.61 12.37
CA HIS A 190 -16.32 -21.43 12.66
C HIS A 190 -15.59 -20.55 13.67
N ALA A 191 -15.91 -19.26 13.64
CA ALA A 191 -15.28 -18.30 14.54
C ALA A 191 -16.25 -17.19 14.88
N GLU A 192 -16.01 -16.55 16.02
CA GLU A 192 -16.77 -15.39 16.47
C GLU A 192 -15.80 -14.27 16.84
N ARG A 193 -16.34 -13.15 17.29
CA ARG A 193 -15.58 -11.91 17.42
C ARG A 193 -15.52 -11.44 18.86
N HIS A 194 -14.41 -10.80 19.21
CA HIS A 194 -14.27 -10.13 20.50
C HIS A 194 -14.96 -8.77 20.45
N LEU A 195 -15.56 -8.38 21.58
CA LEU A 195 -16.32 -7.14 21.67
C LEU A 195 -15.62 -6.04 22.45
N ASN A 196 -14.43 -6.30 22.99
CA ASN A 196 -13.75 -5.29 23.80
C ASN A 196 -13.39 -4.05 22.98
N TYR A 197 -12.88 -4.25 21.77
CA TYR A 197 -12.50 -3.12 20.93
C TYR A 197 -13.71 -2.24 20.62
N TYR A 198 -14.82 -2.86 20.21
CA TYR A 198 -16.00 -2.09 19.88
C TYR A 198 -16.56 -1.38 21.10
N LEU A 199 -16.59 -2.06 22.24
CA LEU A 199 -17.08 -1.44 23.47
C LEU A 199 -16.24 -0.22 23.85
N MET A 200 -14.92 -0.34 23.72
CA MET A 200 -14.04 0.75 24.13
C MET A 200 -14.02 1.90 23.13
N ARG A 201 -14.25 1.63 21.84
CA ARG A 201 -14.07 2.65 20.83
C ARG A 201 -15.36 3.30 20.32
N ILE A 202 -16.51 2.63 20.43
CA ILE A 202 -17.71 3.12 19.78
C ILE A 202 -18.81 3.43 20.80
N LEU A 203 -19.18 2.43 21.60
CA LEU A 203 -20.35 2.56 22.46
C LEU A 203 -20.15 3.64 23.52
N ILE A 204 -19.00 3.64 24.19
CA ILE A 204 -18.77 4.59 25.28
C ILE A 204 -18.79 6.04 24.82
N PRO A 205 -18.05 6.45 23.78
CA PRO A 205 -18.07 7.87 23.40
C PRO A 205 -19.45 8.39 23.03
N VAL A 206 -20.26 7.60 22.33
CA VAL A 206 -21.59 8.05 21.92
C VAL A 206 -22.47 8.27 23.14
N LEU A 207 -22.45 7.32 24.07
CA LEU A 207 -23.24 7.45 25.29
C LEU A 207 -22.78 8.63 26.11
N LEU A 208 -21.46 8.86 26.20
CA LEU A 208 -20.95 10.01 26.93
C LEU A 208 -21.40 11.32 26.30
N ILE A 209 -21.36 11.40 24.97
CA ILE A 209 -21.80 12.62 24.29
C ILE A 209 -23.29 12.86 24.55
N ILE A 210 -24.10 11.81 24.46
CA ILE A 210 -25.54 11.95 24.72
C ILE A 210 -25.77 12.37 26.16
N THR A 211 -25.02 11.78 27.10
CA THR A 211 -25.18 12.13 28.51
C THR A 211 -24.82 13.58 28.77
N VAL A 212 -23.74 14.06 28.16
CA VAL A 212 -23.36 15.46 28.37
C VAL A 212 -24.38 16.39 27.72
N SER A 213 -24.90 16.02 26.55
CA SER A 213 -25.91 16.84 25.91
C SER A 213 -27.18 16.93 26.76
N TRP A 214 -27.58 15.82 27.39
CA TRP A 214 -28.72 15.85 28.29
C TRP A 214 -28.41 16.56 29.60
N PHE A 215 -27.15 16.51 30.06
CA PHE A 215 -26.74 17.27 31.23
C PHE A 215 -26.90 18.76 30.99
N THR A 216 -26.54 19.22 29.78
CA THR A 216 -26.63 20.64 29.46
C THR A 216 -28.07 21.16 29.40
N PHE A 217 -29.06 20.27 29.38
CA PHE A 217 -30.46 20.71 29.28
C PHE A 217 -30.96 21.43 30.52
N PHE A 218 -30.30 21.28 31.66
CA PHE A 218 -30.79 21.90 32.89
C PHE A 218 -30.50 23.39 32.97
N LEU A 219 -29.72 23.94 32.03
CA LEU A 219 -29.47 25.37 32.01
C LEU A 219 -30.65 26.18 31.50
N GLN A 220 -31.63 25.51 30.87
CA GLN A 220 -32.81 26.18 30.31
C GLN A 220 -32.41 27.23 29.27
N ASP A 221 -31.61 26.82 28.30
CA ASP A 221 -31.13 27.69 27.22
C ASP A 221 -31.42 27.00 25.89
N TYR A 222 -32.53 27.40 25.24
CA TYR A 222 -32.96 26.74 24.02
C TYR A 222 -31.96 26.92 22.89
N THR A 223 -31.41 28.14 22.76
CA THR A 223 -30.44 28.41 21.70
C THR A 223 -29.18 27.56 21.88
N LYS A 224 -28.69 27.46 23.13
CA LYS A 224 -27.52 26.64 23.40
C LYS A 224 -27.81 25.17 23.11
N ARG A 225 -29.02 24.71 23.45
CA ARG A 225 -29.40 23.34 23.11
C ARG A 225 -29.37 23.12 21.60
N ILE A 226 -29.89 24.09 20.85
CA ILE A 226 -29.91 23.98 19.38
C ILE A 226 -28.48 23.89 18.85
N ASP A 227 -27.60 24.76 19.34
CA ASP A 227 -26.22 24.77 18.85
C ASP A 227 -25.51 23.46 19.19
N LEU A 228 -25.70 22.95 20.41
CA LEU A 228 -25.07 21.70 20.80
C LEU A 228 -25.58 20.54 19.96
N ALA A 229 -26.89 20.49 19.70
CA ALA A 229 -27.44 19.43 18.86
C ALA A 229 -26.90 19.53 17.44
N GLY A 230 -26.75 20.75 16.92
CA GLY A 230 -26.18 20.92 15.60
C GLY A 230 -24.74 20.42 15.51
N GLY A 231 -23.95 20.66 16.55
CA GLY A 231 -22.60 20.11 16.57
C GLY A 231 -22.59 18.59 16.66
N ASN A 232 -23.48 18.05 17.51
CA ASN A 232 -23.53 16.60 17.69
C ASN A 232 -23.98 15.89 16.41
N LEU A 233 -24.80 16.54 15.60
CA LEU A 233 -25.20 15.94 14.32
C LEU A 233 -23.98 15.74 13.42
N LEU A 234 -23.11 16.75 13.34
CA LEU A 234 -21.89 16.62 12.55
C LEU A 234 -20.96 15.57 13.14
N LEU A 235 -20.88 15.52 14.47
CA LEU A 235 -20.07 14.48 15.12
C LEU A 235 -20.56 13.09 14.76
N PHE A 236 -21.88 12.89 14.78
CA PHE A 236 -22.45 11.59 14.45
C PHE A 236 -22.22 11.25 12.97
N ILE A 237 -22.31 12.26 12.10
CA ILE A 237 -22.03 12.02 10.68
C ILE A 237 -20.58 11.58 10.49
N ALA A 238 -19.65 12.22 11.18
CA ALA A 238 -18.25 11.81 11.11
C ALA A 238 -18.06 10.39 11.63
N PHE A 239 -18.74 10.05 12.73
CA PHE A 239 -18.67 8.68 13.25
C PHE A 239 -19.18 7.67 12.24
N ASN A 240 -20.31 7.98 11.59
CA ASN A 240 -20.85 7.06 10.59
C ASN A 240 -19.89 6.87 9.42
N PHE A 241 -19.30 7.97 8.95
CA PHE A 241 -18.34 7.86 7.85
C PHE A 241 -17.12 7.05 8.25
N THR A 242 -16.64 7.23 9.48
CA THR A 242 -15.51 6.44 9.95
C THR A 242 -15.86 4.96 10.04
N ILE A 243 -17.07 4.64 10.52
CA ILE A 243 -17.48 3.25 10.68
C ILE A 243 -17.64 2.57 9.33
N SER A 244 -18.16 3.29 8.32
CA SER A 244 -18.50 2.68 7.05
C SER A 244 -17.28 2.12 6.32
N SER A 245 -16.06 2.54 6.69
CA SER A 245 -14.87 2.15 5.95
C SER A 245 -14.40 0.73 6.25
N ASP A 246 -14.92 0.08 7.29
CA ASP A 246 -14.45 -1.23 7.70
C ASP A 246 -15.19 -2.38 7.02
N LEU A 247 -16.21 -2.09 6.22
CA LEU A 247 -17.04 -3.12 5.59
C LEU A 247 -17.15 -2.86 4.11
N PRO A 248 -17.45 -3.90 3.32
CA PRO A 248 -17.70 -3.69 1.89
C PRO A 248 -19.00 -2.90 1.69
N ARG A 249 -19.18 -2.45 0.44
CA ARG A 249 -20.37 -1.67 0.08
C ARG A 249 -21.52 -2.65 -0.13
N LEU A 250 -22.10 -3.09 0.99
CA LEU A 250 -23.14 -4.10 0.98
C LEU A 250 -24.46 -3.53 0.46
N GLY A 251 -25.31 -4.43 -0.02
CA GLY A 251 -26.63 -4.10 -0.49
C GLY A 251 -27.74 -4.17 0.54
N TYR A 252 -27.41 -4.37 1.82
CA TYR A 252 -28.41 -4.46 2.86
C TYR A 252 -27.95 -3.66 4.08
N ILE A 253 -28.91 -3.32 4.93
CA ILE A 253 -28.70 -2.45 6.08
C ILE A 253 -28.32 -3.30 7.29
N THR A 254 -27.39 -2.79 8.09
CA THR A 254 -26.90 -3.50 9.27
C THR A 254 -27.32 -2.78 10.56
N LEU A 255 -27.08 -3.48 11.66
CA LEU A 255 -27.48 -2.99 12.98
C LEU A 255 -26.76 -1.69 13.34
N MET A 256 -25.47 -1.60 13.02
CA MET A 256 -24.73 -0.37 13.31
C MET A 256 -25.29 0.81 12.52
N ASP A 257 -25.62 0.59 11.24
CA ASP A 257 -26.19 1.66 10.44
C ASP A 257 -27.54 2.10 11.00
N ALA A 258 -28.37 1.15 11.39
CA ALA A 258 -29.65 1.50 12.01
C ALA A 258 -29.44 2.27 13.31
N PHE A 259 -28.43 1.86 14.09
CA PHE A 259 -28.12 2.55 15.35
C PHE A 259 -27.72 3.99 15.10
N LEU A 260 -26.94 4.25 14.05
CA LEU A 260 -26.53 5.62 13.73
C LEU A 260 -27.70 6.43 13.19
N VAL A 261 -28.55 5.81 12.37
CA VAL A 261 -29.70 6.54 11.82
C VAL A 261 -30.67 6.92 12.93
N GLY A 262 -30.84 6.05 13.93
CA GLY A 262 -31.68 6.41 15.06
C GLY A 262 -31.17 7.65 15.78
N THR A 263 -29.85 7.74 15.97
CA THR A 263 -29.28 8.93 16.58
C THR A 263 -29.50 10.16 15.73
N PHE A 264 -29.37 10.02 14.40
CA PHE A 264 -29.66 11.14 13.50
C PHE A 264 -31.08 11.64 13.70
N ILE A 265 -32.04 10.71 13.71
CA ILE A 265 -33.45 11.08 13.83
C ILE A 265 -33.73 11.74 15.17
N ILE A 266 -33.16 11.19 16.24
CA ILE A 266 -33.40 11.76 17.56
C ILE A 266 -32.82 13.17 17.67
N THR A 267 -31.63 13.38 17.11
CA THR A 267 -31.05 14.72 17.12
C THR A 267 -31.92 15.70 16.35
N ALA A 268 -32.45 15.27 15.19
CA ALA A 268 -33.33 16.15 14.42
C ALA A 268 -34.59 16.50 15.21
N LEU A 269 -35.18 15.51 15.89
CA LEU A 269 -36.38 15.77 16.68
C LEU A 269 -36.08 16.74 17.82
N VAL A 270 -34.93 16.58 18.48
CA VAL A 270 -34.55 17.49 19.56
C VAL A 270 -34.41 18.91 19.03
N VAL A 271 -33.78 19.06 17.86
CA VAL A 271 -33.64 20.39 17.27
C VAL A 271 -35.00 21.01 17.01
N LEU A 272 -35.92 20.22 16.43
CA LEU A 272 -37.26 20.74 16.14
C LEU A 272 -37.98 21.18 17.42
N GLY A 273 -37.91 20.35 18.46
CA GLY A 273 -38.57 20.71 19.71
C GLY A 273 -38.00 21.97 20.34
N ASN A 274 -36.67 22.11 20.33
CA ASN A 274 -36.05 23.30 20.89
C ASN A 274 -36.43 24.55 20.08
N VAL A 275 -36.50 24.43 18.76
CA VAL A 275 -36.92 25.55 17.93
C VAL A 275 -38.34 25.96 18.27
N TRP A 276 -39.24 24.98 18.43
CA TRP A 276 -40.62 25.31 18.78
C TRP A 276 -40.70 25.99 20.14
N LEU A 277 -39.92 25.52 21.11
CA LEU A 277 -39.92 26.15 22.43
C LEU A 277 -39.41 27.59 22.36
N ARG A 278 -38.35 27.82 21.58
CA ARG A 278 -37.84 29.18 21.43
C ARG A 278 -38.87 30.09 20.77
N ARG A 279 -39.57 29.58 19.74
CA ARG A 279 -40.59 30.38 19.08
C ARG A 279 -41.72 30.71 20.04
N LEU A 280 -42.11 29.75 20.89
CA LEU A 280 -43.12 30.03 21.90
C LEU A 280 -42.65 31.11 22.87
N GLU A 281 -41.40 31.03 23.30
CA GLU A 281 -40.87 32.02 24.23
C GLU A 281 -40.83 33.41 23.61
N ASN A 282 -40.51 33.50 22.33
CA ASN A 282 -40.37 34.80 21.67
C ASN A 282 -41.69 35.58 21.59
N HIS A 283 -42.83 34.91 21.75
CA HIS A 283 -44.12 35.55 21.60
C HIS A 283 -44.82 35.79 22.94
N GLY A 284 -44.05 35.85 24.03
CA GLY A 284 -44.63 36.11 25.33
C GLY A 284 -45.28 34.93 26.00
N LYS A 285 -45.01 33.71 25.52
CA LYS A 285 -45.57 32.49 26.09
C LYS A 285 -44.54 31.75 26.94
N GLN A 286 -43.73 32.51 27.69
CA GLN A 286 -42.69 31.90 28.52
C GLN A 286 -43.28 30.95 29.57
N ALA A 287 -44.48 31.25 30.07
CA ALA A 287 -45.12 30.34 31.01
C ALA A 287 -45.44 29.00 30.35
N LEU A 288 -45.96 29.04 29.12
CA LEU A 288 -46.25 27.81 28.39
C LEU A 288 -44.96 27.04 28.09
N ALA A 289 -43.90 27.76 27.72
CA ALA A 289 -42.62 27.10 27.46
C ALA A 289 -42.08 26.43 28.71
N ARG A 290 -42.18 27.10 29.86
CA ARG A 290 -41.72 26.52 31.11
C ARG A 290 -42.57 25.32 31.50
N LYS A 291 -43.88 25.37 31.22
CA LYS A 291 -44.75 24.23 31.51
C LYS A 291 -44.36 23.02 30.65
N LEU A 292 -44.05 23.25 29.37
CA LEU A 292 -43.70 22.14 28.48
C LEU A 292 -42.25 21.70 28.62
N ASP A 293 -41.41 22.48 29.29
CA ASP A 293 -40.00 22.13 29.43
C ASP A 293 -39.80 20.83 30.20
N ILE A 294 -40.64 20.56 31.20
CA ILE A 294 -40.49 19.32 31.97
C ILE A 294 -40.75 18.11 31.08
N TYR A 295 -41.79 18.17 30.26
CA TYR A 295 -42.06 17.08 29.32
C TYR A 295 -40.93 16.95 28.30
N ALA A 296 -40.42 18.08 27.82
CA ALA A 296 -39.32 18.04 26.84
C ALA A 296 -38.09 17.38 27.44
N ILE A 297 -37.78 17.67 28.70
CA ILE A 297 -36.63 17.07 29.36
C ILE A 297 -36.87 15.58 29.60
N THR A 298 -38.07 15.21 30.07
CA THR A 298 -38.33 13.82 30.41
C THR A 298 -38.49 12.92 29.20
N SER A 299 -38.74 13.49 28.02
CA SER A 299 -38.90 12.67 26.82
C SER A 299 -37.57 12.26 26.19
N TYR A 300 -36.44 12.70 26.74
CA TYR A 300 -35.16 12.44 26.07
C TYR A 300 -34.70 10.98 26.20
N PRO A 301 -34.55 10.40 27.40
CA PRO A 301 -34.00 9.04 27.46
C PRO A 301 -34.97 7.95 27.02
N LEU A 302 -36.28 8.20 27.16
CA LEU A 302 -37.26 7.20 26.75
C LEU A 302 -37.20 6.93 25.26
N ALA A 303 -36.89 7.96 24.46
CA ALA A 303 -36.76 7.76 23.02
C ALA A 303 -35.62 6.79 22.69
N TYR A 304 -34.46 6.96 23.35
CA TYR A 304 -33.35 6.06 23.12
C TYR A 304 -33.65 4.65 23.62
N LEU A 305 -34.33 4.55 24.76
CA LEU A 305 -34.71 3.22 25.27
C LEU A 305 -35.64 2.51 24.29
N LEU A 306 -36.63 3.23 23.77
CA LEU A 306 -37.57 2.64 22.81
C LEU A 306 -36.85 2.28 21.52
N GLY A 307 -35.89 3.10 21.09
CA GLY A 307 -35.13 2.77 19.90
C GLY A 307 -34.30 1.52 20.05
N ALA A 308 -33.65 1.37 21.21
CA ALA A 308 -32.90 0.15 21.48
C ALA A 308 -33.80 -1.07 21.51
N LEU A 309 -34.97 -0.95 22.15
CA LEU A 309 -35.92 -2.06 22.18
C LEU A 309 -36.40 -2.41 20.77
N THR A 310 -36.68 -1.40 19.95
CA THR A 310 -37.13 -1.64 18.58
C THR A 310 -36.04 -2.32 17.76
N LEU A 311 -34.79 -1.88 17.91
CA LEU A 311 -33.69 -2.53 17.20
C LEU A 311 -33.55 -3.99 17.62
N TRP A 312 -33.65 -4.27 18.92
CA TRP A 312 -33.57 -5.65 19.38
C TRP A 312 -34.70 -6.48 18.81
N LEU A 313 -35.93 -5.93 18.80
CA LEU A 313 -37.07 -6.67 18.25
C LEU A 313 -36.89 -6.94 16.76
N LEU A 314 -36.37 -5.95 16.03
CA LEU A 314 -36.25 -6.09 14.58
C LEU A 314 -35.15 -7.07 14.19
N PHE A 315 -34.01 -7.04 14.88
CA PHE A 315 -32.87 -7.83 14.45
C PHE A 315 -32.73 -9.17 15.17
N PHE A 316 -33.20 -9.29 16.40
CA PHE A 316 -33.10 -10.56 17.12
C PHE A 316 -34.48 -11.13 17.43
N GLU B 7 23.77 -45.98 13.46
CA GLU B 7 23.81 -44.86 14.38
C GLU B 7 23.55 -43.55 13.66
N PRO B 8 22.82 -42.64 14.31
CA PRO B 8 22.53 -41.34 13.67
C PRO B 8 23.78 -40.50 13.49
N SER B 9 23.74 -39.65 12.47
CA SER B 9 24.84 -38.75 12.17
C SER B 9 24.58 -37.36 12.75
N ASP B 10 25.66 -36.67 13.09
CA ASP B 10 25.57 -35.37 13.73
C ASP B 10 25.53 -34.25 12.70
N VAL B 11 24.67 -33.27 12.93
CA VAL B 11 24.54 -32.10 12.07
C VAL B 11 24.75 -30.86 12.93
N PHE B 12 25.72 -30.03 12.55
CA PHE B 12 26.05 -28.81 13.27
C PHE B 12 25.34 -27.63 12.63
N ILE B 13 24.68 -26.81 13.44
CA ILE B 13 23.82 -25.73 12.97
C ILE B 13 24.28 -24.42 13.58
N GLY B 14 24.35 -23.37 12.76
CA GLY B 14 24.63 -22.03 13.22
C GLY B 14 23.82 -20.98 12.49
N LEU B 15 23.33 -19.96 13.22
CA LEU B 15 22.48 -18.94 12.64
C LEU B 15 22.83 -17.58 13.23
N LYS B 16 22.98 -16.58 12.37
CA LYS B 16 23.31 -15.22 12.78
C LYS B 16 22.37 -14.24 12.10
N ILE B 17 21.99 -13.19 12.82
CA ILE B 17 21.11 -12.15 12.32
C ILE B 17 21.92 -10.89 12.09
N ASP B 18 21.86 -10.35 10.87
CA ASP B 18 22.62 -9.17 10.49
C ASP B 18 21.83 -7.88 10.56
N GLN B 19 20.57 -7.89 10.10
CA GLN B 19 19.75 -6.69 10.06
C GLN B 19 18.36 -6.98 10.61
N ILE B 20 17.75 -5.95 11.19
CA ILE B 20 16.34 -5.98 11.57
C ILE B 20 15.66 -4.91 10.73
N THR B 21 14.94 -5.34 9.69
CA THR B 21 14.37 -4.39 8.73
C THR B 21 13.04 -3.81 9.17
N GLY B 22 12.42 -4.34 10.22
CA GLY B 22 11.17 -3.78 10.70
C GLY B 22 10.41 -4.68 11.65
N ILE B 23 9.66 -4.06 12.57
CA ILE B 23 8.80 -4.77 13.50
C ILE B 23 7.39 -4.21 13.35
N ASN B 24 6.44 -5.09 13.03
CA ASN B 24 5.06 -4.70 12.79
C ASN B 24 4.21 -5.26 13.93
N GLN B 25 3.95 -4.41 14.94
CA GLN B 25 3.15 -4.84 16.08
C GLN B 25 1.68 -4.98 15.73
N LYS B 26 1.19 -4.26 14.71
CA LYS B 26 -0.19 -4.40 14.30
C LYS B 26 -0.48 -5.80 13.76
N GLU B 27 0.45 -6.34 12.96
CA GLU B 27 0.32 -7.68 12.42
C GLU B 27 1.09 -8.73 13.24
N GLU B 28 1.86 -8.31 14.24
CA GLU B 28 2.61 -9.19 15.12
C GLU B 28 3.57 -10.09 14.33
N ASN B 29 4.52 -9.44 13.66
CA ASN B 29 5.57 -10.15 12.93
C ASN B 29 6.77 -9.23 12.81
N PHE B 30 7.90 -9.81 12.40
CA PHE B 30 9.13 -9.05 12.20
C PHE B 30 9.92 -9.66 11.05
N SER B 31 10.79 -8.85 10.46
CA SER B 31 11.59 -9.25 9.30
C SER B 31 13.06 -8.98 9.58
N VAL B 32 13.92 -9.91 9.15
CA VAL B 32 15.34 -9.85 9.40
C VAL B 32 16.10 -10.29 8.15
N VAL B 33 17.41 -10.02 8.17
CA VAL B 33 18.35 -10.53 7.18
C VAL B 33 19.42 -11.31 7.94
N GLY B 34 19.61 -12.58 7.58
CA GLY B 34 20.48 -13.45 8.34
C GLY B 34 21.27 -14.40 7.45
N SER B 35 22.13 -15.19 8.09
CA SER B 35 22.97 -16.17 7.42
C SER B 35 22.93 -17.49 8.17
N LEU B 36 22.94 -18.58 7.42
CA LEU B 36 22.89 -19.92 7.97
C LEU B 36 24.13 -20.71 7.55
N ARG B 37 24.72 -21.44 8.51
CA ARG B 37 25.89 -22.26 8.28
C ARG B 37 25.65 -23.66 8.84
N ILE B 38 25.91 -24.68 8.03
CA ILE B 38 25.72 -26.07 8.43
C ILE B 38 26.95 -26.88 8.03
N ASP B 39 27.39 -27.77 8.92
CA ASP B 39 28.48 -28.69 8.65
C ASP B 39 28.00 -30.12 8.85
N TRP B 40 28.24 -30.96 7.86
CA TRP B 40 27.79 -32.35 7.90
C TRP B 40 28.80 -33.23 7.17
N ARG B 41 29.15 -34.37 7.78
CA ARG B 41 30.16 -35.26 7.24
C ARG B 41 29.52 -36.57 6.80
N GLN B 42 29.78 -36.96 5.56
CA GLN B 42 29.30 -38.24 5.01
C GLN B 42 30.49 -38.98 4.41
N PRO B 43 30.89 -40.12 4.99
CA PRO B 43 32.06 -40.84 4.46
C PRO B 43 31.90 -41.32 3.03
N LEU B 44 30.67 -41.50 2.54
CA LEU B 44 30.46 -41.99 1.18
C LEU B 44 30.80 -40.96 0.12
N LEU B 45 31.04 -39.70 0.50
CA LEU B 45 31.38 -38.65 -0.44
C LEU B 45 32.88 -38.38 -0.53
N ALA B 46 33.69 -39.24 0.09
CA ALA B 46 35.14 -39.05 0.06
C ALA B 46 35.68 -39.25 -1.36
N PHE B 47 36.75 -38.52 -1.67
CA PHE B 47 37.37 -38.58 -2.99
C PHE B 47 38.85 -38.31 -2.86
N GLU B 48 39.57 -38.53 -3.96
CA GLU B 48 41.00 -38.23 -4.05
C GLU B 48 41.22 -37.25 -5.19
N HIS B 49 41.90 -36.15 -4.89
CA HIS B 49 42.10 -35.09 -5.88
C HIS B 49 43.15 -35.50 -6.90
N ALA B 50 42.91 -35.16 -8.16
CA ALA B 50 43.88 -35.38 -9.22
C ALA B 50 44.93 -34.28 -9.21
N PRO B 51 46.13 -34.56 -9.73
CA PRO B 51 47.16 -33.51 -9.77
C PRO B 51 46.70 -32.31 -10.59
N GLY B 52 47.04 -31.12 -10.09
CA GLY B 52 46.62 -29.88 -10.71
C GLY B 52 45.25 -29.39 -10.29
N GLU B 53 44.52 -30.15 -9.46
CA GLU B 53 43.19 -29.80 -9.02
C GLU B 53 43.21 -29.35 -7.57
N PRO B 54 42.28 -28.46 -7.17
CA PRO B 54 42.25 -28.01 -5.77
C PRO B 54 41.83 -29.12 -4.83
N LYS B 55 42.22 -28.96 -3.56
CA LYS B 55 41.90 -29.94 -2.53
C LYS B 55 40.43 -29.91 -2.12
N HIS B 56 39.71 -28.84 -2.45
CA HIS B 56 38.30 -28.73 -2.17
C HIS B 56 37.53 -28.48 -3.46
N ARG B 57 36.31 -29.00 -3.52
CA ARG B 57 35.47 -28.89 -4.70
C ARG B 57 34.28 -27.97 -4.42
N THR B 58 33.90 -27.19 -5.42
CA THR B 58 32.80 -26.23 -5.32
C THR B 58 31.65 -26.68 -6.21
N TYR B 59 30.44 -26.66 -5.66
CA TYR B 59 29.25 -27.13 -6.36
C TYR B 59 28.12 -26.12 -6.25
N THR B 60 27.23 -26.13 -7.23
CA THR B 60 25.94 -25.50 -7.09
C THR B 60 24.97 -26.46 -6.41
N LEU B 61 23.86 -25.90 -5.91
CA LEU B 61 22.91 -26.71 -5.15
C LEU B 61 22.29 -27.82 -6.01
N ALA B 62 21.91 -27.48 -7.25
CA ALA B 62 21.25 -28.46 -8.11
C ALA B 62 22.18 -29.62 -8.44
N THR B 63 23.44 -29.32 -8.78
CA THR B 63 24.38 -30.39 -9.10
C THR B 63 24.66 -31.26 -7.89
N PHE B 64 24.77 -30.66 -6.71
CA PHE B 64 25.00 -31.44 -5.49
C PHE B 64 23.81 -32.36 -5.21
N LEU B 65 22.59 -31.85 -5.38
CA LEU B 65 21.41 -32.69 -5.19
C LEU B 65 21.35 -33.82 -6.19
N LYS B 66 21.70 -33.53 -7.45
CA LYS B 66 21.73 -34.59 -8.47
C LYS B 66 22.78 -35.65 -8.13
N LEU B 67 23.95 -35.23 -7.64
CA LEU B 67 24.97 -36.19 -7.23
C LEU B 67 24.49 -37.05 -6.07
N LEU B 68 23.82 -36.44 -5.09
CA LEU B 68 23.30 -37.21 -3.97
C LEU B 68 22.25 -38.21 -4.43
N GLU B 69 21.38 -37.80 -5.34
CA GLU B 69 20.37 -38.72 -5.87
C GLU B 69 21.01 -39.86 -6.66
N GLU B 70 22.05 -39.56 -7.44
CA GLU B 70 22.74 -40.60 -8.17
C GLU B 70 23.40 -41.60 -7.23
N LYS B 71 24.00 -41.11 -6.14
CA LYS B 71 24.60 -42.00 -5.16
C LYS B 71 23.58 -42.55 -4.16
N GLN B 72 22.33 -42.08 -4.22
CA GLN B 72 21.25 -42.55 -3.33
C GLN B 72 21.62 -42.36 -1.86
N ILE B 73 21.81 -41.10 -1.49
CA ILE B 73 22.16 -40.72 -0.13
C ILE B 73 21.09 -39.77 0.40
N ARG B 74 20.56 -40.08 1.57
CA ARG B 74 19.55 -39.25 2.20
C ARG B 74 20.17 -37.98 2.77
N TRP B 75 19.52 -36.84 2.52
CA TRP B 75 20.01 -35.57 3.04
C TRP B 75 19.11 -35.07 4.17
N PRO B 76 19.67 -34.34 5.14
CA PRO B 76 18.88 -33.84 6.28
C PRO B 76 18.02 -32.60 5.97
N ALA B 77 16.83 -32.86 5.44
CA ALA B 77 15.91 -31.78 5.13
C ALA B 77 15.42 -31.09 6.39
N PHE B 78 15.27 -29.77 6.31
CA PHE B 78 14.83 -28.97 7.45
C PHE B 78 13.88 -27.88 6.96
N THR B 79 13.26 -27.18 7.90
CA THR B 79 12.33 -26.11 7.57
C THR B 79 12.32 -25.08 8.69
N TYR B 80 11.90 -23.87 8.32
CA TYR B 80 11.67 -22.79 9.29
C TYR B 80 10.22 -22.85 9.73
N HIS B 81 10.00 -23.20 11.01
CA HIS B 81 8.65 -23.50 11.48
C HIS B 81 7.75 -22.28 11.45
N ASN B 82 8.24 -21.12 11.90
CA ASN B 82 7.42 -19.92 12.01
C ASN B 82 7.65 -18.94 10.87
N GLN B 83 8.10 -19.42 9.72
CA GLN B 83 8.29 -18.55 8.56
C GLN B 83 6.94 -18.15 7.98
N GLN B 84 6.85 -16.90 7.53
CA GLN B 84 5.66 -16.38 6.86
C GLN B 84 6.05 -15.80 5.51
N GLY B 85 5.32 -16.17 4.47
CA GLY B 85 5.54 -15.62 3.14
C GLY B 85 6.73 -16.24 2.43
N ARG B 86 7.21 -15.52 1.42
CA ARG B 86 8.30 -15.97 0.57
C ARG B 86 9.64 -15.53 1.15
N MET B 87 10.63 -16.41 1.05
CA MET B 87 11.99 -16.12 1.47
C MET B 87 12.86 -15.88 0.24
N ASP B 88 13.55 -14.75 0.22
CA ASP B 88 14.41 -14.37 -0.90
C ASP B 88 15.84 -14.79 -0.60
N PHE B 89 16.40 -15.64 -1.45
CA PHE B 89 17.75 -16.16 -1.28
C PHE B 89 18.73 -15.35 -2.12
N GLN B 90 19.87 -15.01 -1.52
CA GLN B 90 20.95 -14.32 -2.22
C GLN B 90 22.11 -15.23 -2.56
N ASN B 91 22.56 -16.07 -1.63
CA ASN B 91 23.66 -16.99 -1.87
C ASN B 91 23.33 -18.36 -1.31
N ARG B 92 23.65 -19.40 -2.09
CA ARG B 92 23.51 -20.79 -1.66
C ARG B 92 24.72 -21.55 -2.22
N LEU B 93 25.72 -21.75 -1.37
CA LEU B 93 27.01 -22.29 -1.80
C LEU B 93 27.29 -23.62 -1.11
N ILE B 94 28.01 -24.49 -1.81
CA ILE B 94 28.36 -25.82 -1.34
C ILE B 94 29.86 -26.02 -1.46
N SER B 95 30.49 -26.52 -0.41
CA SER B 95 31.91 -26.83 -0.40
C SER B 95 32.10 -28.24 0.18
N LEU B 96 32.91 -29.05 -0.50
CA LEU B 96 33.14 -30.44 -0.11
C LEU B 96 34.63 -30.69 0.05
N SER B 97 35.01 -31.35 1.14
CA SER B 97 36.39 -31.71 1.40
C SER B 97 36.64 -33.17 1.02
N GLU B 98 37.93 -33.55 1.05
CA GLU B 98 38.30 -34.89 0.62
C GLU B 98 37.79 -35.97 1.58
N ASP B 99 37.63 -35.64 2.85
CA ASP B 99 37.16 -36.61 3.83
C ASP B 99 35.65 -36.76 3.86
N GLY B 100 34.92 -35.98 3.06
CA GLY B 100 33.47 -36.08 3.00
C GLY B 100 32.71 -35.05 3.80
N THR B 101 33.38 -34.05 4.35
CA THR B 101 32.71 -33.01 5.11
C THR B 101 32.11 -31.99 4.17
N VAL B 102 30.83 -31.66 4.37
CA VAL B 102 30.08 -30.74 3.53
C VAL B 102 29.85 -29.45 4.31
N MET B 103 30.13 -28.32 3.69
CA MET B 103 29.91 -27.01 4.29
C MET B 103 28.91 -26.23 3.44
N TYR B 104 27.91 -25.66 4.09
CA TYR B 104 26.79 -25.00 3.41
C TYR B 104 26.59 -23.60 3.96
N LEU B 105 26.31 -22.66 3.07
CA LEU B 105 26.05 -21.27 3.43
C LEU B 105 24.77 -20.80 2.77
N GLU B 106 23.98 -20.03 3.50
CA GLU B 106 22.69 -19.55 3.00
C GLU B 106 22.44 -18.15 3.51
N ARG B 107 22.18 -17.21 2.60
CA ARG B 107 21.82 -15.83 2.92
C ARG B 107 20.40 -15.57 2.45
N PHE B 108 19.61 -14.93 3.31
CA PHE B 108 18.18 -14.80 3.05
C PHE B 108 17.63 -13.56 3.72
N THR B 109 16.43 -13.17 3.26
CA THR B 109 15.59 -12.17 3.91
C THR B 109 14.17 -12.73 4.00
N SER B 110 13.57 -12.64 5.18
CA SER B 110 12.27 -13.27 5.38
C SER B 110 11.57 -12.62 6.57
N THR B 111 10.28 -12.95 6.71
CA THR B 111 9.44 -12.47 7.81
C THR B 111 9.04 -13.66 8.68
N PHE B 112 8.96 -13.43 9.98
CA PHE B 112 8.66 -14.50 10.95
C PHE B 112 7.55 -14.07 11.89
N GLN B 113 6.79 -15.06 12.34
CA GLN B 113 5.67 -14.81 13.26
C GLN B 113 6.18 -14.53 14.67
N ALA B 114 5.45 -13.68 15.39
CA ALA B 114 5.76 -13.33 16.77
C ALA B 114 4.49 -13.50 17.61
N PRO B 115 4.16 -14.73 18.01
CA PRO B 115 2.92 -14.98 18.75
C PRO B 115 3.01 -14.74 20.25
N ALA B 116 4.11 -14.18 20.75
CA ALA B 116 4.29 -13.97 22.19
C ALA B 116 4.05 -12.53 22.63
N PHE B 117 3.43 -11.71 21.77
CA PHE B 117 3.22 -10.32 22.09
C PHE B 117 2.23 -10.16 23.25
N ASP B 118 2.49 -9.17 24.10
CA ASP B 118 1.60 -8.84 25.21
C ASP B 118 1.63 -7.32 25.40
N PHE B 119 0.48 -6.67 25.25
CA PHE B 119 0.40 -5.21 25.27
C PHE B 119 -0.24 -4.67 26.54
N ARG B 120 -0.30 -5.48 27.61
CA ARG B 120 -0.96 -5.04 28.84
C ARG B 120 -0.22 -3.86 29.47
N LEU B 121 1.11 -3.87 29.42
CA LEU B 121 1.92 -2.82 30.02
C LEU B 121 2.38 -1.78 29.01
N PHE B 122 1.77 -1.74 27.83
CA PHE B 122 2.15 -0.78 26.81
C PHE B 122 1.96 0.65 27.35
N PRO B 123 2.91 1.57 27.11
CA PRO B 123 4.15 1.37 26.35
C PRO B 123 5.37 0.97 27.19
N PHE B 124 5.15 0.48 28.41
CA PHE B 124 6.24 0.05 29.28
C PHE B 124 6.46 -1.45 29.21
N ASP B 125 6.25 -2.05 28.04
CA ASP B 125 6.28 -3.50 27.87
C ASP B 125 7.64 -3.98 27.39
N ASN B 126 7.89 -5.26 27.60
CA ASN B 126 9.08 -5.96 27.11
C ASN B 126 8.62 -7.24 26.41
N GLN B 127 9.20 -7.51 25.24
CA GLN B 127 8.71 -8.57 24.37
C GLN B 127 9.79 -9.60 24.09
N LEU B 128 9.37 -10.74 23.57
CA LEU B 128 10.25 -11.86 23.24
C LEU B 128 10.07 -12.23 21.77
N PHE B 129 11.18 -12.52 21.10
CA PHE B 129 11.18 -12.93 19.70
C PHE B 129 12.07 -14.16 19.55
N PHE B 130 11.68 -15.04 18.62
CA PHE B 130 12.41 -16.28 18.43
C PHE B 130 12.30 -16.76 16.98
N ILE B 131 13.23 -17.63 16.60
CA ILE B 131 13.23 -18.29 15.31
C ILE B 131 13.48 -19.78 15.55
N HIS B 132 12.65 -20.63 14.95
CA HIS B 132 12.71 -22.07 15.15
C HIS B 132 13.16 -22.76 13.87
N VAL B 133 14.11 -23.68 13.99
CA VAL B 133 14.57 -24.53 12.89
C VAL B 133 14.29 -25.97 13.28
N ASP B 134 13.53 -26.68 12.44
CA ASP B 134 13.05 -28.02 12.75
C ASP B 134 13.58 -29.02 11.74
N SER B 135 13.99 -30.19 12.22
CA SER B 135 14.39 -31.30 11.37
C SER B 135 13.17 -32.16 11.03
N ILE B 136 13.10 -32.58 9.77
CA ILE B 136 11.95 -33.37 9.32
C ILE B 136 12.10 -34.83 9.75
N PHE B 137 13.27 -35.41 9.54
CA PHE B 137 13.49 -36.81 9.89
C PHE B 137 13.69 -36.97 11.40
N PRO B 138 13.31 -38.13 11.94
CA PRO B 138 13.41 -38.33 13.40
C PRO B 138 14.86 -38.43 13.86
N GLN B 139 15.03 -38.44 15.19
CA GLN B 139 16.35 -38.38 15.80
C GLN B 139 17.14 -39.67 15.66
N HIS B 140 16.53 -40.77 15.23
CA HIS B 140 17.29 -42.00 15.02
C HIS B 140 18.01 -42.01 13.68
N LEU B 141 17.85 -40.96 12.87
CA LEU B 141 18.58 -40.80 11.63
C LEU B 141 19.55 -39.62 11.67
N PHE B 142 19.11 -38.47 12.18
CA PHE B 142 19.96 -37.29 12.29
C PHE B 142 19.79 -36.64 13.65
N ARG B 143 20.85 -35.99 14.13
CA ARG B 143 20.83 -35.27 15.40
C ARG B 143 21.47 -33.91 15.20
N PHE B 144 20.82 -32.86 15.72
CA PHE B 144 21.35 -31.51 15.63
C PHE B 144 22.39 -31.24 16.72
N GLN B 145 23.40 -30.45 16.36
CA GLN B 145 24.42 -30.01 17.31
C GLN B 145 24.65 -28.52 17.10
N GLU B 146 25.17 -27.88 18.16
CA GLU B 146 25.37 -26.43 18.16
C GLU B 146 26.76 -26.10 17.65
N MET B 147 26.82 -25.37 16.52
CA MET B 147 28.08 -24.84 16.04
C MET B 147 28.58 -23.74 16.97
N GLN B 148 29.89 -23.71 17.20
CA GLN B 148 30.49 -22.79 18.15
C GLN B 148 31.08 -21.58 17.44
N GLY B 149 30.88 -20.40 18.04
CA GLY B 149 31.53 -19.19 17.58
C GLY B 149 30.87 -18.49 16.41
N PHE B 150 29.64 -18.84 16.06
CA PHE B 150 28.96 -18.21 14.93
C PHE B 150 27.63 -17.58 15.28
N SER B 151 26.84 -18.20 16.15
CA SER B 151 25.49 -17.72 16.42
C SER B 151 25.52 -16.43 17.24
N GLY B 152 24.54 -15.57 17.00
CA GLY B 152 24.40 -14.33 17.72
C GLY B 152 23.72 -13.29 16.86
N LEU B 153 23.84 -12.04 17.29
CA LEU B 153 23.29 -10.89 16.59
C LEU B 153 24.41 -9.93 16.21
N GLY B 154 24.19 -9.18 15.14
CA GLY B 154 25.17 -8.24 14.65
C GLY B 154 25.20 -6.95 15.44
N ASP B 155 26.07 -6.04 15.01
CA ASP B 155 26.25 -4.75 15.66
C ASP B 155 25.44 -3.64 15.03
N GLN B 156 25.38 -3.58 13.69
CA GLN B 156 24.64 -2.55 12.98
C GLN B 156 23.27 -3.11 12.59
N LEU B 157 22.38 -3.20 13.58
CA LEU B 157 21.04 -3.72 13.34
C LEU B 157 20.16 -2.72 12.61
N GLY B 158 20.32 -1.43 12.90
CA GLY B 158 19.55 -0.40 12.24
C GLY B 158 18.21 -0.09 12.86
N GLU B 159 17.86 -0.73 13.97
CA GLU B 159 16.59 -0.45 14.64
C GLU B 159 16.72 0.80 15.49
N GLU B 160 15.71 1.68 15.41
CA GLU B 160 15.73 2.95 16.11
C GLU B 160 14.91 2.96 17.38
N GLU B 161 13.82 2.20 17.45
CA GLU B 161 12.91 2.24 18.58
C GLU B 161 13.19 1.17 19.63
N TRP B 162 13.61 -0.03 19.22
CA TRP B 162 13.79 -1.14 20.13
C TRP B 162 15.26 -1.32 20.51
N ILE B 163 15.48 -1.73 21.75
CA ILE B 163 16.82 -1.97 22.29
C ILE B 163 16.89 -3.42 22.75
N VAL B 164 17.88 -4.15 22.25
CA VAL B 164 18.04 -5.56 22.59
C VAL B 164 18.69 -5.68 23.96
N THR B 165 18.21 -6.62 24.78
CA THR B 165 18.71 -6.82 26.14
C THR B 165 19.54 -8.09 26.30
N GLU B 166 19.12 -9.21 25.71
CA GLU B 166 19.86 -10.45 25.87
C GLU B 166 19.57 -11.36 24.68
N VAL B 167 20.48 -12.32 24.46
CA VAL B 167 20.37 -13.29 23.37
C VAL B 167 20.77 -14.66 23.90
N ASN B 168 20.01 -15.69 23.51
CA ASN B 168 20.29 -17.04 23.98
C ASN B 168 19.96 -18.04 22.87
N THR B 169 20.60 -19.20 22.95
CA THR B 169 20.33 -20.33 22.06
C THR B 169 20.31 -21.62 22.86
N HIS B 170 19.56 -22.60 22.37
CA HIS B 170 19.47 -23.92 23.00
C HIS B 170 18.87 -24.89 22.00
N LEU B 171 18.68 -26.13 22.45
CA LEU B 171 18.13 -27.20 21.62
C LEU B 171 16.95 -27.85 22.33
N THR B 172 16.03 -28.39 21.54
CA THR B 172 14.84 -29.07 22.07
C THR B 172 14.36 -30.07 21.01
N THR B 173 13.15 -30.59 21.20
CA THR B 173 12.59 -31.62 20.34
C THR B 173 11.17 -31.25 19.93
N HIS B 174 10.65 -31.98 18.95
CA HIS B 174 9.30 -31.78 18.46
C HIS B 174 8.81 -33.07 17.81
N ASN B 175 7.50 -33.13 17.58
CA ASN B 175 6.85 -34.31 17.00
C ASN B 175 5.85 -33.88 15.94
N GLU B 176 6.28 -32.98 15.05
CA GLU B 176 5.34 -32.41 14.08
C GLU B 176 4.89 -33.43 13.04
N PHE B 177 5.82 -34.24 12.52
CA PHE B 177 5.51 -35.14 11.42
C PHE B 177 5.75 -36.61 11.73
N THR B 178 6.37 -36.94 12.85
CA THR B 178 6.67 -38.33 13.18
C THR B 178 6.29 -38.61 14.63
N LYS B 179 6.01 -39.88 14.92
CA LYS B 179 5.73 -40.29 16.28
C LYS B 179 6.95 -40.10 17.17
N GLY B 180 8.14 -40.41 16.64
CA GLY B 180 9.37 -40.18 17.38
C GLY B 180 9.78 -38.73 17.41
N ASP B 181 10.70 -38.42 18.31
CA ASP B 181 11.16 -37.04 18.49
C ASP B 181 12.12 -36.63 17.38
N ALA B 182 12.10 -35.34 17.06
CA ALA B 182 12.99 -34.75 16.07
C ALA B 182 13.61 -33.50 16.65
N SER B 183 14.83 -33.19 16.20
CA SER B 183 15.59 -32.09 16.77
C SER B 183 15.02 -30.74 16.37
N ARG B 184 15.28 -29.74 17.22
CA ARG B 184 14.87 -28.36 16.98
C ARG B 184 15.94 -27.41 17.50
N PHE B 185 16.22 -26.36 16.72
CA PHE B 185 17.19 -25.34 17.07
C PHE B 185 16.47 -24.02 17.29
N VAL B 186 16.81 -23.32 18.37
CA VAL B 186 16.08 -22.13 18.79
C VAL B 186 17.06 -20.99 19.01
N LEU B 187 16.72 -19.81 18.48
CA LEU B 187 17.43 -18.56 18.75
C LEU B 187 16.44 -17.53 19.27
N GLU B 188 16.76 -16.90 20.41
CA GLU B 188 15.84 -16.00 21.08
C GLU B 188 16.55 -14.72 21.50
N PHE B 189 15.77 -13.64 21.60
CA PHE B 189 16.26 -12.39 22.15
C PHE B 189 15.08 -11.58 22.68
N HIS B 190 15.40 -10.63 23.56
CA HIS B 190 14.40 -9.76 24.16
C HIS B 190 14.71 -8.31 23.82
N ALA B 191 13.68 -7.47 23.83
CA ALA B 191 13.83 -6.06 23.50
C ALA B 191 12.83 -5.23 24.28
N GLU B 192 13.17 -3.95 24.47
CA GLU B 192 12.29 -2.97 25.10
C GLU B 192 12.19 -1.74 24.20
N ARG B 193 11.44 -0.74 24.66
CA ARG B 193 11.02 0.36 23.82
C ARG B 193 11.57 1.70 24.32
N HIS B 194 11.84 2.60 23.39
CA HIS B 194 12.19 3.98 23.72
C HIS B 194 10.93 4.77 24.04
N LEU B 195 11.04 5.70 24.99
CA LEU B 195 9.90 6.48 25.45
C LEU B 195 9.93 7.93 24.97
N ASN B 196 10.96 8.34 24.24
CA ASN B 196 11.06 9.75 23.82
C ASN B 196 9.91 10.13 22.89
N TYR B 197 9.58 9.28 21.93
CA TYR B 197 8.50 9.58 21.00
C TYR B 197 7.17 9.76 21.73
N TYR B 198 6.85 8.82 22.62
CA TYR B 198 5.59 8.91 23.36
C TYR B 198 5.57 10.14 24.26
N LEU B 199 6.68 10.42 24.94
CA LEU B 199 6.74 11.60 25.80
C LEU B 199 6.52 12.88 25.00
N MET B 200 7.13 12.97 23.82
CA MET B 200 7.02 14.20 23.03
C MET B 200 5.67 14.32 22.33
N ARG B 201 5.01 13.22 21.99
CA ARG B 201 3.82 13.29 21.17
C ARG B 201 2.50 13.15 21.93
N ILE B 202 2.50 12.53 23.12
CA ILE B 202 1.23 12.20 23.77
C ILE B 202 1.11 12.90 25.12
N LEU B 203 2.07 12.66 26.00
CA LEU B 203 1.95 13.11 27.38
C LEU B 203 1.92 14.64 27.49
N ILE B 204 2.83 15.31 26.78
CA ILE B 204 2.92 16.77 26.90
C ILE B 204 1.67 17.49 26.42
N PRO B 205 1.12 17.20 25.23
CA PRO B 205 -0.06 17.95 24.79
C PRO B 205 -1.26 17.81 25.71
N VAL B 206 -1.50 16.61 26.25
CA VAL B 206 -2.65 16.40 27.12
C VAL B 206 -2.49 17.21 28.41
N LEU B 207 -1.30 17.16 29.01
CA LEU B 207 -1.06 17.93 30.22
C LEU B 207 -1.16 19.42 29.96
N LEU B 208 -0.67 19.89 28.80
CA LEU B 208 -0.79 21.31 28.47
C LEU B 208 -2.24 21.72 28.31
N ILE B 209 -3.05 20.88 27.66
CA ILE B 209 -4.47 21.20 27.49
C ILE B 209 -5.16 21.27 28.85
N ILE B 210 -4.88 20.29 29.72
CA ILE B 210 -5.47 20.29 31.06
C ILE B 210 -5.04 21.52 31.83
N THR B 211 -3.76 21.88 31.73
CA THR B 211 -3.25 23.05 32.44
C THR B 211 -3.91 24.33 31.96
N VAL B 212 -4.11 24.47 30.65
CA VAL B 212 -4.76 25.67 30.14
C VAL B 212 -6.22 25.70 30.54
N SER B 213 -6.88 24.54 30.54
CA SER B 213 -8.28 24.49 30.97
C SER B 213 -8.42 24.88 32.44
N TRP B 214 -7.49 24.45 33.28
CA TRP B 214 -7.51 24.85 34.69
C TRP B 214 -7.10 26.31 34.86
N PHE B 215 -6.22 26.83 34.00
CA PHE B 215 -5.88 28.24 34.02
C PHE B 215 -7.11 29.10 33.74
N THR B 216 -7.94 28.67 32.80
CA THR B 216 -9.13 29.44 32.45
C THR B 216 -10.17 29.49 33.57
N PHE B 217 -10.03 28.66 34.61
CA PHE B 217 -11.04 28.63 35.67
C PHE B 217 -11.04 29.89 36.53
N PHE B 218 -9.96 30.68 36.51
CA PHE B 218 -9.90 31.86 37.38
C PHE B 218 -10.74 33.03 36.87
N LEU B 219 -11.29 32.93 35.66
CA LEU B 219 -12.16 33.98 35.13
C LEU B 219 -13.54 33.97 35.78
N GLN B 220 -13.90 32.89 36.47
CA GLN B 220 -15.22 32.74 37.11
C GLN B 220 -16.35 32.88 36.08
N ASP B 221 -16.26 32.07 35.02
CA ASP B 221 -17.25 32.05 33.95
C ASP B 221 -17.69 30.60 33.73
N TYR B 222 -18.83 30.23 34.32
CA TYR B 222 -19.29 28.85 34.27
C TYR B 222 -19.60 28.41 32.84
N THR B 223 -20.26 29.28 32.07
CA THR B 223 -20.60 28.95 30.69
C THR B 223 -19.35 28.73 29.84
N LYS B 224 -18.34 29.58 30.01
CA LYS B 224 -17.10 29.41 29.28
C LYS B 224 -16.40 28.13 29.69
N ARG B 225 -16.44 27.79 30.98
CA ARG B 225 -15.89 26.51 31.43
C ARG B 225 -16.59 25.34 30.76
N ILE B 226 -17.93 25.41 30.68
CA ILE B 226 -18.70 24.34 30.05
C ILE B 226 -18.30 24.19 28.59
N ASP B 227 -18.21 25.31 27.87
CA ASP B 227 -17.85 25.26 26.45
C ASP B 227 -16.45 24.70 26.24
N LEU B 228 -15.49 25.12 27.07
CA LEU B 228 -14.13 24.63 26.95
C LEU B 228 -14.06 23.13 27.23
N ALA B 229 -14.77 22.68 28.27
CA ALA B 229 -14.79 21.25 28.57
C ALA B 229 -15.43 20.46 27.43
N GLY B 230 -16.49 20.99 26.83
CA GLY B 230 -17.10 20.33 25.69
C GLY B 230 -16.17 20.19 24.51
N GLY B 231 -15.36 21.23 24.25
CA GLY B 231 -14.36 21.11 23.19
C GLY B 231 -13.28 20.11 23.53
N ASN B 232 -12.82 20.12 24.79
CA ASN B 232 -11.76 19.20 25.20
C ASN B 232 -12.22 17.75 25.15
N LEU B 233 -13.51 17.49 25.37
CA LEU B 233 -14.02 16.13 25.24
C LEU B 233 -13.85 15.62 23.82
N LEU B 234 -14.18 16.44 22.82
CA LEU B 234 -13.99 16.05 21.43
C LEU B 234 -12.52 15.89 21.11
N LEU B 235 -11.67 16.77 21.65
CA LEU B 235 -10.24 16.64 21.44
C LEU B 235 -9.71 15.31 21.99
N PHE B 236 -10.17 14.93 23.19
CA PHE B 236 -9.75 13.67 23.78
C PHE B 236 -10.26 12.47 22.97
N ILE B 237 -11.49 12.57 22.45
CA ILE B 237 -12.02 11.50 21.61
C ILE B 237 -11.16 11.33 20.36
N ALA B 238 -10.78 12.44 19.74
CA ALA B 238 -9.90 12.38 18.57
C ALA B 238 -8.55 11.76 18.92
N PHE B 239 -8.00 12.13 20.08
CA PHE B 239 -6.74 11.53 20.53
C PHE B 239 -6.87 10.03 20.71
N ASN B 240 -7.96 9.58 21.33
CA ASN B 240 -8.17 8.15 21.53
C ASN B 240 -8.28 7.41 20.20
N PHE B 241 -9.02 7.98 19.25
CA PHE B 241 -9.15 7.34 17.95
C PHE B 241 -7.81 7.28 17.23
N THR B 242 -7.01 8.34 17.33
CA THR B 242 -5.68 8.31 16.72
C THR B 242 -4.79 7.25 17.36
N ILE B 243 -4.85 7.13 18.69
CA ILE B 243 -4.00 6.17 19.39
C ILE B 243 -4.40 4.74 19.04
N SER B 244 -5.70 4.48 18.91
CA SER B 244 -6.16 3.10 18.74
C SER B 244 -5.66 2.44 17.46
N SER B 245 -5.17 3.23 16.49
CA SER B 245 -4.79 2.68 15.19
C SER B 245 -3.44 1.98 15.20
N ASP B 246 -2.64 2.12 16.25
CA ASP B 246 -1.30 1.55 16.29
C ASP B 246 -1.24 0.14 16.86
N LEU B 247 -2.38 -0.40 17.31
CA LEU B 247 -2.41 -1.71 17.96
C LEU B 247 -3.50 -2.56 17.32
N PRO B 248 -3.38 -3.88 17.42
CA PRO B 248 -4.47 -4.76 16.96
C PRO B 248 -5.71 -4.59 17.83
N ARG B 249 -6.82 -5.14 17.34
CA ARG B 249 -8.09 -5.07 18.05
C ARG B 249 -8.08 -6.13 19.15
N LEU B 250 -7.41 -5.79 20.25
CA LEU B 250 -7.19 -6.72 21.35
C LEU B 250 -8.49 -6.93 22.14
N GLY B 251 -8.53 -8.05 22.84
CA GLY B 251 -9.64 -8.40 23.71
C GLY B 251 -9.50 -7.97 25.15
N TYR B 252 -8.49 -7.18 25.48
CA TYR B 252 -8.26 -6.72 26.85
C TYR B 252 -7.91 -5.25 26.85
N ILE B 253 -8.08 -4.62 28.01
CA ILE B 253 -7.91 -3.18 28.17
C ILE B 253 -6.47 -2.88 28.56
N THR B 254 -5.93 -1.80 28.01
CA THR B 254 -4.55 -1.39 28.27
C THR B 254 -4.48 -0.11 29.08
N LEU B 255 -3.25 0.20 29.50
CA LEU B 255 -3.00 1.37 30.35
C LEU B 255 -3.35 2.66 29.64
N MET B 256 -3.01 2.77 28.35
CA MET B 256 -3.35 3.98 27.60
C MET B 256 -4.85 4.17 27.49
N ASP B 257 -5.59 3.08 27.24
CA ASP B 257 -7.04 3.18 27.16
C ASP B 257 -7.63 3.61 28.50
N ALA B 258 -7.13 3.04 29.60
CA ALA B 258 -7.61 3.46 30.91
C ALA B 258 -7.28 4.93 31.16
N PHE B 259 -6.10 5.38 30.74
CA PHE B 259 -5.69 6.76 30.90
C PHE B 259 -6.63 7.70 30.14
N LEU B 260 -7.05 7.32 28.95
CA LEU B 260 -7.97 8.15 28.18
C LEU B 260 -9.38 8.14 28.78
N VAL B 261 -9.82 6.98 29.27
CA VAL B 261 -11.14 6.89 29.87
C VAL B 261 -11.21 7.73 31.14
N GLY B 262 -10.13 7.76 31.92
CA GLY B 262 -10.09 8.61 33.09
C GLY B 262 -10.29 10.08 32.73
N THR B 263 -9.64 10.53 31.65
CA THR B 263 -9.82 11.91 31.21
C THR B 263 -11.26 12.15 30.76
N PHE B 264 -11.86 11.18 30.06
CA PHE B 264 -13.28 11.30 29.69
C PHE B 264 -14.14 11.52 30.92
N ILE B 265 -13.95 10.68 31.94
CA ILE B 265 -14.78 10.74 33.14
C ILE B 265 -14.59 12.07 33.86
N ILE B 266 -13.34 12.52 33.96
CA ILE B 266 -13.06 13.77 34.67
C ILE B 266 -13.69 14.95 33.93
N THR B 267 -13.61 14.96 32.60
CA THR B 267 -14.25 16.02 31.84
C THR B 267 -15.76 16.03 32.05
N ALA B 268 -16.38 14.84 32.07
CA ALA B 268 -17.82 14.76 32.31
C ALA B 268 -18.17 15.30 33.70
N LEU B 269 -17.39 14.95 34.72
CA LEU B 269 -17.65 15.44 36.06
C LEU B 269 -17.51 16.95 36.14
N VAL B 270 -16.50 17.51 35.46
CA VAL B 270 -16.32 18.95 35.45
C VAL B 270 -17.52 19.63 34.80
N VAL B 271 -18.02 19.07 33.69
CA VAL B 271 -19.19 19.64 33.03
C VAL B 271 -20.38 19.63 33.98
N LEU B 272 -20.60 18.51 34.67
CA LEU B 272 -21.73 18.42 35.59
C LEU B 272 -21.62 19.45 36.71
N GLY B 273 -20.43 19.59 37.29
CA GLY B 273 -20.25 20.56 38.37
C GLY B 273 -20.48 21.99 37.90
N ASN B 274 -19.97 22.34 36.73
CA ASN B 274 -20.18 23.69 36.20
C ASN B 274 -21.65 23.96 35.92
N VAL B 275 -22.37 22.95 35.40
CA VAL B 275 -23.80 23.11 35.16
C VAL B 275 -24.54 23.34 36.47
N TRP B 276 -24.18 22.59 37.52
CA TRP B 276 -24.84 22.80 38.81
C TRP B 276 -24.55 24.18 39.36
N LEU B 277 -23.31 24.66 39.23
CA LEU B 277 -22.99 26.00 39.70
C LEU B 277 -23.77 27.07 38.95
N ARG B 278 -23.89 26.91 37.62
CA ARG B 278 -24.66 27.88 36.84
C ARG B 278 -26.13 27.87 37.25
N ARG B 279 -26.69 26.67 37.49
CA ARG B 279 -28.08 26.60 37.92
C ARG B 279 -28.28 27.26 39.29
N LEU B 280 -27.31 27.08 40.19
CA LEU B 280 -27.38 27.77 41.48
C LEU B 280 -27.33 29.28 41.30
N GLU B 281 -26.46 29.76 40.41
CA GLU B 281 -26.35 31.20 40.18
C GLU B 281 -27.64 31.78 39.59
N ASN B 282 -28.30 31.02 38.71
CA ASN B 282 -29.49 31.52 38.03
C ASN B 282 -30.66 31.76 38.98
N HIS B 283 -30.64 31.17 40.18
CA HIS B 283 -31.75 31.28 41.12
C HIS B 283 -31.45 32.23 42.28
N GLY B 284 -30.51 33.16 42.10
CA GLY B 284 -30.21 34.10 43.14
C GLY B 284 -29.32 33.60 44.25
N LYS B 285 -28.65 32.46 44.03
CA LYS B 285 -27.74 31.87 45.02
C LYS B 285 -26.29 32.13 44.65
N GLN B 286 -26.00 33.33 44.15
CA GLN B 286 -24.63 33.66 43.75
C GLN B 286 -23.66 33.59 44.91
N ALA B 287 -24.11 33.91 46.12
CA ALA B 287 -23.25 33.78 47.30
C ALA B 287 -22.87 32.32 47.54
N LEU B 288 -23.85 31.41 47.42
CA LEU B 288 -23.55 29.99 47.58
C LEU B 288 -22.62 29.49 46.48
N ALA B 289 -22.84 29.95 45.25
CA ALA B 289 -21.96 29.57 44.15
C ALA B 289 -20.54 30.04 44.39
N ARG B 290 -20.38 31.27 44.85
CA ARG B 290 -19.04 31.80 45.15
C ARG B 290 -18.40 31.05 46.30
N LYS B 291 -19.19 30.64 47.29
CA LYS B 291 -18.66 29.86 48.40
C LYS B 291 -18.16 28.49 47.92
N LEU B 292 -18.90 27.84 47.02
CA LEU B 292 -18.51 26.53 46.53
C LEU B 292 -17.47 26.59 45.42
N ASP B 293 -17.22 27.77 44.84
CA ASP B 293 -16.26 27.88 43.75
C ASP B 293 -14.85 27.52 44.19
N ILE B 294 -14.46 27.85 45.43
CA ILE B 294 -13.12 27.52 45.88
C ILE B 294 -12.93 26.02 45.94
N TYR B 295 -13.92 25.29 46.47
CA TYR B 295 -13.84 23.83 46.48
C TYR B 295 -13.83 23.27 45.07
N ALA B 296 -14.64 23.84 44.18
CA ALA B 296 -14.67 23.37 42.80
C ALA B 296 -13.32 23.54 42.12
N ILE B 297 -12.65 24.66 42.37
CA ILE B 297 -11.33 24.90 41.79
C ILE B 297 -10.29 23.97 42.41
N THR B 298 -10.33 23.80 43.73
CA THR B 298 -9.30 22.99 44.40
C THR B 298 -9.46 21.50 44.15
N SER B 299 -10.64 21.05 43.73
CA SER B 299 -10.85 19.63 43.48
C SER B 299 -10.34 19.16 42.12
N TYR B 300 -9.79 20.07 41.29
CA TYR B 300 -9.43 19.68 39.93
C TYR B 300 -8.15 18.82 39.89
N PRO B 301 -7.00 19.26 40.42
CA PRO B 301 -5.79 18.44 40.23
C PRO B 301 -5.76 17.18 41.09
N LEU B 302 -6.43 17.20 42.24
CA LEU B 302 -6.44 16.02 43.11
C LEU B 302 -7.09 14.83 42.42
N ALA B 303 -8.11 15.08 41.58
CA ALA B 303 -8.74 13.99 40.85
C ALA B 303 -7.75 13.30 39.91
N TYR B 304 -6.97 14.09 39.18
CA TYR B 304 -5.98 13.51 38.28
C TYR B 304 -4.88 12.79 39.05
N LEU B 305 -4.45 13.36 40.18
CA LEU B 305 -3.43 12.70 41.00
C LEU B 305 -3.95 11.34 41.50
N LEU B 306 -5.19 11.31 41.99
CA LEU B 306 -5.76 10.07 42.47
C LEU B 306 -5.94 9.06 41.34
N GLY B 307 -6.31 9.55 40.15
CA GLY B 307 -6.43 8.65 39.01
C GLY B 307 -5.10 8.03 38.62
N ALA B 308 -4.03 8.83 38.60
CA ALA B 308 -2.70 8.30 38.31
C ALA B 308 -2.28 7.28 39.35
N LEU B 309 -2.53 7.57 40.63
CA LEU B 309 -2.19 6.63 41.68
C LEU B 309 -2.98 5.32 41.52
N THR B 310 -4.27 5.43 41.20
CA THR B 310 -5.10 4.24 41.01
C THR B 310 -4.62 3.41 39.83
N LEU B 311 -4.26 4.07 38.73
CA LEU B 311 -3.73 3.34 37.59
C LEU B 311 -2.43 2.62 37.94
N TRP B 312 -1.54 3.29 38.67
CA TRP B 312 -0.30 2.64 39.09
C TRP B 312 -0.58 1.43 39.98
N LEU B 313 -1.52 1.58 40.93
CA LEU B 313 -1.85 0.47 41.81
C LEU B 313 -2.45 -0.70 41.02
N LEU B 314 -3.32 -0.40 40.04
CA LEU B 314 -4.00 -1.46 39.31
C LEU B 314 -3.05 -2.20 38.38
N PHE B 315 -2.15 -1.48 37.70
CA PHE B 315 -1.34 -2.11 36.66
C PHE B 315 0.03 -2.56 37.13
N PHE B 316 0.62 -1.90 38.13
CA PHE B 316 1.94 -2.28 38.62
C PHE B 316 1.88 -2.75 40.07
N GLU C 7 49.77 -18.80 -5.46
CA GLU C 7 49.56 -17.36 -5.29
C GLU C 7 48.14 -16.98 -5.65
N PRO C 8 47.56 -16.03 -4.91
CA PRO C 8 46.19 -15.61 -5.20
C PRO C 8 46.08 -14.90 -6.53
N SER C 9 44.90 -14.99 -7.13
CA SER C 9 44.61 -14.34 -8.41
C SER C 9 43.88 -13.02 -8.18
N ASP C 10 44.10 -12.08 -9.10
CA ASP C 10 43.55 -10.75 -8.99
C ASP C 10 42.18 -10.67 -9.65
N VAL C 11 41.26 -9.98 -8.98
CA VAL C 11 39.90 -9.77 -9.49
C VAL C 11 39.65 -8.26 -9.52
N PHE C 12 39.31 -7.74 -10.71
CA PHE C 12 39.06 -6.33 -10.90
C PHE C 12 37.56 -6.07 -10.82
N ILE C 13 37.17 -5.06 -10.04
CA ILE C 13 35.78 -4.78 -9.71
C ILE C 13 35.44 -3.35 -10.10
N GLY C 14 34.29 -3.16 -10.74
CA GLY C 14 33.78 -1.84 -11.04
C GLY C 14 32.28 -1.75 -10.86
N LEU C 15 31.79 -0.63 -10.32
CA LEU C 15 30.37 -0.46 -10.04
C LEU C 15 29.95 0.97 -10.34
N LYS C 16 28.84 1.12 -11.07
CA LYS C 16 28.31 2.42 -11.43
C LYS C 16 26.82 2.47 -11.12
N ILE C 17 26.35 3.63 -10.67
CA ILE C 17 24.95 3.85 -10.34
C ILE C 17 24.34 4.76 -11.40
N ASP C 18 23.24 4.30 -12.00
CA ASP C 18 22.56 5.02 -13.08
C ASP C 18 21.37 5.83 -12.60
N GLN C 19 20.54 5.26 -11.72
CA GLN C 19 19.33 5.93 -11.26
C GLN C 19 19.21 5.82 -9.74
N ILE C 20 18.57 6.82 -9.15
CA ILE C 20 18.16 6.79 -7.75
C ILE C 20 16.64 6.85 -7.75
N THR C 21 16.00 5.70 -7.52
CA THR C 21 14.55 5.60 -7.65
C THR C 21 13.81 6.06 -6.41
N GLY C 22 14.49 6.27 -5.28
CA GLY C 22 13.82 6.74 -4.09
C GLY C 22 14.62 6.61 -2.82
N ILE C 23 14.40 7.53 -1.88
CA ILE C 23 15.03 7.49 -0.56
C ILE C 23 13.92 7.51 0.48
N ASN C 24 13.89 6.49 1.33
CA ASN C 24 12.86 6.34 2.36
C ASN C 24 13.52 6.56 3.72
N GLN C 25 13.41 7.79 4.24
CA GLN C 25 13.99 8.09 5.53
C GLN C 25 13.21 7.48 6.69
N LYS C 26 11.92 7.20 6.50
CA LYS C 26 11.14 6.55 7.55
C LYS C 26 11.65 5.14 7.82
N GLU C 27 11.98 4.40 6.76
CA GLU C 27 12.53 3.06 6.89
C GLU C 27 14.05 3.02 6.81
N GLU C 28 14.69 4.16 6.50
CA GLU C 28 16.14 4.27 6.43
C GLU C 28 16.73 3.28 5.40
N ASN C 29 16.34 3.47 4.15
CA ASN C 29 16.88 2.67 3.05
C ASN C 29 16.72 3.47 1.76
N PHE C 30 17.41 3.01 0.72
CA PHE C 30 17.33 3.64 -0.59
C PHE C 30 17.44 2.58 -1.67
N SER C 31 16.95 2.93 -2.86
CA SER C 31 16.90 2.01 -4.01
C SER C 31 17.56 2.67 -5.21
N VAL C 32 18.33 1.89 -5.96
CA VAL C 32 19.09 2.38 -7.11
C VAL C 32 19.01 1.38 -8.25
N VAL C 33 19.43 1.82 -9.43
CA VAL C 33 19.64 0.98 -10.59
C VAL C 33 21.09 1.15 -11.02
N GLY C 34 21.83 0.05 -11.11
CA GLY C 34 23.26 0.10 -11.34
C GLY C 34 23.74 -1.02 -12.24
N SER C 35 25.04 -0.97 -12.54
CA SER C 35 25.70 -1.95 -13.39
C SER C 35 27.01 -2.39 -12.75
N LEU C 36 27.33 -3.67 -12.88
CA LEU C 36 28.53 -4.25 -12.32
C LEU C 36 29.38 -4.85 -13.44
N ARG C 37 30.69 -4.60 -13.36
CA ARG C 37 31.65 -5.12 -14.33
C ARG C 37 32.82 -5.77 -13.59
N ILE C 38 33.17 -6.99 -13.99
CA ILE C 38 34.25 -7.75 -13.36
C ILE C 38 35.13 -8.35 -14.45
N ASP C 39 36.44 -8.29 -14.26
CA ASP C 39 37.41 -8.91 -15.15
C ASP C 39 38.28 -9.88 -14.36
N TRP C 40 38.40 -11.11 -14.84
CA TRP C 40 39.16 -12.15 -14.16
C TRP C 40 39.79 -13.06 -15.19
N ARG C 41 41.07 -13.39 -15.00
CA ARG C 41 41.83 -14.19 -15.94
C ARG C 41 42.16 -15.54 -15.33
N GLN C 42 41.83 -16.61 -16.04
CA GLN C 42 42.16 -17.98 -15.63
C GLN C 42 42.86 -18.69 -16.78
N PRO C 43 44.15 -19.02 -16.64
CA PRO C 43 44.87 -19.66 -17.76
C PRO C 43 44.29 -21.01 -18.18
N LEU C 44 43.59 -21.70 -17.28
CA LEU C 44 43.04 -23.01 -17.62
C LEU C 44 41.87 -22.94 -18.61
N LEU C 45 41.35 -21.74 -18.89
CA LEU C 45 40.24 -21.57 -19.82
C LEU C 45 40.70 -21.16 -21.21
N ALA C 46 42.01 -21.18 -21.48
CA ALA C 46 42.52 -20.79 -22.78
C ALA C 46 42.08 -21.79 -23.86
N PHE C 47 41.90 -21.27 -25.07
CA PHE C 47 41.46 -22.10 -26.19
C PHE C 47 42.03 -21.53 -27.48
N GLU C 48 41.86 -22.29 -28.57
CA GLU C 48 42.26 -21.86 -29.90
C GLU C 48 41.04 -21.90 -30.81
N HIS C 49 40.77 -20.79 -31.48
CA HIS C 49 39.58 -20.67 -32.31
C HIS C 49 39.75 -21.45 -33.61
N ALA C 50 38.67 -22.11 -34.03
CA ALA C 50 38.65 -22.80 -35.31
C ALA C 50 38.40 -21.79 -36.44
N PRO C 51 38.84 -22.12 -37.67
CA PRO C 51 38.57 -21.21 -38.79
C PRO C 51 37.08 -21.01 -39.00
N GLY C 52 36.71 -19.76 -39.30
CA GLY C 52 35.32 -19.38 -39.46
C GLY C 52 34.61 -19.02 -38.17
N GLU C 53 35.27 -19.14 -37.01
CA GLU C 53 34.67 -18.84 -35.73
C GLU C 53 35.21 -17.52 -35.16
N PRO C 54 34.43 -16.81 -34.36
CA PRO C 54 34.91 -15.55 -33.79
C PRO C 54 36.01 -15.77 -32.77
N LYS C 55 36.81 -14.73 -32.57
CA LYS C 55 37.92 -14.79 -31.63
C LYS C 55 37.48 -14.77 -30.18
N HIS C 56 36.23 -14.38 -29.91
CA HIS C 56 35.66 -14.38 -28.58
C HIS C 56 34.40 -15.24 -28.54
N ARG C 57 34.16 -15.88 -27.41
CA ARG C 57 33.03 -16.77 -27.23
C ARG C 57 32.03 -16.16 -26.26
N THR C 58 30.74 -16.36 -26.54
CA THR C 58 29.66 -15.82 -25.72
C THR C 58 28.94 -16.97 -25.04
N TYR C 59 28.67 -16.81 -23.73
CA TYR C 59 28.05 -17.86 -22.93
C TYR C 59 26.92 -17.28 -22.10
N THR C 60 25.95 -18.13 -21.77
CA THR C 60 25.02 -17.84 -20.71
C THR C 60 25.61 -18.25 -19.37
N LEU C 61 25.02 -17.73 -18.28
CA LEU C 61 25.58 -17.97 -16.95
C LEU C 61 25.55 -19.45 -16.60
N ALA C 62 24.43 -20.13 -16.88
CA ALA C 62 24.30 -21.53 -16.51
C ALA C 62 25.32 -22.41 -17.24
N THR C 63 25.50 -22.17 -18.54
CA THR C 63 26.46 -22.97 -19.30
C THR C 63 27.89 -22.71 -18.83
N PHE C 64 28.21 -21.46 -18.50
CA PHE C 64 29.54 -21.14 -17.99
C PHE C 64 29.78 -21.83 -16.64
N LEU C 65 28.78 -21.83 -15.76
CA LEU C 65 28.93 -22.51 -14.49
C LEU C 65 29.09 -24.01 -14.67
N LYS C 66 28.33 -24.59 -15.61
CA LYS C 66 28.47 -26.02 -15.89
C LYS C 66 29.86 -26.34 -16.42
N LEU C 67 30.38 -25.48 -17.31
CA LEU C 67 31.74 -25.69 -17.82
C LEU C 67 32.77 -25.61 -16.71
N LEU C 68 32.63 -24.63 -15.80
CA LEU C 68 33.56 -24.52 -14.68
C LEU C 68 33.50 -25.75 -13.78
N GLU C 69 32.29 -26.24 -13.52
CA GLU C 69 32.15 -27.45 -12.71
C GLU C 69 32.76 -28.67 -13.39
N GLU C 70 32.58 -28.78 -14.71
CA GLU C 70 33.18 -29.89 -15.44
C GLU C 70 34.71 -29.82 -15.39
N LYS C 71 35.27 -28.61 -15.51
CA LYS C 71 36.71 -28.46 -15.40
C LYS C 71 37.19 -28.37 -13.96
N GLN C 72 36.28 -28.32 -12.99
CA GLN C 72 36.61 -28.26 -11.56
C GLN C 72 37.50 -27.06 -11.25
N ILE C 73 36.95 -25.87 -11.50
CA ILE C 73 37.64 -24.61 -11.26
C ILE C 73 36.81 -23.78 -10.28
N ARG C 74 37.46 -23.31 -9.23
CA ARG C 74 36.80 -22.50 -8.22
C ARG C 74 36.54 -21.09 -8.76
N TRP C 75 35.32 -20.58 -8.53
CA TRP C 75 34.99 -19.24 -8.97
C TRP C 75 34.89 -18.29 -7.78
N PRO C 76 35.21 -17.01 -7.96
CA PRO C 76 35.17 -16.02 -6.86
C PRO C 76 33.76 -15.53 -6.49
N ALA C 77 33.09 -16.30 -5.65
CA ALA C 77 31.75 -15.94 -5.20
C ALA C 77 31.80 -14.68 -4.34
N PHE C 78 30.79 -13.82 -4.50
CA PHE C 78 30.70 -12.57 -3.77
C PHE C 78 29.24 -12.32 -3.39
N THR C 79 29.03 -11.30 -2.55
CA THR C 79 27.69 -10.96 -2.10
C THR C 79 27.63 -9.47 -1.79
N TYR C 80 26.41 -8.94 -1.83
CA TYR C 80 26.13 -7.56 -1.42
C TYR C 80 25.77 -7.59 0.07
N HIS C 81 26.63 -7.01 0.90
CA HIS C 81 26.51 -7.16 2.35
C HIS C 81 25.24 -6.50 2.88
N ASN C 82 24.94 -5.28 2.43
CA ASN C 82 23.82 -4.51 2.96
C ASN C 82 22.60 -4.54 2.05
N GLN C 83 22.46 -5.58 1.22
CA GLN C 83 21.30 -5.72 0.37
C GLN C 83 20.06 -6.09 1.19
N GLN C 84 18.91 -5.53 0.82
CA GLN C 84 17.64 -5.85 1.44
C GLN C 84 16.65 -6.28 0.38
N GLY C 85 15.96 -7.39 0.62
CA GLY C 85 14.93 -7.85 -0.29
C GLY C 85 15.47 -8.54 -1.52
N ARG C 86 14.62 -8.63 -2.54
CA ARG C 86 14.94 -9.31 -3.79
C ARG C 86 15.58 -8.35 -4.77
N MET C 87 16.58 -8.85 -5.51
CA MET C 87 17.24 -8.08 -6.55
C MET C 87 16.77 -8.59 -7.91
N ASP C 88 16.30 -7.67 -8.75
CA ASP C 88 15.79 -7.99 -10.08
C ASP C 88 16.90 -7.81 -11.10
N PHE C 89 17.24 -8.88 -11.80
CA PHE C 89 18.31 -8.87 -12.80
C PHE C 89 17.72 -8.68 -14.19
N GLN C 90 18.36 -7.81 -14.98
CA GLN C 90 17.97 -7.58 -16.36
C GLN C 90 18.92 -8.24 -17.36
N ASN C 91 20.23 -8.11 -17.15
CA ASN C 91 21.22 -8.71 -18.04
C ASN C 91 22.32 -9.37 -17.22
N ARG C 92 22.72 -10.57 -17.65
CA ARG C 92 23.84 -11.29 -17.06
C ARG C 92 24.59 -11.97 -18.22
N LEU C 93 25.67 -11.34 -18.66
CA LEU C 93 26.38 -11.76 -19.87
C LEU C 93 27.80 -12.18 -19.53
N ILE C 94 28.32 -13.14 -20.31
CA ILE C 94 29.66 -13.69 -20.13
C ILE C 94 30.39 -13.62 -21.46
N SER C 95 31.64 -13.14 -21.43
CA SER C 95 32.50 -13.08 -22.60
C SER C 95 33.87 -13.65 -22.23
N LEU C 96 34.40 -14.52 -23.07
CA LEU C 96 35.67 -15.19 -22.82
C LEU C 96 36.61 -14.97 -24.00
N SER C 97 37.86 -14.63 -23.70
CA SER C 97 38.89 -14.43 -24.71
C SER C 97 39.77 -15.68 -24.81
N GLU C 98 40.62 -15.69 -25.84
CA GLU C 98 41.47 -16.85 -26.10
C GLU C 98 42.51 -17.06 -25.01
N ASP C 99 42.95 -15.99 -24.35
CA ASP C 99 43.97 -16.10 -23.31
C ASP C 99 43.39 -16.49 -21.95
N GLY C 100 42.07 -16.62 -21.83
CA GLY C 100 41.45 -17.01 -20.59
C GLY C 100 40.86 -15.89 -19.77
N THR C 101 40.80 -14.67 -20.30
CA THR C 101 40.22 -13.55 -19.57
C THR C 101 38.71 -13.59 -19.68
N VAL C 102 38.03 -13.47 -18.54
CA VAL C 102 36.58 -13.53 -18.45
C VAL C 102 36.06 -12.14 -18.14
N MET C 103 35.05 -11.70 -18.90
CA MET C 103 34.41 -10.41 -18.70
C MET C 103 32.94 -10.63 -18.36
N TYR C 104 32.46 -9.98 -17.31
CA TYR C 104 31.13 -10.19 -16.78
C TYR C 104 30.40 -8.86 -16.63
N LEU C 105 29.11 -8.85 -16.98
CA LEU C 105 28.27 -7.67 -16.87
C LEU C 105 26.98 -8.04 -16.15
N GLU C 106 26.52 -7.15 -15.27
CA GLU C 106 25.32 -7.41 -14.49
C GLU C 106 24.54 -6.11 -14.30
N ARG C 107 23.27 -6.13 -14.68
CA ARG C 107 22.36 -4.99 -14.50
C ARG C 107 21.26 -5.40 -13.53
N PHE C 108 20.96 -4.52 -12.57
CA PHE C 108 20.07 -4.89 -11.48
C PHE C 108 19.36 -3.67 -10.93
N THR C 109 18.29 -3.92 -10.18
CA THR C 109 17.61 -2.94 -9.36
C THR C 109 17.39 -3.55 -7.98
N SER C 110 17.73 -2.80 -6.93
CA SER C 110 17.67 -3.36 -5.58
C SER C 110 17.61 -2.24 -4.56
N THR C 111 17.33 -2.62 -3.32
CA THR C 111 17.26 -1.70 -2.18
C THR C 111 18.39 -2.03 -1.21
N PHE C 112 18.95 -1.00 -0.58
CA PHE C 112 20.09 -1.15 0.31
C PHE C 112 19.83 -0.43 1.63
N GLN C 113 20.41 -0.96 2.70
CA GLN C 113 20.28 -0.38 4.03
C GLN C 113 21.13 0.88 4.17
N ALA C 114 20.64 1.82 4.97
CA ALA C 114 21.34 3.06 5.27
C ALA C 114 21.36 3.27 6.78
N PRO C 115 22.27 2.61 7.48
CA PRO C 115 22.31 2.70 8.94
C PRO C 115 23.05 3.90 9.50
N ALA C 116 23.46 4.85 8.67
CA ALA C 116 24.23 6.01 9.12
C ALA C 116 23.38 7.28 9.24
N PHE C 117 22.05 7.15 9.22
CA PHE C 117 21.20 8.33 9.28
C PHE C 117 21.32 9.03 10.63
N ASP C 118 21.25 10.36 10.60
CA ASP C 118 21.25 11.17 11.81
C ASP C 118 20.35 12.38 11.57
N PHE C 119 19.30 12.52 12.37
CA PHE C 119 18.29 13.54 12.17
C PHE C 119 18.36 14.67 13.19
N ARG C 120 19.50 14.81 13.89
CA ARG C 120 19.61 15.84 14.92
C ARG C 120 19.52 17.23 14.35
N LEU C 121 20.10 17.46 13.17
CA LEU C 121 20.10 18.77 12.53
C LEU C 121 19.01 18.90 11.46
N PHE C 122 18.03 18.00 11.45
CA PHE C 122 16.96 18.08 10.47
C PHE C 122 16.22 19.40 10.60
N PRO C 123 15.89 20.07 9.49
CA PRO C 123 16.15 19.66 8.10
C PRO C 123 17.45 20.19 7.50
N PHE C 124 18.39 20.63 8.33
CA PHE C 124 19.69 21.13 7.87
C PHE C 124 20.77 20.06 7.94
N ASP C 125 20.40 18.80 7.71
CA ASP C 125 21.30 17.67 7.89
C ASP C 125 21.97 17.26 6.59
N ASN C 126 23.08 16.54 6.73
CA ASN C 126 23.80 15.95 5.61
C ASN C 126 24.05 14.48 5.94
N GLN C 127 23.83 13.61 4.96
CA GLN C 127 23.82 12.16 5.21
C GLN C 127 24.85 11.46 4.33
N LEU C 128 25.15 10.22 4.69
CA LEU C 128 26.10 9.37 4.00
C LEU C 128 25.43 8.08 3.57
N PHE C 129 25.74 7.64 2.35
CA PHE C 129 25.22 6.39 1.79
C PHE C 129 26.37 5.58 1.20
N PHE C 130 26.25 4.26 1.29
CA PHE C 130 27.32 3.39 0.82
C PHE C 130 26.76 2.06 0.34
N ILE C 131 27.55 1.37 -0.47
CA ILE C 131 27.26 0.01 -0.93
C ILE C 131 28.52 -0.83 -0.73
N HIS C 132 28.37 -2.00 -0.12
CA HIS C 132 29.49 -2.87 0.20
C HIS C 132 29.42 -4.15 -0.63
N VAL C 133 30.56 -4.53 -1.22
CA VAL C 133 30.70 -5.79 -1.95
C VAL C 133 31.78 -6.60 -1.24
N ASP C 134 31.43 -7.81 -0.83
CA ASP C 134 32.30 -8.64 -0.01
C ASP C 134 32.64 -9.94 -0.73
N SER C 135 33.89 -10.36 -0.63
CA SER C 135 34.34 -11.64 -1.15
C SER C 135 34.17 -12.72 -0.08
N ILE C 136 33.70 -13.89 -0.50
CA ILE C 136 33.45 -14.98 0.45
C ILE C 136 34.76 -15.69 0.80
N PHE C 137 35.56 -16.02 -0.20
CA PHE C 137 36.81 -16.73 0.05
C PHE C 137 37.88 -15.77 0.59
N PRO C 138 38.81 -16.30 1.39
CA PRO C 138 39.83 -15.43 2.01
C PRO C 138 40.82 -14.90 0.97
N GLN C 139 41.67 -13.99 1.44
CA GLN C 139 42.59 -13.26 0.56
C GLN C 139 43.74 -14.12 0.06
N HIS C 140 43.96 -15.31 0.62
CA HIS C 140 45.01 -16.18 0.10
C HIS C 140 44.58 -16.96 -1.13
N LEU C 141 43.34 -16.79 -1.57
CA LEU C 141 42.83 -17.38 -2.81
C LEU C 141 42.51 -16.32 -3.86
N PHE C 142 41.82 -15.24 -3.48
CA PHE C 142 41.47 -14.18 -4.39
C PHE C 142 41.75 -12.83 -3.74
N ARG C 143 42.06 -11.84 -4.58
CA ARG C 143 42.29 -10.46 -4.14
C ARG C 143 41.54 -9.51 -5.05
N PHE C 144 40.84 -8.55 -4.46
CA PHE C 144 40.10 -7.56 -5.23
C PHE C 144 41.02 -6.42 -5.68
N GLN C 145 40.75 -5.91 -6.87
CA GLN C 145 41.45 -4.76 -7.42
C GLN C 145 40.44 -3.79 -8.01
N GLU C 146 40.84 -2.52 -8.11
CA GLU C 146 39.94 -1.47 -8.56
C GLU C 146 40.06 -1.30 -10.07
N MET C 147 38.95 -1.53 -10.78
CA MET C 147 38.89 -1.24 -12.20
C MET C 147 38.90 0.26 -12.43
N GLN C 148 39.60 0.70 -13.47
CA GLN C 148 39.81 2.12 -13.74
C GLN C 148 38.85 2.60 -14.82
N GLY C 149 38.30 3.80 -14.60
CA GLY C 149 37.50 4.47 -15.62
C GLY C 149 36.06 4.05 -15.71
N PHE C 150 35.53 3.32 -14.73
CA PHE C 150 34.15 2.86 -14.78
C PHE C 150 33.31 3.29 -13.59
N SER C 151 33.87 3.29 -12.38
CA SER C 151 33.10 3.56 -11.19
C SER C 151 32.71 5.03 -11.09
N GLY C 152 31.54 5.27 -10.52
CA GLY C 152 31.05 6.62 -10.32
C GLY C 152 29.53 6.64 -10.33
N LEU C 153 28.99 7.85 -10.47
CA LEU C 153 27.55 8.07 -10.54
C LEU C 153 27.19 8.71 -11.87
N GLY C 154 25.97 8.47 -12.31
CA GLY C 154 25.50 9.00 -13.58
C GLY C 154 25.09 10.45 -13.49
N ASP C 155 24.62 10.97 -14.63
CA ASP C 155 24.20 12.36 -14.76
C ASP C 155 22.71 12.56 -14.56
N GLN C 156 21.88 11.68 -15.12
CA GLN C 156 20.43 11.78 -14.99
C GLN C 156 19.97 10.85 -13.88
N LEU C 157 20.19 11.30 -12.64
CA LEU C 157 19.81 10.50 -11.48
C LEU C 157 18.29 10.54 -11.25
N GLY C 158 17.65 11.68 -11.50
CA GLY C 158 16.23 11.82 -11.34
C GLY C 158 15.76 12.20 -9.95
N GLU C 159 16.68 12.42 -9.01
CA GLU C 159 16.30 12.83 -7.67
C GLU C 159 16.00 14.33 -7.63
N GLU C 160 14.89 14.69 -6.97
CA GLU C 160 14.45 16.07 -6.92
C GLU C 160 14.80 16.80 -5.63
N GLU C 161 14.86 16.08 -4.51
CA GLU C 161 15.07 16.70 -3.21
C GLU C 161 16.53 16.71 -2.76
N TRP C 162 17.29 15.67 -3.09
CA TRP C 162 18.66 15.53 -2.60
C TRP C 162 19.66 15.95 -3.68
N ILE C 163 20.77 16.55 -3.22
CA ILE C 163 21.84 17.00 -4.10
C ILE C 163 23.12 16.30 -3.66
N VAL C 164 23.78 15.63 -4.59
CA VAL C 164 25.02 14.90 -4.30
C VAL C 164 26.18 15.88 -4.23
N THR C 165 27.07 15.67 -3.26
CA THR C 165 28.21 16.55 -3.04
C THR C 165 29.55 15.92 -3.43
N GLU C 166 29.78 14.65 -3.12
CA GLU C 166 31.04 14.02 -3.44
C GLU C 166 30.85 12.52 -3.54
N VAL C 167 31.78 11.86 -4.24
CA VAL C 167 31.76 10.41 -4.46
C VAL C 167 33.18 9.89 -4.30
N ASN C 168 33.31 8.75 -3.61
CA ASN C 168 34.62 8.15 -3.36
C ASN C 168 34.51 6.63 -3.38
N THR C 169 35.64 5.99 -3.67
CA THR C 169 35.76 4.53 -3.63
C THR C 169 37.09 4.16 -2.99
N HIS C 170 37.13 2.99 -2.37
CA HIS C 170 38.35 2.47 -1.75
C HIS C 170 38.16 0.98 -1.48
N LEU C 171 39.17 0.37 -0.87
CA LEU C 171 39.17 -1.06 -0.55
C LEU C 171 39.49 -1.25 0.92
N THR C 172 38.98 -2.36 1.47
CA THR C 172 39.20 -2.71 2.87
C THR C 172 39.05 -4.23 3.01
N THR C 173 38.97 -4.70 4.26
CA THR C 173 38.91 -6.12 4.55
C THR C 173 37.77 -6.41 5.52
N HIS C 174 37.46 -7.71 5.67
CA HIS C 174 36.43 -8.16 6.58
C HIS C 174 36.71 -9.60 6.97
N ASN C 175 36.03 -10.06 8.02
CA ASN C 175 36.20 -11.41 8.55
C ASN C 175 34.83 -12.03 8.86
N GLU C 176 33.90 -11.91 7.90
CA GLU C 176 32.53 -12.35 8.16
C GLU C 176 32.42 -13.87 8.29
N PHE C 177 33.09 -14.61 7.39
CA PHE C 177 32.93 -16.05 7.35
C PHE C 177 34.21 -16.84 7.56
N THR C 178 35.38 -16.18 7.61
CA THR C 178 36.64 -16.88 7.77
C THR C 178 37.49 -16.18 8.81
N LYS C 179 38.38 -16.94 9.44
CA LYS C 179 39.33 -16.36 10.38
C LYS C 179 40.27 -15.38 9.68
N GLY C 180 40.71 -15.72 8.48
CA GLY C 180 41.54 -14.83 7.70
C GLY C 180 40.76 -13.70 7.07
N ASP C 181 41.49 -12.69 6.61
CA ASP C 181 40.87 -11.50 6.03
C ASP C 181 40.39 -11.78 4.61
N ALA C 182 39.32 -11.08 4.23
CA ALA C 182 38.75 -11.17 2.89
C ALA C 182 38.51 -9.76 2.36
N SER C 183 38.60 -9.62 1.04
CA SER C 183 38.54 -8.30 0.41
C SER C 183 37.13 -7.72 0.47
N ARG C 184 37.06 -6.39 0.43
CA ARG C 184 35.80 -5.66 0.39
C ARG C 184 35.93 -4.43 -0.49
N PHE C 185 34.91 -4.16 -1.29
CA PHE C 185 34.86 -3.01 -2.18
C PHE C 185 33.76 -2.07 -1.70
N VAL C 186 34.06 -0.77 -1.65
CA VAL C 186 33.17 0.22 -1.07
C VAL C 186 32.96 1.36 -2.04
N LEU C 187 31.71 1.77 -2.21
CA LEU C 187 31.34 2.97 -2.96
C LEU C 187 30.49 3.86 -2.05
N GLU C 188 30.86 5.14 -1.95
CA GLU C 188 30.22 6.06 -1.03
C GLU C 188 29.91 7.39 -1.70
N PHE C 189 28.89 8.08 -1.18
CA PHE C 189 28.58 9.43 -1.62
C PHE C 189 27.80 10.13 -0.51
N HIS C 190 27.80 11.46 -0.56
CA HIS C 190 27.11 12.31 0.40
C HIS C 190 26.07 13.16 -0.31
N ALA C 191 25.04 13.55 0.43
CA ALA C 191 23.96 14.36 -0.14
C ALA C 191 23.38 15.27 0.92
N GLU C 192 22.78 16.37 0.46
CA GLU C 192 22.08 17.32 1.32
C GLU C 192 20.69 17.57 0.76
N ARG C 193 19.93 18.43 1.41
CA ARG C 193 18.49 18.56 1.18
C ARG C 193 18.14 19.96 0.67
N HIS C 194 17.11 20.01 -0.17
CA HIS C 194 16.53 21.29 -0.60
C HIS C 194 15.60 21.82 0.49
N LEU C 195 15.57 23.14 0.64
CA LEU C 195 14.78 23.79 1.68
C LEU C 195 13.54 24.49 1.16
N ASN C 196 13.30 24.48 -0.16
CA ASN C 196 12.16 25.21 -0.70
C ASN C 196 10.84 24.64 -0.20
N TYR C 197 10.72 23.31 -0.18
CA TYR C 197 9.47 22.68 0.27
C TYR C 197 9.17 23.04 1.72
N TYR C 198 10.18 22.93 2.59
CA TYR C 198 9.97 23.25 4.00
C TYR C 198 9.64 24.72 4.18
N LEU C 199 10.35 25.60 3.48
CA LEU C 199 10.07 27.04 3.59
C LEU C 199 8.64 27.35 3.16
N MET C 200 8.18 26.73 2.07
CA MET C 200 6.85 27.04 1.57
C MET C 200 5.74 26.40 2.40
N ARG C 201 5.99 25.26 3.04
CA ARG C 201 4.92 24.52 3.69
C ARG C 201 4.86 24.68 5.20
N ILE C 202 5.97 25.04 5.87
CA ILE C 202 5.98 25.02 7.33
C ILE C 202 6.23 26.40 7.91
N LEU C 203 7.35 27.02 7.51
CA LEU C 203 7.79 28.25 8.16
C LEU C 203 6.80 29.40 7.93
N ILE C 204 6.34 29.57 6.69
CA ILE C 204 5.47 30.70 6.37
C ILE C 204 4.13 30.64 7.10
N PRO C 205 3.39 29.52 7.09
CA PRO C 205 2.08 29.52 7.78
C PRO C 205 2.18 29.81 9.27
N VAL C 206 3.18 29.28 9.96
CA VAL C 206 3.31 29.51 11.39
C VAL C 206 3.58 30.98 11.68
N LEU C 207 4.49 31.59 10.93
CA LEU C 207 4.78 33.00 11.11
C LEU C 207 3.57 33.86 10.79
N LEU C 208 2.81 33.50 9.74
CA LEU C 208 1.60 34.26 9.42
C LEU C 208 0.57 34.16 10.53
N ILE C 209 0.39 32.97 11.10
CA ILE C 209 -0.56 32.81 12.20
C ILE C 209 -0.14 33.64 13.40
N ILE C 210 1.15 33.59 13.74
CA ILE C 210 1.65 34.39 14.86
C ILE C 210 1.46 35.87 14.59
N THR C 211 1.74 36.30 13.37
CA THR C 211 1.59 37.71 13.01
C THR C 211 0.14 38.16 13.12
N VAL C 212 -0.80 37.33 12.66
CA VAL C 212 -2.21 37.71 12.76
C VAL C 212 -2.66 37.72 14.22
N SER C 213 -2.18 36.77 15.02
CA SER C 213 -2.53 36.75 16.43
C SER C 213 -2.01 38.00 17.15
N TRP C 214 -0.80 38.45 16.81
CA TRP C 214 -0.28 39.68 17.39
C TRP C 214 -0.98 40.92 16.81
N PHE C 215 -1.43 40.86 15.56
CA PHE C 215 -2.22 41.95 15.00
C PHE C 215 -3.52 42.13 15.76
N THR C 216 -4.15 41.03 16.15
CA THR C 216 -5.42 41.10 16.87
C THR C 216 -5.29 41.69 18.27
N PHE C 217 -4.06 41.84 18.78
CA PHE C 217 -3.88 42.34 20.15
C PHE C 217 -4.24 43.82 20.29
N PHE C 218 -4.29 44.58 19.19
CA PHE C 218 -4.56 46.01 19.30
C PHE C 218 -6.03 46.33 19.56
N LEU C 219 -6.92 45.33 19.52
CA LEU C 219 -8.33 45.55 19.83
C LEU C 219 -8.58 45.71 21.32
N GLN C 220 -7.61 45.34 22.16
CA GLN C 220 -7.75 45.42 23.62
C GLN C 220 -8.94 44.60 24.11
N ASP C 221 -8.96 43.32 23.71
CA ASP C 221 -10.02 42.39 24.09
C ASP C 221 -9.37 41.13 24.65
N TYR C 222 -9.29 41.04 25.99
CA TYR C 222 -8.59 39.94 26.64
C TYR C 222 -9.27 38.61 26.36
N THR C 223 -10.60 38.57 26.39
CA THR C 223 -11.32 37.33 26.13
C THR C 223 -11.09 36.84 24.71
N LYS C 224 -11.12 37.76 23.74
CA LYS C 224 -10.86 37.38 22.36
C LYS C 224 -9.42 36.88 22.18
N ARG C 225 -8.48 37.51 22.88
CA ARG C 225 -7.10 37.02 22.85
C ARG C 225 -7.01 35.60 23.40
N ILE C 226 -7.71 35.34 24.50
CA ILE C 226 -7.70 34.00 25.10
C ILE C 226 -8.25 32.98 24.12
N ASP C 227 -9.39 33.30 23.48
CA ASP C 227 -10.01 32.37 22.55
C ASP C 227 -9.12 32.10 21.34
N LEU C 228 -8.49 33.16 20.80
CA LEU C 228 -7.60 32.98 19.66
C LEU C 228 -6.39 32.13 20.03
N ALA C 229 -5.81 32.37 21.21
CA ALA C 229 -4.68 31.57 21.65
C ALA C 229 -5.08 30.11 21.83
N GLY C 230 -6.28 29.88 22.38
CA GLY C 230 -6.77 28.51 22.53
C GLY C 230 -6.93 27.79 21.20
N GLY C 231 -7.42 28.50 20.18
CA GLY C 231 -7.49 27.89 18.86
C GLY C 231 -6.12 27.63 18.27
N ASN C 232 -5.19 28.58 18.44
CA ASN C 232 -3.85 28.41 17.88
C ASN C 232 -3.10 27.26 18.55
N LEU C 233 -3.39 26.98 19.82
CA LEU C 233 -2.77 25.83 20.47
C LEU C 233 -3.16 24.54 19.78
N LEU C 234 -4.45 24.37 19.46
CA LEU C 234 -4.90 23.19 18.74
C LEU C 234 -4.31 23.14 17.34
N LEU C 235 -4.21 24.30 16.68
CA LEU C 235 -3.58 24.34 15.36
C LEU C 235 -2.13 23.87 15.42
N PHE C 236 -1.39 24.33 16.43
CA PHE C 236 0.00 23.92 16.59
C PHE C 236 0.12 22.44 16.91
N ILE C 237 -0.81 21.91 17.71
CA ILE C 237 -0.81 20.47 18.00
C ILE C 237 -1.03 19.67 16.72
N ALA C 238 -1.97 20.11 15.88
CA ALA C 238 -2.20 19.44 14.60
C ALA C 238 -0.96 19.51 13.71
N PHE C 239 -0.29 20.66 13.69
CA PHE C 239 0.94 20.79 12.91
C PHE C 239 2.01 19.82 13.40
N ASN C 240 2.17 19.72 14.73
CA ASN C 240 3.17 18.80 15.28
C ASN C 240 2.85 17.35 14.91
N PHE C 241 1.58 16.97 15.02
CA PHE C 241 1.20 15.60 14.67
C PHE C 241 1.44 15.32 13.19
N THR C 242 1.15 16.31 12.32
CA THR C 242 1.41 16.13 10.90
C THR C 242 2.91 15.99 10.63
N ILE C 243 3.73 16.79 11.31
CA ILE C 243 5.18 16.75 11.08
C ILE C 243 5.76 15.43 11.55
N SER C 244 5.27 14.90 12.67
CA SER C 244 5.90 13.72 13.27
C SER C 244 5.83 12.48 12.37
N SER C 245 4.96 12.48 11.36
CA SER C 245 4.76 11.28 10.54
C SER C 245 5.85 11.05 9.51
N ASP C 246 6.73 12.02 9.27
CA ASP C 246 7.75 11.91 8.23
C ASP C 246 9.06 11.30 8.72
N LEU C 247 9.18 11.01 10.02
CA LEU C 247 10.41 10.51 10.60
C LEU C 247 10.13 9.27 11.42
N PRO C 248 11.14 8.42 11.64
CA PRO C 248 10.97 7.28 12.55
C PRO C 248 10.79 7.75 13.98
N ARG C 249 10.38 6.81 14.82
CA ARG C 249 10.16 7.09 16.24
C ARG C 249 11.52 7.09 16.95
N LEU C 250 12.23 8.22 16.78
CA LEU C 250 13.58 8.34 17.29
C LEU C 250 13.60 8.48 18.81
N GLY C 251 14.74 8.15 19.39
CA GLY C 251 14.98 8.27 20.81
C GLY C 251 15.58 9.59 21.26
N TYR C 252 15.70 10.58 20.37
CA TYR C 252 16.29 11.87 20.71
C TYR C 252 15.44 12.98 20.10
N ILE C 253 15.60 14.18 20.66
CA ILE C 253 14.79 15.34 20.30
C ILE C 253 15.48 16.10 19.17
N THR C 254 14.68 16.60 18.23
CA THR C 254 15.17 17.33 17.07
C THR C 254 14.80 18.80 17.13
N LEU C 255 15.40 19.55 16.19
CA LEU C 255 15.21 20.99 16.14
C LEU C 255 13.76 21.36 15.85
N MET C 256 13.10 20.62 14.95
CA MET C 256 11.69 20.91 14.66
C MET C 256 10.81 20.67 15.88
N ASP C 257 11.07 19.59 16.63
CA ASP C 257 10.30 19.33 17.84
C ASP C 257 10.51 20.43 18.87
N ALA C 258 11.76 20.86 19.05
CA ALA C 258 12.02 21.96 19.98
C ALA C 258 11.31 23.24 19.52
N PHE C 259 11.30 23.49 18.20
CA PHE C 259 10.64 24.66 17.65
C PHE C 259 9.14 24.64 17.94
N LEU C 260 8.52 23.46 17.84
CA LEU C 260 7.09 23.35 18.12
C LEU C 260 6.81 23.48 19.62
N VAL C 261 7.67 22.90 20.46
CA VAL C 261 7.48 23.00 21.90
C VAL C 261 7.61 24.44 22.37
N GLY C 262 8.53 25.20 21.77
CA GLY C 262 8.64 26.60 22.11
C GLY C 262 7.35 27.36 21.82
N THR C 263 6.71 27.08 20.69
CA THR C 263 5.44 27.71 20.37
C THR C 263 4.37 27.30 21.37
N PHE C 264 4.35 26.03 21.77
CA PHE C 264 3.41 25.58 22.80
C PHE C 264 3.57 26.40 24.07
N ILE C 265 4.82 26.54 24.52
CA ILE C 265 5.09 27.24 25.78
C ILE C 265 4.69 28.70 25.68
N ILE C 266 5.02 29.34 24.55
CA ILE C 266 4.71 30.75 24.39
C ILE C 266 3.19 30.97 24.36
N THR C 267 2.45 30.08 23.69
CA THR C 267 1.00 30.19 23.69
C THR C 267 0.43 30.05 25.10
N ALA C 268 0.97 29.10 25.87
CA ALA C 268 0.50 28.93 27.26
C ALA C 268 0.77 30.18 28.09
N LEU C 269 1.95 30.77 27.93
CA LEU C 269 2.29 31.99 28.68
C LEU C 269 1.36 33.14 28.29
N VAL C 270 1.06 33.27 26.99
CA VAL C 270 0.15 34.32 26.54
C VAL C 270 -1.24 34.12 27.16
N VAL C 271 -1.71 32.88 27.20
CA VAL C 271 -3.01 32.60 27.81
C VAL C 271 -3.00 33.01 29.27
N LEU C 272 -1.95 32.65 30.00
CA LEU C 272 -1.87 32.99 31.41
C LEU C 272 -1.88 34.50 31.63
N GLY C 273 -1.09 35.22 30.82
CA GLY C 273 -1.05 36.67 30.97
C GLY C 273 -2.39 37.33 30.68
N ASN C 274 -3.07 36.87 29.63
CA ASN C 274 -4.38 37.43 29.31
C ASN C 274 -5.40 37.14 30.41
N VAL C 275 -5.34 35.94 30.99
CA VAL C 275 -6.24 35.61 32.09
C VAL C 275 -5.98 36.52 33.29
N TRP C 276 -4.70 36.77 33.60
CA TRP C 276 -4.39 37.66 34.72
C TRP C 276 -4.89 39.08 34.45
N LEU C 277 -4.72 39.57 33.21
CA LEU C 277 -5.21 40.90 32.87
C LEU C 277 -6.73 40.99 33.01
N ARG C 278 -7.44 39.96 32.54
CA ARG C 278 -8.89 39.96 32.67
C ARG C 278 -9.33 39.94 34.13
N ARG C 279 -8.64 39.15 34.96
CA ARG C 279 -8.96 39.12 36.38
C ARG C 279 -8.71 40.48 37.04
N LEU C 280 -7.63 41.16 36.64
CA LEU C 280 -7.39 42.51 37.15
C LEU C 280 -8.49 43.46 36.73
N GLU C 281 -8.94 43.37 35.48
CA GLU C 281 -9.99 44.26 35.00
C GLU C 281 -11.31 44.01 35.74
N ASN C 282 -11.61 42.75 36.05
CA ASN C 282 -12.88 42.41 36.68
C ASN C 282 -13.03 43.00 38.08
N HIS C 283 -11.93 43.40 38.73
CA HIS C 283 -11.97 43.90 40.10
C HIS C 283 -11.81 45.41 40.17
N GLY C 284 -12.11 46.13 39.10
CA GLY C 284 -12.02 47.58 39.12
C GLY C 284 -10.63 48.14 38.94
N LYS C 285 -9.68 47.32 38.50
CA LYS C 285 -8.30 47.75 38.26
C LYS C 285 -8.01 47.96 36.78
N GLN C 286 -8.99 48.53 36.06
CA GLN C 286 -8.83 48.75 34.63
C GLN C 286 -7.66 49.68 34.33
N ALA C 287 -7.38 50.64 35.21
CA ALA C 287 -6.23 51.52 35.01
C ALA C 287 -4.93 50.72 35.08
N LEU C 288 -4.82 49.80 36.06
CA LEU C 288 -3.63 48.97 36.16
C LEU C 288 -3.51 48.05 34.95
N ALA C 289 -4.63 47.49 34.49
CA ALA C 289 -4.60 46.64 33.31
C ALA C 289 -4.14 47.41 32.07
N ARG C 290 -4.64 48.64 31.90
CA ARG C 290 -4.21 49.46 30.78
C ARG C 290 -2.74 49.84 30.89
N LYS C 291 -2.26 50.08 32.11
CA LYS C 291 -0.84 50.38 32.31
C LYS C 291 0.04 49.19 31.92
N LEU C 292 -0.38 47.97 32.29
CA LEU C 292 0.41 46.78 31.99
C LEU C 292 0.20 46.27 30.56
N ASP C 293 -0.82 46.77 29.85
CA ASP C 293 -1.09 46.29 28.50
C ASP C 293 0.05 46.61 27.54
N ILE C 294 0.71 47.75 27.70
CA ILE C 294 1.81 48.10 26.80
C ILE C 294 2.95 47.10 26.96
N TYR C 295 3.30 46.76 28.21
CA TYR C 295 4.34 45.74 28.44
C TYR C 295 3.91 44.40 27.89
N ALA C 296 2.64 44.03 28.09
CA ALA C 296 2.15 42.75 27.58
C ALA C 296 2.26 42.68 26.06
N ILE C 297 1.94 43.77 25.38
CA ILE C 297 2.05 43.80 23.92
C ILE C 297 3.51 43.76 23.48
N THR C 298 4.37 44.53 24.14
CA THR C 298 5.77 44.61 23.71
C THR C 298 6.56 43.35 24.04
N SER C 299 6.09 42.52 24.96
CA SER C 299 6.82 41.31 25.31
C SER C 299 6.58 40.16 24.33
N TYR C 300 5.74 40.34 23.31
CA TYR C 300 5.39 39.22 22.44
C TYR C 300 6.51 38.82 21.49
N PRO C 301 7.05 39.71 20.64
CA PRO C 301 8.05 39.25 19.66
C PRO C 301 9.42 38.95 20.28
N LEU C 302 9.76 39.61 21.38
CA LEU C 302 11.05 39.36 22.01
C LEU C 302 11.18 37.93 22.51
N ALA C 303 10.06 37.34 22.96
CA ALA C 303 10.09 35.95 23.40
C ALA C 303 10.46 35.01 22.24
N TYR C 304 9.86 35.22 21.07
CA TYR C 304 10.19 34.39 19.92
C TYR C 304 11.62 34.63 19.45
N LEU C 305 12.08 35.88 19.48
CA LEU C 305 13.47 36.16 19.11
C LEU C 305 14.44 35.45 20.04
N LEU C 306 14.18 35.52 21.35
CA LEU C 306 15.04 34.85 22.32
C LEU C 306 14.99 33.34 22.15
N GLY C 307 13.81 32.80 21.83
CA GLY C 307 13.71 31.37 21.60
C GLY C 307 14.49 30.91 20.38
N ALA C 308 14.43 31.68 19.30
CA ALA C 308 15.22 31.36 18.12
C ALA C 308 16.71 31.43 18.42
N LEU C 309 17.14 32.46 19.16
CA LEU C 309 18.54 32.57 19.54
C LEU C 309 18.97 31.39 20.41
N THR C 310 18.13 30.99 21.36
CA THR C 310 18.46 29.87 22.23
C THR C 310 18.55 28.57 21.44
N LEU C 311 17.64 28.36 20.49
CA LEU C 311 17.71 27.16 19.65
C LEU C 311 18.99 27.15 18.83
N TRP C 312 19.36 28.28 18.26
CA TRP C 312 20.61 28.35 17.50
C TRP C 312 21.81 28.05 18.39
N LEU C 313 21.83 28.61 19.60
CA LEU C 313 22.94 28.36 20.51
C LEU C 313 23.01 26.89 20.90
N LEU C 314 21.85 26.27 21.15
CA LEU C 314 21.83 24.89 21.61
C LEU C 314 22.24 23.91 20.52
N PHE C 315 21.76 24.13 19.29
CA PHE C 315 21.96 23.14 18.24
C PHE C 315 23.16 23.41 17.34
N PHE C 316 23.56 24.67 17.16
CA PHE C 316 24.70 24.98 16.31
C PHE C 316 25.82 25.62 17.12
N GLU D 7 32.27 -7.34 -42.02
CA GLU D 7 31.30 -6.25 -42.05
C GLU D 7 30.17 -6.51 -41.05
N PRO D 8 29.70 -5.45 -40.40
CA PRO D 8 28.63 -5.61 -39.42
C PRO D 8 27.31 -6.03 -40.08
N SER D 9 26.49 -6.72 -39.30
CA SER D 9 25.19 -7.20 -39.75
C SER D 9 24.10 -6.25 -39.28
N ASP D 10 23.03 -6.17 -40.07
CA ASP D 10 21.94 -5.24 -39.81
C ASP D 10 20.88 -5.91 -38.93
N VAL D 11 20.37 -5.15 -37.96
CA VAL D 11 19.32 -5.60 -37.06
C VAL D 11 18.17 -4.62 -37.15
N PHE D 12 16.98 -5.12 -37.50
CA PHE D 12 15.79 -4.29 -37.64
C PHE D 12 14.98 -4.35 -36.35
N ILE D 13 14.57 -3.18 -35.87
CA ILE D 13 13.93 -3.04 -34.56
C ILE D 13 12.59 -2.35 -34.72
N GLY D 14 11.57 -2.87 -34.05
CA GLY D 14 10.27 -2.24 -34.00
C GLY D 14 9.62 -2.34 -32.63
N LEU D 15 8.95 -1.28 -32.18
CA LEU D 15 8.35 -1.25 -30.85
C LEU D 15 7.01 -0.53 -30.91
N LYS D 16 5.99 -1.12 -30.31
CA LYS D 16 4.66 -0.55 -30.27
C LYS D 16 4.13 -0.59 -28.84
N ILE D 17 3.38 0.45 -28.46
CA ILE D 17 2.79 0.56 -27.13
C ILE D 17 1.29 0.35 -27.26
N ASP D 18 0.75 -0.60 -26.49
CA ASP D 18 -0.66 -0.94 -26.53
C ASP D 18 -1.48 -0.29 -25.44
N GLN D 19 -0.97 -0.24 -24.21
CA GLN D 19 -1.70 0.30 -23.07
C GLN D 19 -0.81 1.23 -22.26
N ILE D 20 -1.44 2.22 -21.63
CA ILE D 20 -0.80 3.08 -20.64
C ILE D 20 -1.53 2.82 -19.33
N THR D 21 -0.91 2.04 -18.44
CA THR D 21 -1.58 1.59 -17.22
C THR D 21 -1.50 2.62 -16.09
N GLY D 22 -0.70 3.66 -16.23
CA GLY D 22 -0.63 4.68 -15.19
C GLY D 22 0.56 5.61 -15.29
N ILE D 23 0.38 6.85 -14.85
CA ILE D 23 1.45 7.84 -14.79
C ILE D 23 1.53 8.35 -13.36
N ASN D 24 2.71 8.20 -12.74
CA ASN D 24 2.93 8.58 -11.36
C ASN D 24 3.86 9.79 -11.35
N GLN D 25 3.28 10.99 -11.26
CA GLN D 25 4.08 12.21 -11.24
C GLN D 25 4.81 12.39 -9.92
N LYS D 26 4.30 11.83 -8.83
CA LYS D 26 4.99 11.93 -7.55
C LYS D 26 6.34 11.22 -7.59
N GLU D 27 6.38 10.03 -8.20
CA GLU D 27 7.62 9.27 -8.36
C GLU D 27 8.27 9.49 -9.71
N GLU D 28 7.63 10.20 -10.63
CA GLU D 28 8.17 10.52 -11.95
C GLU D 28 8.52 9.24 -12.73
N ASN D 29 7.49 8.44 -12.99
CA ASN D 29 7.64 7.24 -13.80
C ASN D 29 6.28 6.90 -14.41
N PHE D 30 6.31 5.99 -15.39
CA PHE D 30 5.08 5.55 -16.05
C PHE D 30 5.23 4.07 -16.42
N SER D 31 4.09 3.42 -16.61
CA SER D 31 4.04 1.99 -16.91
C SER D 31 3.19 1.77 -18.15
N VAL D 32 3.63 0.84 -19.01
CA VAL D 32 2.99 0.57 -20.28
C VAL D 32 2.97 -0.94 -20.53
N VAL D 33 2.18 -1.33 -21.53
CA VAL D 33 2.18 -2.69 -22.07
C VAL D 33 2.47 -2.58 -23.55
N GLY D 34 3.51 -3.27 -24.02
CA GLY D 34 3.99 -3.11 -25.38
C GLY D 34 4.45 -4.42 -25.99
N SER D 35 4.84 -4.34 -27.26
CA SER D 35 5.31 -5.48 -28.02
C SER D 35 6.57 -5.11 -28.79
N LEU D 36 7.51 -6.04 -28.87
CA LEU D 36 8.78 -5.83 -29.55
C LEU D 36 8.93 -6.85 -30.68
N ARG D 37 9.40 -6.37 -31.83
CA ARG D 37 9.63 -7.21 -33.00
C ARG D 37 11.02 -6.94 -33.55
N ILE D 38 11.78 -8.01 -33.79
CA ILE D 38 13.14 -7.91 -34.31
C ILE D 38 13.33 -8.90 -35.44
N ASP D 39 14.00 -8.47 -36.51
CA ASP D 39 14.35 -9.32 -37.63
C ASP D 39 15.86 -9.30 -37.84
N TRP D 40 16.46 -10.49 -37.91
CA TRP D 40 17.91 -10.61 -38.06
C TRP D 40 18.22 -11.84 -38.89
N ARG D 41 19.13 -11.68 -39.85
CA ARG D 41 19.48 -12.75 -40.79
C ARG D 41 20.91 -13.22 -40.53
N GLN D 42 21.06 -14.53 -40.37
CA GLN D 42 22.38 -15.15 -40.19
C GLN D 42 22.51 -16.29 -41.18
N PRO D 43 23.41 -16.19 -42.17
CA PRO D 43 23.53 -17.26 -43.17
C PRO D 43 23.94 -18.61 -42.61
N LEU D 44 24.59 -18.64 -41.44
CA LEU D 44 25.04 -19.90 -40.86
C LEU D 44 23.90 -20.74 -40.31
N LEU D 45 22.68 -20.19 -40.22
CA LEU D 45 21.53 -20.92 -39.72
C LEU D 45 20.65 -21.47 -40.83
N ALA D 46 21.11 -21.42 -42.08
CA ALA D 46 20.32 -21.93 -43.20
C ALA D 46 20.19 -23.45 -43.10
N PHE D 47 19.05 -23.95 -43.60
CA PHE D 47 18.77 -25.38 -43.56
C PHE D 47 17.89 -25.74 -44.76
N GLU D 48 17.71 -27.04 -44.95
CA GLU D 48 16.83 -27.58 -45.98
C GLU D 48 15.77 -28.45 -45.32
N HIS D 49 14.50 -28.17 -45.62
CA HIS D 49 13.41 -28.88 -44.99
C HIS D 49 13.27 -30.29 -45.57
N ALA D 50 12.98 -31.25 -44.70
CA ALA D 50 12.70 -32.62 -45.12
C ALA D 50 11.26 -32.73 -45.61
N PRO D 51 10.97 -33.69 -46.48
CA PRO D 51 9.58 -33.87 -46.94
C PRO D 51 8.65 -34.15 -45.78
N GLY D 52 7.46 -33.55 -45.84
CA GLY D 52 6.48 -33.66 -44.78
C GLY D 52 6.65 -32.67 -43.65
N GLU D 53 7.69 -31.84 -43.68
CA GLU D 53 7.97 -30.86 -42.64
C GLU D 53 7.65 -29.45 -43.11
N PRO D 54 7.27 -28.55 -42.20
CA PRO D 54 6.97 -27.18 -42.60
C PRO D 54 8.20 -26.43 -43.06
N LYS D 55 7.96 -25.39 -43.86
CA LYS D 55 9.05 -24.59 -44.40
C LYS D 55 9.68 -23.67 -43.36
N HIS D 56 9.00 -23.46 -42.23
CA HIS D 56 9.51 -22.66 -41.12
C HIS D 56 9.54 -23.49 -39.85
N ARG D 57 10.53 -23.22 -39.00
CA ARG D 57 10.71 -23.95 -37.76
C ARG D 57 10.41 -23.05 -36.57
N THR D 58 9.79 -23.62 -35.53
CA THR D 58 9.41 -22.91 -34.33
C THR D 58 10.26 -23.39 -33.16
N TYR D 59 10.77 -22.45 -32.37
CA TYR D 59 11.66 -22.77 -31.26
C TYR D 59 11.24 -22.01 -30.02
N THR D 60 11.57 -22.57 -28.86
CA THR D 60 11.56 -21.83 -27.62
C THR D 60 12.88 -21.09 -27.45
N LEU D 61 12.88 -20.10 -26.55
CA LEU D 61 14.06 -19.27 -26.39
C LEU D 61 15.27 -20.08 -25.90
N ALA D 62 15.05 -20.97 -24.93
CA ALA D 62 16.16 -21.74 -24.37
C ALA D 62 16.79 -22.65 -25.41
N THR D 63 15.97 -23.34 -26.21
CA THR D 63 16.51 -24.22 -27.23
C THR D 63 17.25 -23.44 -28.30
N PHE D 64 16.73 -22.28 -28.68
CA PHE D 64 17.43 -21.44 -29.66
C PHE D 64 18.77 -20.97 -29.14
N LEU D 65 18.82 -20.56 -27.87
CA LEU D 65 20.10 -20.15 -27.28
C LEU D 65 21.08 -21.31 -27.20
N LYS D 66 20.59 -22.50 -26.85
CA LYS D 66 21.46 -23.67 -26.82
C LYS D 66 22.00 -24.00 -28.21
N LEU D 67 21.15 -23.89 -29.25
CA LEU D 67 21.60 -24.12 -30.61
C LEU D 67 22.66 -23.10 -31.02
N LEU D 68 22.45 -21.83 -30.67
CA LEU D 68 23.44 -20.81 -31.00
C LEU D 68 24.77 -21.07 -30.29
N GLU D 69 24.71 -21.49 -29.01
CA GLU D 69 25.93 -21.81 -28.30
C GLU D 69 26.64 -23.02 -28.90
N GLU D 70 25.88 -24.03 -29.31
CA GLU D 70 26.49 -25.20 -29.95
C GLU D 70 27.16 -24.81 -31.27
N LYS D 71 26.53 -23.94 -32.05
CA LYS D 71 27.14 -23.47 -33.29
C LYS D 71 28.13 -22.33 -33.07
N GLN D 72 28.24 -21.82 -31.85
CA GLN D 72 29.18 -20.74 -31.49
C GLN D 72 28.95 -19.51 -32.36
N ILE D 73 27.74 -18.95 -32.22
CA ILE D 73 27.34 -17.75 -32.97
C ILE D 73 26.98 -16.67 -31.97
N ARG D 74 27.56 -15.49 -32.14
CA ARG D 74 27.27 -14.36 -31.27
C ARG D 74 25.90 -13.78 -31.58
N TRP D 75 25.13 -13.50 -30.51
CA TRP D 75 23.81 -12.91 -30.69
C TRP D 75 23.81 -11.44 -30.24
N PRO D 76 22.97 -10.61 -30.86
CA PRO D 76 22.93 -9.17 -30.52
C PRO D 76 22.17 -8.85 -29.23
N ALA D 77 22.88 -8.95 -28.10
CA ALA D 77 22.27 -8.65 -26.81
C ALA D 77 21.93 -7.16 -26.72
N PHE D 78 20.80 -6.86 -26.08
CA PHE D 78 20.33 -5.50 -25.91
C PHE D 78 19.72 -5.34 -24.52
N THR D 79 19.41 -4.10 -24.16
CA THR D 79 18.84 -3.80 -22.86
C THR D 79 17.98 -2.55 -22.95
N TYR D 80 17.03 -2.44 -22.02
CA TYR D 80 16.22 -1.24 -21.86
C TYR D 80 16.93 -0.31 -20.87
N HIS D 81 17.41 0.83 -21.36
CA HIS D 81 18.29 1.68 -20.55
C HIS D 81 17.57 2.27 -19.35
N ASN D 82 16.34 2.75 -19.53
CA ASN D 82 15.61 3.45 -18.48
C ASN D 82 14.55 2.57 -17.82
N GLN D 83 14.72 1.24 -17.87
CA GLN D 83 13.78 0.34 -17.21
C GLN D 83 13.96 0.40 -15.70
N GLN D 84 12.84 0.32 -14.97
CA GLN D 84 12.84 0.27 -13.52
C GLN D 84 12.06 -0.95 -13.06
N GLY D 85 12.66 -1.71 -12.14
CA GLY D 85 11.97 -2.85 -11.56
C GLY D 85 11.98 -4.07 -12.46
N ARG D 86 11.06 -4.99 -12.15
CA ARG D 86 10.95 -6.26 -12.87
C ARG D 86 10.02 -6.13 -14.06
N MET D 87 10.39 -6.78 -15.16
CA MET D 87 9.56 -6.83 -16.36
C MET D 87 8.90 -8.19 -16.46
N ASP D 88 7.58 -8.20 -16.62
CA ASP D 88 6.81 -9.43 -16.71
C ASP D 88 6.60 -9.78 -18.18
N PHE D 89 7.08 -10.95 -18.59
CA PHE D 89 6.98 -11.42 -19.97
C PHE D 89 5.78 -12.34 -20.13
N GLN D 90 5.03 -12.13 -21.21
CA GLN D 90 3.89 -13.00 -21.54
C GLN D 90 4.20 -13.94 -22.69
N ASN D 91 4.82 -13.46 -23.77
CA ASN D 91 5.17 -14.30 -24.91
C ASN D 91 6.59 -14.00 -25.36
N ARG D 92 7.34 -15.06 -25.68
CA ARG D 92 8.68 -14.95 -26.24
C ARG D 92 8.82 -16.07 -27.27
N LEU D 93 8.63 -15.72 -28.54
CA LEU D 93 8.54 -16.69 -29.62
C LEU D 93 9.66 -16.49 -30.63
N ILE D 94 10.09 -17.60 -31.24
CA ILE D 94 11.19 -17.60 -32.21
C ILE D 94 10.71 -18.31 -33.47
N SER D 95 10.96 -17.70 -34.63
CA SER D 95 10.64 -18.30 -35.92
C SER D 95 11.86 -18.18 -36.83
N LEU D 96 12.21 -19.27 -37.50
CA LEU D 96 13.39 -19.33 -38.36
C LEU D 96 12.99 -19.78 -39.76
N SER D 97 13.50 -19.10 -40.77
CA SER D 97 13.25 -19.45 -42.16
C SER D 97 14.43 -20.22 -42.73
N GLU D 98 14.23 -20.76 -43.93
CA GLU D 98 15.26 -21.59 -44.55
C GLU D 98 16.50 -20.80 -44.93
N ASP D 99 16.36 -19.51 -45.22
CA ASP D 99 17.50 -18.69 -45.61
C ASP D 99 18.28 -18.16 -44.42
N GLY D 100 17.84 -18.42 -43.19
CA GLY D 100 18.54 -17.98 -42.01
C GLY D 100 17.98 -16.74 -41.35
N THR D 101 16.83 -16.25 -41.78
CA THR D 101 16.22 -15.07 -41.18
C THR D 101 15.49 -15.46 -39.89
N VAL D 102 15.77 -14.74 -38.81
CA VAL D 102 15.19 -15.01 -37.50
C VAL D 102 14.19 -13.91 -37.18
N MET D 103 13.00 -14.31 -36.74
CA MET D 103 11.94 -13.39 -36.33
C MET D 103 11.62 -13.60 -34.86
N TYR D 104 11.57 -12.51 -34.10
CA TYR D 104 11.41 -12.56 -32.65
C TYR D 104 10.27 -11.66 -32.22
N LEU D 105 9.47 -12.14 -31.26
CA LEU D 105 8.35 -11.40 -30.71
C LEU D 105 8.43 -11.42 -29.18
N GLU D 106 8.13 -10.29 -28.56
CA GLU D 106 8.21 -10.16 -27.11
C GLU D 106 7.08 -9.27 -26.62
N ARG D 107 6.28 -9.79 -25.68
CA ARG D 107 5.21 -9.04 -25.03
C ARG D 107 5.56 -8.88 -23.55
N PHE D 108 5.37 -7.66 -23.03
CA PHE D 108 5.85 -7.35 -21.69
C PHE D 108 5.00 -6.26 -21.06
N THR D 109 5.13 -6.14 -19.74
CA THR D 109 4.62 -5.02 -18.97
C THR D 109 5.73 -4.55 -18.04
N SER D 110 5.99 -3.25 -18.00
CA SER D 110 7.13 -2.74 -17.23
C SER D 110 6.92 -1.26 -16.94
N THR D 111 7.76 -0.74 -16.05
CA THR D 111 7.76 0.67 -15.65
C THR D 111 9.06 1.32 -16.13
N PHE D 112 8.97 2.58 -16.54
CA PHE D 112 10.12 3.30 -17.09
C PHE D 112 10.26 4.65 -16.41
N GLN D 113 11.51 5.12 -16.34
CA GLN D 113 11.82 6.40 -15.72
C GLN D 113 11.45 7.55 -16.64
N ALA D 114 11.03 8.67 -16.03
CA ALA D 114 10.68 9.89 -16.76
C ALA D 114 11.42 11.07 -16.12
N PRO D 115 12.69 11.26 -16.47
CA PRO D 115 13.49 12.32 -15.85
C PRO D 115 13.33 13.69 -16.49
N ALA D 116 12.39 13.88 -17.41
CA ALA D 116 12.21 15.15 -18.10
C ALA D 116 11.05 15.97 -17.56
N PHE D 117 10.51 15.61 -16.39
CA PHE D 117 9.37 16.32 -15.85
C PHE D 117 9.73 17.75 -15.47
N ASP D 118 8.77 18.66 -15.69
CA ASP D 118 8.92 20.06 -15.31
C ASP D 118 7.55 20.58 -14.88
N PHE D 119 7.45 21.01 -13.62
CA PHE D 119 6.16 21.40 -13.03
C PHE D 119 6.03 22.91 -12.87
N ARG D 120 6.85 23.70 -13.56
CA ARG D 120 6.81 25.16 -13.38
C ARG D 120 5.48 25.74 -13.85
N LEU D 121 4.91 25.21 -14.93
CA LEU D 121 3.65 25.69 -15.47
C LEU D 121 2.45 24.85 -15.05
N PHE D 122 2.61 24.03 -14.03
CA PHE D 122 1.51 23.19 -13.55
C PHE D 122 0.35 24.08 -13.10
N PRO D 123 -0.90 23.74 -13.46
CA PRO D 123 -1.30 22.55 -14.23
C PRO D 123 -1.42 22.78 -15.74
N PHE D 124 -0.81 23.83 -16.27
CA PHE D 124 -0.82 24.12 -17.70
C PHE D 124 0.43 23.62 -18.39
N ASP D 125 0.99 22.51 -17.93
CA ASP D 125 2.28 22.01 -18.40
C ASP D 125 2.10 20.96 -19.50
N ASN D 126 3.18 20.76 -20.25
CA ASN D 126 3.27 19.73 -21.29
C ASN D 126 4.56 18.96 -21.07
N GLN D 127 4.49 17.63 -21.14
CA GLN D 127 5.61 16.78 -20.75
C GLN D 127 6.04 15.88 -21.89
N LEU D 128 7.23 15.31 -21.73
CA LEU D 128 7.85 14.42 -22.72
C LEU D 128 8.16 13.08 -22.08
N PHE D 129 7.89 12.00 -22.81
CA PHE D 129 8.18 10.65 -22.36
C PHE D 129 8.92 9.89 -23.47
N PHE D 130 9.81 8.99 -23.07
CA PHE D 130 10.61 8.26 -24.04
C PHE D 130 10.99 6.89 -23.50
N ILE D 131 11.35 6.00 -24.42
CA ILE D 131 11.88 4.68 -24.11
C ILE D 131 13.13 4.45 -24.95
N HIS D 132 14.21 4.02 -24.31
CA HIS D 132 15.49 3.83 -24.97
C HIS D 132 15.85 2.35 -25.04
N VAL D 133 16.28 1.90 -26.22
CA VAL D 133 16.79 0.54 -26.42
C VAL D 133 18.23 0.65 -26.88
N ASP D 134 19.14 0.02 -26.15
CA ASP D 134 20.57 0.16 -26.38
C ASP D 134 21.19 -1.19 -26.74
N SER D 135 22.10 -1.17 -27.70
CA SER D 135 22.87 -2.35 -28.07
C SER D 135 24.14 -2.42 -27.23
N ILE D 136 24.49 -3.63 -26.78
CA ILE D 136 25.65 -3.81 -25.92
C ILE D 136 26.94 -3.81 -26.74
N PHE D 137 26.95 -4.56 -27.84
CA PHE D 137 28.14 -4.65 -28.67
C PHE D 137 28.30 -3.40 -29.54
N PRO D 138 29.53 -3.04 -29.89
CA PRO D 138 29.76 -1.82 -30.66
C PRO D 138 29.26 -1.96 -32.09
N GLN D 139 29.30 -0.82 -32.81
CA GLN D 139 28.71 -0.74 -34.14
C GLN D 139 29.53 -1.45 -35.20
N HIS D 140 30.76 -1.88 -34.91
CA HIS D 140 31.53 -2.63 -35.89
C HIS D 140 31.15 -4.11 -35.92
N LEU D 141 30.22 -4.53 -35.06
CA LEU D 141 29.67 -5.89 -35.07
C LEU D 141 28.21 -5.92 -35.47
N PHE D 142 27.39 -5.02 -34.91
CA PHE D 142 25.97 -4.96 -35.24
C PHE D 142 25.55 -3.51 -35.44
N ARG D 143 24.54 -3.32 -36.29
CA ARG D 143 23.97 -2.00 -36.57
C ARG D 143 22.45 -2.10 -36.52
N PHE D 144 21.83 -1.15 -35.82
CA PHE D 144 20.38 -1.11 -35.73
C PHE D 144 19.77 -0.43 -36.96
N GLN D 145 18.60 -0.94 -37.37
CA GLN D 145 17.83 -0.36 -38.45
C GLN D 145 16.36 -0.27 -38.02
N GLU D 146 15.63 0.64 -38.66
CA GLU D 146 14.25 0.91 -38.31
C GLU D 146 13.31 0.01 -39.13
N MET D 147 12.56 -0.83 -38.44
CA MET D 147 11.51 -1.62 -39.09
C MET D 147 10.36 -0.70 -39.50
N GLN D 148 9.79 -0.97 -40.67
CA GLN D 148 8.77 -0.11 -41.24
C GLN D 148 7.38 -0.68 -41.00
N GLY D 149 6.44 0.21 -40.66
CA GLY D 149 5.04 -0.17 -40.56
C GLY D 149 4.61 -0.80 -39.26
N PHE D 150 5.44 -0.75 -38.22
CA PHE D 150 5.09 -1.38 -36.95
C PHE D 150 5.10 -0.43 -35.76
N SER D 151 6.05 0.50 -35.71
CA SER D 151 6.21 1.35 -34.54
C SER D 151 5.09 2.39 -34.44
N GLY D 152 4.72 2.71 -33.22
CA GLY D 152 3.70 3.72 -32.97
C GLY D 152 2.99 3.43 -31.65
N LEU D 153 1.84 4.08 -31.49
CA LEU D 153 0.99 3.91 -30.32
C LEU D 153 -0.37 3.39 -30.73
N GLY D 154 -1.03 2.68 -29.82
CA GLY D 154 -2.32 2.10 -30.09
C GLY D 154 -3.44 3.10 -29.99
N ASP D 155 -4.67 2.61 -30.20
CA ASP D 155 -5.86 3.43 -30.17
C ASP D 155 -6.56 3.42 -28.81
N GLN D 156 -6.67 2.25 -28.18
CA GLN D 156 -7.33 2.11 -26.88
C GLN D 156 -6.27 2.14 -25.79
N LEU D 157 -5.75 3.34 -25.51
CA LEU D 157 -4.72 3.48 -24.49
C LEU D 157 -5.30 3.37 -23.08
N GLY D 158 -6.51 3.88 -22.87
CA GLY D 158 -7.16 3.81 -21.57
C GLY D 158 -6.83 4.93 -20.61
N GLU D 159 -6.02 5.91 -21.04
CA GLU D 159 -5.70 7.04 -20.17
C GLU D 159 -6.83 8.06 -20.19
N GLU D 160 -7.20 8.55 -19.00
CA GLU D 160 -8.31 9.48 -18.87
C GLU D 160 -7.90 10.93 -18.72
N GLU D 161 -6.73 11.20 -18.12
CA GLU D 161 -6.31 12.57 -17.85
C GLU D 161 -5.39 13.16 -18.90
N TRP D 162 -4.52 12.35 -19.51
CA TRP D 162 -3.53 12.85 -20.46
C TRP D 162 -3.97 12.61 -21.90
N ILE D 163 -3.63 13.57 -22.77
CA ILE D 163 -3.95 13.50 -24.19
C ILE D 163 -2.64 13.55 -24.96
N VAL D 164 -2.42 12.56 -25.84
CA VAL D 164 -1.20 12.49 -26.62
C VAL D 164 -1.29 13.46 -27.80
N THR D 165 -0.18 14.14 -28.09
CA THR D 165 -0.13 15.12 -29.15
C THR D 165 0.67 14.69 -30.37
N GLU D 166 1.83 14.04 -30.17
CA GLU D 166 2.65 13.62 -31.30
C GLU D 166 3.52 12.44 -30.88
N VAL D 167 3.98 11.68 -31.88
CA VAL D 167 4.82 10.52 -31.68
C VAL D 167 5.93 10.52 -32.73
N ASN D 168 7.16 10.21 -32.31
CA ASN D 168 8.30 10.21 -33.22
C ASN D 168 9.27 9.10 -32.83
N THR D 169 10.05 8.67 -33.82
CA THR D 169 11.12 7.69 -33.62
C THR D 169 12.35 8.12 -34.41
N HIS D 170 13.52 7.71 -33.93
CA HIS D 170 14.78 8.01 -34.60
C HIS D 170 15.85 7.09 -34.02
N LEU D 171 17.09 7.28 -34.50
CA LEU D 171 18.23 6.48 -34.09
C LEU D 171 19.37 7.41 -33.65
N THR D 172 20.20 6.90 -32.74
CA THR D 172 21.35 7.65 -32.23
C THR D 172 22.38 6.63 -31.74
N THR D 173 23.39 7.13 -31.01
CA THR D 173 24.49 6.31 -30.54
C THR D 173 24.73 6.54 -29.05
N HIS D 174 25.56 5.67 -28.46
CA HIS D 174 25.92 5.77 -27.06
C HIS D 174 27.26 5.08 -26.85
N ASN D 175 27.85 5.33 -25.69
CA ASN D 175 29.16 4.76 -25.33
C ASN D 175 29.14 4.27 -23.89
N GLU D 176 28.08 3.53 -23.53
CA GLU D 176 27.89 3.13 -22.13
C GLU D 176 28.95 2.12 -21.69
N PHE D 177 29.25 1.12 -22.52
CA PHE D 177 30.13 0.03 -22.12
C PHE D 177 31.37 -0.14 -22.98
N THR D 178 31.48 0.58 -24.10
CA THR D 178 32.62 0.44 -24.99
C THR D 178 33.12 1.82 -25.39
N LYS D 179 34.42 1.87 -25.74
CA LYS D 179 34.99 3.12 -26.24
C LYS D 179 34.35 3.52 -27.57
N GLY D 180 34.09 2.54 -28.43
CA GLY D 180 33.41 2.81 -29.69
C GLY D 180 31.93 3.02 -29.51
N ASP D 181 31.31 3.57 -30.55
CA ASP D 181 29.90 3.89 -30.52
C ASP D 181 29.04 2.64 -30.68
N ALA D 182 27.86 2.67 -30.06
CA ALA D 182 26.89 1.59 -30.17
C ALA D 182 25.52 2.17 -30.48
N SER D 183 24.70 1.39 -31.18
CA SER D 183 23.42 1.89 -31.66
C SER D 183 22.41 2.06 -30.54
N ARG D 184 21.45 2.96 -30.76
CA ARG D 184 20.38 3.22 -29.81
C ARG D 184 19.09 3.52 -30.57
N PHE D 185 17.98 2.96 -30.10
CA PHE D 185 16.66 3.17 -30.69
C PHE D 185 15.79 3.93 -29.70
N VAL D 186 15.09 4.95 -30.20
CA VAL D 186 14.34 5.87 -29.35
C VAL D 186 12.91 5.98 -29.84
N LEU D 187 11.96 5.92 -28.90
CA LEU D 187 10.55 6.18 -29.16
C LEU D 187 10.08 7.26 -28.19
N GLU D 188 9.44 8.31 -28.72
CA GLU D 188 9.07 9.47 -27.92
C GLU D 188 7.63 9.88 -28.22
N PHE D 189 7.00 10.52 -27.24
CA PHE D 189 5.69 11.12 -27.43
C PHE D 189 5.50 12.22 -26.39
N HIS D 190 4.56 13.13 -26.68
CA HIS D 190 4.24 14.25 -25.80
C HIS D 190 2.77 14.16 -25.39
N ALA D 191 2.46 14.75 -24.23
CA ALA D 191 1.10 14.72 -23.71
C ALA D 191 0.82 15.97 -22.91
N GLU D 192 -0.46 16.32 -22.81
CA GLU D 192 -0.94 17.44 -22.01
C GLU D 192 -2.06 16.96 -21.10
N ARG D 193 -2.61 17.88 -20.31
CA ARG D 193 -3.48 17.53 -19.20
C ARG D 193 -4.88 18.10 -19.40
N HIS D 194 -5.88 17.37 -18.90
CA HIS D 194 -7.25 17.88 -18.83
C HIS D 194 -7.41 18.80 -17.63
N LEU D 195 -8.23 19.84 -17.80
CA LEU D 195 -8.43 20.86 -16.77
C LEU D 195 -9.77 20.75 -16.06
N ASN D 196 -10.63 19.81 -16.46
CA ASN D 196 -11.97 19.72 -15.85
C ASN D 196 -11.89 19.40 -14.37
N TYR D 197 -11.03 18.45 -13.99
CA TYR D 197 -10.91 18.08 -12.59
C TYR D 197 -10.45 19.26 -11.74
N TYR D 198 -9.42 19.96 -12.18
CA TYR D 198 -8.91 21.11 -11.43
C TYR D 198 -9.96 22.21 -11.34
N LEU D 199 -10.64 22.50 -12.46
CA LEU D 199 -11.68 23.53 -12.45
C LEU D 199 -12.79 23.19 -11.47
N MET D 200 -13.21 21.91 -11.44
CA MET D 200 -14.31 21.53 -10.56
C MET D 200 -13.91 21.43 -9.10
N ARG D 201 -12.64 21.11 -8.82
CA ARG D 201 -12.26 20.81 -7.44
C ARG D 201 -11.52 21.95 -6.73
N ILE D 202 -10.87 22.87 -7.45
CA ILE D 202 -10.01 23.85 -6.80
C ILE D 202 -10.50 25.27 -7.03
N LEU D 203 -10.64 25.66 -8.30
CA LEU D 203 -10.90 27.05 -8.62
C LEU D 203 -12.25 27.51 -8.09
N ILE D 204 -13.30 26.70 -8.30
CA ILE D 204 -14.65 27.12 -7.91
C ILE D 204 -14.79 27.31 -6.41
N PRO D 205 -14.38 26.37 -5.54
CA PRO D 205 -14.58 26.58 -4.09
C PRO D 205 -13.88 27.82 -3.56
N VAL D 206 -12.67 28.11 -4.02
CA VAL D 206 -11.93 29.26 -3.52
C VAL D 206 -12.64 30.56 -3.91
N LEU D 207 -13.08 30.65 -5.17
CA LEU D 207 -13.80 31.84 -5.62
C LEU D 207 -15.11 31.99 -4.88
N LEU D 208 -15.82 30.87 -4.62
CA LEU D 208 -17.07 30.95 -3.87
C LEU D 208 -16.82 31.44 -2.45
N ILE D 209 -15.77 30.95 -1.80
CA ILE D 209 -15.47 31.39 -0.44
C ILE D 209 -15.14 32.89 -0.42
N ILE D 210 -14.33 33.33 -1.38
CA ILE D 210 -13.99 34.76 -1.47
C ILE D 210 -15.24 35.58 -1.72
N THR D 211 -16.12 35.11 -2.60
CA THR D 211 -17.34 35.84 -2.91
C THR D 211 -18.24 35.95 -1.69
N VAL D 212 -18.37 34.87 -0.92
CA VAL D 212 -19.21 34.93 0.28
C VAL D 212 -18.58 35.84 1.32
N SER D 213 -17.25 35.80 1.46
CA SER D 213 -16.59 36.68 2.41
C SER D 213 -16.80 38.15 2.04
N TRP D 214 -16.74 38.47 0.75
CA TRP D 214 -17.01 39.84 0.32
C TRP D 214 -18.49 40.19 0.41
N PHE D 215 -19.39 39.21 0.25
CA PHE D 215 -20.81 39.44 0.47
C PHE D 215 -21.08 39.84 1.91
N THR D 216 -20.39 39.20 2.86
CA THR D 216 -20.61 39.49 4.26
C THR D 216 -20.14 40.89 4.67
N PHE D 217 -19.38 41.58 3.81
CA PHE D 217 -18.86 42.90 4.17
C PHE D 217 -19.94 43.97 4.26
N PHE D 218 -21.12 43.75 3.66
CA PHE D 218 -22.15 44.78 3.66
C PHE D 218 -22.88 44.90 4.99
N LEU D 219 -22.63 43.99 5.94
CA LEU D 219 -23.24 44.08 7.26
C LEU D 219 -22.60 45.17 8.12
N GLN D 220 -21.43 45.66 7.74
CA GLN D 220 -20.71 46.68 8.50
C GLN D 220 -20.41 46.19 9.92
N ASP D 221 -19.78 45.03 10.02
CA ASP D 221 -19.40 44.42 11.29
C ASP D 221 -17.93 44.04 11.22
N TYR D 222 -17.07 44.89 11.78
CA TYR D 222 -15.63 44.70 11.69
C TYR D 222 -15.19 43.42 12.40
N THR D 223 -15.75 43.17 13.59
CA THR D 223 -15.39 41.97 14.35
C THR D 223 -15.77 40.70 13.59
N LYS D 224 -16.96 40.68 13.00
CA LYS D 224 -17.39 39.53 12.22
C LYS D 224 -16.50 39.34 11.00
N ARG D 225 -16.10 40.45 10.35
CA ARG D 225 -15.16 40.35 9.25
C ARG D 225 -13.84 39.73 9.69
N ILE D 226 -13.34 40.15 10.85
CA ILE D 226 -12.08 39.61 11.37
C ILE D 226 -12.21 38.12 11.62
N ASP D 227 -13.31 37.70 12.26
CA ASP D 227 -13.50 36.29 12.56
C ASP D 227 -13.60 35.45 11.28
N LEU D 228 -14.35 35.94 10.29
CA LEU D 228 -14.48 35.21 9.03
C LEU D 228 -13.14 35.11 8.31
N ALA D 229 -12.35 36.19 8.29
CA ALA D 229 -11.05 36.13 7.67
C ALA D 229 -10.13 35.16 8.39
N GLY D 230 -10.20 35.12 9.73
CA GLY D 230 -9.42 34.17 10.48
C GLY D 230 -9.77 32.73 10.17
N GLY D 231 -11.06 32.44 9.98
CA GLY D 231 -11.44 31.10 9.58
C GLY D 231 -10.98 30.77 8.16
N ASN D 232 -11.10 31.74 7.26
CA ASN D 232 -10.71 31.51 5.86
C ASN D 232 -9.20 31.30 5.74
N LEU D 233 -8.41 31.90 6.63
CA LEU D 233 -6.97 31.65 6.61
C LEU D 233 -6.66 30.18 6.89
N LEU D 234 -7.33 29.61 7.89
CA LEU D 234 -7.14 28.19 8.19
C LEU D 234 -7.65 27.32 7.05
N LEU D 235 -8.77 27.71 6.44
CA LEU D 235 -9.28 26.96 5.29
C LEU D 235 -8.26 26.96 4.14
N PHE D 236 -7.64 28.11 3.88
CA PHE D 236 -6.65 28.19 2.81
C PHE D 236 -5.40 27.38 3.15
N ILE D 237 -5.01 27.38 4.43
CA ILE D 237 -3.87 26.56 4.84
C ILE D 237 -4.16 25.07 4.61
N ALA D 238 -5.37 24.64 4.96
CA ALA D 238 -5.75 23.26 4.71
C ALA D 238 -5.75 22.94 3.22
N PHE D 239 -6.24 23.87 2.39
CA PHE D 239 -6.22 23.66 0.95
C PHE D 239 -4.79 23.53 0.43
N ASN D 240 -3.88 24.38 0.91
CA ASN D 240 -2.49 24.30 0.48
C ASN D 240 -1.86 22.97 0.87
N PHE D 241 -2.12 22.52 2.11
CA PHE D 241 -1.57 21.23 2.54
C PHE D 241 -2.12 20.08 1.72
N THR D 242 -3.42 20.13 1.39
CA THR D 242 -4.00 19.10 0.54
C THR D 242 -3.38 19.10 -0.86
N ILE D 243 -3.15 20.29 -1.42
CA ILE D 243 -2.61 20.38 -2.77
C ILE D 243 -1.17 19.88 -2.81
N SER D 244 -0.39 20.17 -1.77
CA SER D 244 1.04 19.87 -1.80
C SER D 244 1.34 18.38 -1.91
N SER D 245 0.36 17.50 -1.62
CA SER D 245 0.61 16.08 -1.57
C SER D 245 0.67 15.42 -2.95
N ASP D 246 0.27 16.12 -4.01
CA ASP D 246 0.21 15.53 -5.34
C ASP D 246 1.50 15.69 -6.14
N LEU D 247 2.50 16.37 -5.60
CA LEU D 247 3.73 16.67 -6.31
C LEU D 247 4.92 16.29 -5.45
N PRO D 248 6.08 16.03 -6.06
CA PRO D 248 7.30 15.80 -5.28
C PRO D 248 7.73 17.08 -4.56
N ARG D 249 8.67 16.90 -3.63
CA ARG D 249 9.19 18.03 -2.86
C ARG D 249 10.21 18.76 -3.73
N LEU D 250 9.69 19.58 -4.63
CA LEU D 250 10.50 20.28 -5.61
C LEU D 250 11.29 21.42 -4.95
N GLY D 251 12.37 21.80 -5.61
CA GLY D 251 13.21 22.91 -5.20
C GLY D 251 12.86 24.26 -5.77
N TYR D 252 11.74 24.37 -6.49
CA TYR D 252 11.32 25.64 -7.09
C TYR D 252 9.84 25.84 -6.85
N ILE D 253 9.41 27.10 -6.97
CA ILE D 253 8.04 27.52 -6.66
C ILE D 253 7.19 27.42 -7.92
N THR D 254 5.94 26.98 -7.75
CA THR D 254 5.02 26.80 -8.86
C THR D 254 3.87 27.82 -8.79
N LEU D 255 3.10 27.83 -9.89
CA LEU D 255 2.00 28.77 -10.03
C LEU D 255 0.93 28.56 -8.96
N MET D 256 0.61 27.30 -8.66
CA MET D 256 -0.40 27.03 -7.62
C MET D 256 0.07 27.52 -6.26
N ASP D 257 1.35 27.31 -5.93
CA ASP D 257 1.88 27.79 -4.66
C ASP D 257 1.82 29.32 -4.59
N ALA D 258 2.19 29.99 -5.68
CA ALA D 258 2.10 31.44 -5.70
C ALA D 258 0.65 31.90 -5.56
N PHE D 259 -0.28 31.18 -6.19
CA PHE D 259 -1.70 31.51 -6.10
C PHE D 259 -2.19 31.40 -4.66
N LEU D 260 -1.75 30.37 -3.93
CA LEU D 260 -2.16 30.22 -2.53
C LEU D 260 -1.50 31.27 -1.64
N VAL D 261 -0.23 31.59 -1.90
CA VAL D 261 0.44 32.60 -1.08
C VAL D 261 -0.21 33.97 -1.28
N GLY D 262 -0.64 34.28 -2.49
CA GLY D 262 -1.36 35.52 -2.72
C GLY D 262 -2.62 35.62 -1.88
N THR D 263 -3.37 34.52 -1.79
CA THR D 263 -4.56 34.50 -0.95
C THR D 263 -4.20 34.69 0.52
N PHE D 264 -3.11 34.05 0.97
CA PHE D 264 -2.64 34.26 2.35
C PHE D 264 -2.39 35.73 2.62
N ILE D 265 -1.65 36.38 1.71
CA ILE D 265 -1.28 37.78 1.90
C ILE D 265 -2.51 38.67 1.92
N ILE D 266 -3.45 38.41 1.00
CA ILE D 266 -4.64 39.24 0.92
C ILE D 266 -5.49 39.09 2.18
N THR D 267 -5.61 37.86 2.69
CA THR D 267 -6.35 37.65 3.93
C THR D 267 -5.70 38.40 5.10
N ALA D 268 -4.37 38.35 5.16
CA ALA D 268 -3.66 39.09 6.23
C ALA D 268 -3.92 40.58 6.12
N LEU D 269 -3.86 41.13 4.91
CA LEU D 269 -4.11 42.56 4.73
C LEU D 269 -5.53 42.93 5.12
N VAL D 270 -6.50 42.08 4.77
CA VAL D 270 -7.89 42.35 5.15
C VAL D 270 -8.04 42.36 6.67
N VAL D 271 -7.38 41.41 7.35
CA VAL D 271 -7.44 41.38 8.82
C VAL D 271 -6.86 42.66 9.40
N LEU D 272 -5.72 43.10 8.87
CA LEU D 272 -5.09 44.33 9.39
C LEU D 272 -6.00 45.54 9.19
N GLY D 273 -6.60 45.66 8.00
CA GLY D 273 -7.48 46.78 7.74
C GLY D 273 -8.70 46.80 8.64
N ASN D 274 -9.31 45.62 8.85
CA ASN D 274 -10.48 45.55 9.74
C ASN D 274 -10.10 45.90 11.18
N VAL D 275 -8.92 45.44 11.63
CA VAL D 275 -8.48 45.79 12.97
C VAL D 275 -8.30 47.30 13.10
N TRP D 276 -7.70 47.93 12.09
CA TRP D 276 -7.51 49.38 12.15
C TRP D 276 -8.86 50.11 12.18
N LEU D 277 -9.81 49.64 11.38
CA LEU D 277 -11.14 50.27 11.39
C LEU D 277 -11.82 50.12 12.75
N ARG D 278 -11.72 48.94 13.37
CA ARG D 278 -12.31 48.74 14.68
C ARG D 278 -11.64 49.64 15.72
N ARG D 279 -10.32 49.78 15.66
CA ARG D 279 -9.62 50.66 16.60
C ARG D 279 -10.05 52.11 16.41
N LEU D 280 -10.24 52.54 15.15
CA LEU D 280 -10.76 53.88 14.90
C LEU D 280 -12.15 54.07 15.48
N GLU D 281 -13.01 53.05 15.32
CA GLU D 281 -14.37 53.16 15.85
C GLU D 281 -14.37 53.23 17.37
N ASN D 282 -13.47 52.48 18.02
CA ASN D 282 -13.46 52.44 19.48
C ASN D 282 -13.11 53.77 20.13
N HIS D 283 -12.52 54.71 19.39
CA HIS D 283 -12.09 55.98 19.95
C HIS D 283 -13.00 57.14 19.55
N GLY D 284 -14.24 56.85 19.17
CA GLY D 284 -15.17 57.91 18.82
C GLY D 284 -15.01 58.46 17.43
N LYS D 285 -14.29 57.76 16.55
CA LYS D 285 -14.09 58.17 15.17
C LYS D 285 -14.96 57.37 14.21
N GLN D 286 -16.20 57.10 14.61
CA GLN D 286 -17.10 56.32 13.78
C GLN D 286 -17.38 56.99 12.45
N ALA D 287 -17.40 58.33 12.42
CA ALA D 287 -17.57 59.03 11.15
C ALA D 287 -16.40 58.77 10.21
N LEU D 288 -15.17 58.81 10.74
CA LEU D 288 -14.01 58.51 9.92
C LEU D 288 -14.03 57.06 9.44
N ALA D 289 -14.42 56.14 10.31
CA ALA D 289 -14.51 54.73 9.92
C ALA D 289 -15.54 54.54 8.81
N ARG D 290 -16.69 55.20 8.92
CA ARG D 290 -17.71 55.10 7.88
C ARG D 290 -17.23 55.73 6.59
N LYS D 291 -16.46 56.81 6.67
CA LYS D 291 -15.91 57.43 5.47
C LYS D 291 -14.92 56.50 4.77
N LEU D 292 -14.08 55.81 5.53
CA LEU D 292 -13.09 54.91 4.94
C LEU D 292 -13.67 53.54 4.58
N ASP D 293 -14.87 53.22 5.05
CA ASP D 293 -15.45 51.91 4.76
C ASP D 293 -15.70 51.70 3.28
N ILE D 294 -16.09 52.75 2.55
CA ILE D 294 -16.33 52.60 1.11
C ILE D 294 -15.05 52.22 0.38
N TYR D 295 -13.94 52.89 0.72
CA TYR D 295 -12.65 52.53 0.12
C TYR D 295 -12.24 51.12 0.52
N ALA D 296 -12.46 50.75 1.79
CA ALA D 296 -12.10 49.41 2.23
C ALA D 296 -12.88 48.35 1.46
N ILE D 297 -14.17 48.60 1.20
CA ILE D 297 -14.98 47.65 0.45
C ILE D 297 -14.54 47.60 -1.02
N THR D 298 -14.28 48.77 -1.62
CA THR D 298 -13.95 48.80 -3.05
C THR D 298 -12.55 48.29 -3.34
N SER D 299 -11.67 48.23 -2.34
CA SER D 299 -10.31 47.75 -2.58
C SER D 299 -10.20 46.23 -2.59
N TYR D 300 -11.31 45.50 -2.36
CA TYR D 300 -11.20 44.05 -2.23
C TYR D 300 -10.97 43.34 -3.56
N PRO D 301 -11.81 43.50 -4.59
CA PRO D 301 -11.61 42.70 -5.81
C PRO D 301 -10.43 43.17 -6.66
N LEU D 302 -10.08 44.45 -6.58
CA LEU D 302 -8.97 44.96 -7.38
C LEU D 302 -7.65 44.30 -6.97
N ALA D 303 -7.50 43.97 -5.68
CA ALA D 303 -6.29 43.29 -5.23
C ALA D 303 -6.15 41.92 -5.90
N TYR D 304 -7.25 41.16 -5.95
CA TYR D 304 -7.20 39.85 -6.59
C TYR D 304 -6.98 39.98 -8.09
N LEU D 305 -7.60 40.97 -8.73
CA LEU D 305 -7.37 41.19 -10.16
C LEU D 305 -5.91 41.50 -10.44
N LEU D 306 -5.32 42.39 -9.64
CA LEU D 306 -3.92 42.75 -9.81
C LEU D 306 -3.01 41.55 -9.54
N GLY D 307 -3.36 40.73 -8.55
CA GLY D 307 -2.57 39.53 -8.28
C GLY D 307 -2.60 38.54 -9.43
N ALA D 308 -3.79 38.34 -10.02
CA ALA D 308 -3.88 37.46 -11.19
C ALA D 308 -3.08 38.00 -12.35
N LEU D 309 -3.16 39.31 -12.59
CA LEU D 309 -2.37 39.92 -13.67
C LEU D 309 -0.88 39.76 -13.41
N THR D 310 -0.45 39.96 -12.16
CA THR D 310 0.97 39.82 -11.83
C THR D 310 1.43 38.38 -12.02
N LEU D 311 0.61 37.41 -11.62
CA LEU D 311 0.98 36.01 -11.82
C LEU D 311 1.10 35.69 -13.30
N TRP D 312 0.17 36.18 -14.12
CA TRP D 312 0.25 35.96 -15.56
C TRP D 312 1.51 36.58 -16.13
N LEU D 313 1.83 37.81 -15.72
CA LEU D 313 3.04 38.46 -16.22
C LEU D 313 4.30 37.70 -15.80
N LEU D 314 4.33 37.20 -14.56
CA LEU D 314 5.53 36.54 -14.07
C LEU D 314 5.74 35.18 -14.72
N PHE D 315 4.67 34.41 -14.91
CA PHE D 315 4.83 33.03 -15.37
C PHE D 315 4.67 32.85 -16.87
N PHE D 316 3.89 33.69 -17.54
CA PHE D 316 3.71 33.56 -18.99
C PHE D 316 4.25 34.78 -19.72
N GLU E 7 -4.54 -27.44 -45.69
CA GLU E 7 -5.74 -26.87 -45.08
C GLU E 7 -5.50 -26.60 -43.59
N PRO E 8 -6.06 -25.49 -43.09
CA PRO E 8 -5.87 -25.15 -41.68
C PRO E 8 -6.56 -26.15 -40.77
N SER E 9 -6.02 -26.28 -39.56
CA SER E 9 -6.56 -27.18 -38.55
C SER E 9 -7.43 -26.39 -37.57
N ASP E 10 -8.42 -27.09 -37.02
CA ASP E 10 -9.39 -26.47 -36.12
C ASP E 10 -8.93 -26.55 -34.67
N VAL E 11 -9.11 -25.45 -33.95
CA VAL E 11 -8.77 -25.36 -32.54
C VAL E 11 -10.02 -24.96 -31.78
N PHE E 12 -10.41 -25.77 -30.80
CA PHE E 12 -11.60 -25.52 -29.99
C PHE E 12 -11.20 -24.84 -28.69
N ILE E 13 -11.89 -23.76 -28.34
CA ILE E 13 -11.53 -22.90 -27.23
C ILE E 13 -12.70 -22.79 -26.27
N GLY E 14 -12.42 -22.90 -24.98
CA GLY E 14 -13.42 -22.67 -23.94
C GLY E 14 -12.85 -21.94 -22.74
N LEU E 15 -13.62 -21.02 -22.17
CA LEU E 15 -13.14 -20.21 -21.05
C LEU E 15 -14.29 -20.00 -20.06
N LYS E 16 -14.00 -20.20 -18.77
CA LYS E 16 -14.97 -20.04 -17.71
C LYS E 16 -14.36 -19.20 -16.58
N ILE E 17 -15.18 -18.35 -15.98
CA ILE E 17 -14.76 -17.49 -14.88
C ILE E 17 -15.38 -18.01 -13.59
N ASP E 18 -14.54 -18.27 -12.59
CA ASP E 18 -14.98 -18.81 -11.31
C ASP E 18 -15.16 -17.76 -10.23
N GLN E 19 -14.25 -16.80 -10.12
CA GLN E 19 -14.30 -15.79 -9.07
C GLN E 19 -14.05 -14.42 -9.66
N ILE E 20 -14.65 -13.41 -9.03
CA ILE E 20 -14.36 -12.00 -9.30
C ILE E 20 -13.76 -11.44 -8.02
N THR E 21 -12.44 -11.27 -8.00
CA THR E 21 -11.75 -10.89 -6.78
C THR E 21 -11.76 -9.38 -6.52
N GLY E 22 -12.17 -8.57 -7.49
CA GLY E 22 -12.24 -7.13 -7.28
C GLY E 22 -12.38 -6.31 -8.54
N ILE E 23 -13.04 -5.16 -8.42
CA ILE E 23 -13.19 -4.23 -9.52
C ILE E 23 -12.67 -2.88 -9.05
N ASN E 24 -11.67 -2.34 -9.75
CA ASN E 24 -11.04 -1.08 -9.39
C ASN E 24 -11.43 -0.03 -10.44
N GLN E 25 -12.45 0.76 -10.12
CA GLN E 25 -12.90 1.80 -11.05
C GLN E 25 -11.93 2.97 -11.12
N LYS E 26 -11.15 3.20 -10.07
CA LYS E 26 -10.17 4.28 -10.11
C LYS E 26 -9.09 4.01 -11.15
N GLU E 27 -8.63 2.76 -11.23
CA GLU E 27 -7.64 2.36 -12.23
C GLU E 27 -8.26 1.72 -13.47
N GLU E 28 -9.56 1.48 -13.46
CA GLU E 28 -10.30 0.91 -14.60
C GLU E 28 -9.73 -0.45 -15.00
N ASN E 29 -9.81 -1.40 -14.07
CA ASN E 29 -9.39 -2.77 -14.32
C ASN E 29 -10.13 -3.69 -13.37
N PHE E 30 -10.07 -5.00 -13.65
CA PHE E 30 -10.70 -6.00 -12.80
C PHE E 30 -9.86 -7.26 -12.81
N SER E 31 -10.03 -8.07 -11.77
CA SER E 31 -9.27 -9.30 -11.57
C SER E 31 -10.22 -10.46 -11.36
N VAL E 32 -9.89 -11.61 -11.96
CA VAL E 32 -10.73 -12.80 -11.93
C VAL E 32 -9.86 -14.03 -11.73
N VAL E 33 -10.52 -15.15 -11.42
CA VAL E 33 -9.92 -16.47 -11.40
C VAL E 33 -10.72 -17.35 -12.35
N GLY E 34 -10.04 -17.95 -13.33
CA GLY E 34 -10.72 -18.66 -14.39
C GLY E 34 -9.97 -19.91 -14.82
N SER E 35 -10.59 -20.64 -15.75
CA SER E 35 -10.04 -21.89 -16.28
C SER E 35 -10.16 -21.88 -17.80
N LEU E 36 -9.14 -22.42 -18.46
CA LEU E 36 -9.09 -22.49 -19.91
C LEU E 36 -8.98 -23.94 -20.36
N ARG E 37 -9.76 -24.29 -21.39
CA ARG E 37 -9.77 -25.64 -21.95
C ARG E 37 -9.63 -25.55 -23.47
N ILE E 38 -8.70 -26.32 -24.03
CA ILE E 38 -8.45 -26.34 -25.47
C ILE E 38 -8.34 -27.78 -25.94
N ASP E 39 -8.94 -28.06 -27.10
CA ASP E 39 -8.85 -29.35 -27.75
C ASP E 39 -8.29 -29.18 -29.15
N TRP E 40 -7.26 -29.96 -29.48
CA TRP E 40 -6.60 -29.86 -30.77
C TRP E 40 -6.10 -31.24 -31.19
N ARG E 41 -6.35 -31.61 -32.44
CA ARG E 41 -6.00 -32.93 -32.96
C ARG E 41 -4.89 -32.82 -33.99
N GLN E 42 -3.83 -33.59 -33.80
CA GLN E 42 -2.71 -33.65 -34.73
C GLN E 42 -2.45 -35.12 -35.08
N PRO E 43 -2.68 -35.53 -36.32
CA PRO E 43 -2.48 -36.95 -36.68
C PRO E 43 -1.05 -37.44 -36.50
N LEU E 44 -0.06 -36.55 -36.54
CA LEU E 44 1.33 -36.96 -36.41
C LEU E 44 1.70 -37.41 -35.00
N LEU E 45 0.82 -37.19 -34.02
CA LEU E 45 1.08 -37.59 -32.65
C LEU E 45 0.41 -38.91 -32.28
N ALA E 46 -0.14 -39.63 -33.26
CA ALA E 46 -0.79 -40.90 -32.98
C ALA E 46 0.22 -41.95 -32.52
N PHE E 47 -0.24 -42.85 -31.66
CA PHE E 47 0.62 -43.90 -31.12
C PHE E 47 -0.22 -45.13 -30.83
N GLU E 48 0.47 -46.23 -30.50
CA GLU E 48 -0.17 -47.47 -30.11
C GLU E 48 0.32 -47.86 -28.71
N HIS E 49 -0.61 -48.10 -27.81
CA HIS E 49 -0.27 -48.39 -26.42
C HIS E 49 0.27 -49.81 -26.29
N ALA E 50 1.30 -49.95 -25.45
CA ALA E 50 1.85 -51.27 -25.13
C ALA E 50 0.99 -51.96 -24.09
N PRO E 51 1.00 -53.29 -24.04
CA PRO E 51 0.23 -54.00 -23.01
C PRO E 51 0.66 -53.59 -21.61
N GLY E 52 -0.33 -53.43 -20.72
CA GLY E 52 -0.09 -52.99 -19.38
C GLY E 52 -0.02 -51.48 -19.20
N GLU E 53 -0.13 -50.72 -20.29
CA GLU E 53 -0.06 -49.26 -20.24
C GLU E 53 -1.44 -48.64 -20.46
N PRO E 54 -1.69 -47.47 -19.89
CA PRO E 54 -3.00 -46.82 -20.07
C PRO E 54 -3.20 -46.36 -21.51
N LYS E 55 -4.47 -46.22 -21.88
CA LYS E 55 -4.83 -45.79 -23.23
C LYS E 55 -4.57 -44.31 -23.47
N HIS E 56 -4.37 -43.53 -22.41
CA HIS E 56 -4.04 -42.12 -22.52
C HIS E 56 -2.74 -41.84 -21.78
N ARG E 57 -1.97 -40.87 -22.31
CA ARG E 57 -0.68 -40.51 -21.76
C ARG E 57 -0.74 -39.13 -21.13
N THR E 58 -0.04 -38.96 -20.02
CA THR E 58 0.00 -37.70 -19.28
C THR E 58 1.39 -37.10 -19.37
N TYR E 59 1.44 -35.80 -19.65
CA TYR E 59 2.70 -35.10 -19.86
C TYR E 59 2.71 -33.79 -19.07
N THR E 60 3.91 -33.35 -18.72
CA THR E 60 4.11 -31.98 -18.28
C THR E 60 4.32 -31.09 -19.51
N LEU E 61 4.18 -29.77 -19.30
CA LEU E 61 4.24 -28.84 -20.41
C LEU E 61 5.62 -28.85 -21.07
N ALA E 62 6.69 -28.87 -20.27
CA ALA E 62 8.03 -28.81 -20.82
C ALA E 62 8.34 -30.05 -21.66
N THR E 63 7.98 -31.22 -21.17
CA THR E 63 8.23 -32.45 -21.93
C THR E 63 7.42 -32.48 -23.22
N PHE E 64 6.17 -32.01 -23.18
CA PHE E 64 5.36 -31.95 -24.39
C PHE E 64 5.96 -30.99 -25.41
N LEU E 65 6.44 -29.83 -24.96
CA LEU E 65 7.08 -28.89 -25.87
C LEU E 65 8.36 -29.48 -26.47
N LYS E 66 9.14 -30.18 -25.65
CA LYS E 66 10.36 -30.82 -26.16
C LYS E 66 10.01 -31.88 -27.20
N LEU E 67 8.96 -32.66 -26.95
CA LEU E 67 8.53 -33.67 -27.92
C LEU E 67 8.10 -33.02 -29.23
N LEU E 68 7.33 -31.92 -29.14
CA LEU E 68 6.90 -31.23 -30.35
C LEU E 68 8.10 -30.68 -31.12
N GLU E 69 9.09 -30.13 -30.42
CA GLU E 69 10.28 -29.62 -31.08
C GLU E 69 11.07 -30.74 -31.74
N GLU E 70 11.18 -31.89 -31.06
CA GLU E 70 11.87 -33.04 -31.65
C GLU E 70 11.16 -33.53 -32.90
N LYS E 71 9.83 -33.56 -32.89
CA LYS E 71 9.08 -33.95 -34.07
C LYS E 71 8.89 -32.80 -35.06
N GLN E 72 9.30 -31.59 -34.70
CA GLN E 72 9.20 -30.40 -35.56
C GLN E 72 7.76 -30.16 -36.00
N ILE E 73 6.90 -29.91 -35.01
CA ILE E 73 5.48 -29.65 -35.23
C ILE E 73 5.15 -28.26 -34.67
N ARG E 74 4.52 -27.43 -35.50
CA ARG E 74 4.13 -26.10 -35.07
C ARG E 74 2.94 -26.16 -34.12
N TRP E 75 3.01 -25.39 -33.04
CA TRP E 75 1.91 -25.35 -32.09
C TRP E 75 1.17 -24.01 -32.17
N PRO E 76 -0.14 -23.99 -31.89
CA PRO E 76 -0.93 -22.75 -31.99
C PRO E 76 -0.75 -21.80 -30.79
N ALA E 77 0.28 -20.98 -30.88
CA ALA E 77 0.55 -20.00 -29.83
C ALA E 77 -0.55 -18.95 -29.78
N PHE E 78 -0.90 -18.52 -28.57
CA PHE E 78 -1.94 -17.53 -28.35
C PHE E 78 -1.53 -16.60 -27.22
N THR E 79 -2.30 -15.53 -27.03
CA THR E 79 -2.02 -14.55 -25.99
C THR E 79 -3.32 -13.90 -25.54
N TYR E 80 -3.28 -13.37 -24.32
CA TYR E 80 -4.37 -12.57 -23.77
C TYR E 80 -4.10 -11.10 -24.12
N HIS E 81 -4.93 -10.53 -24.98
CA HIS E 81 -4.65 -9.22 -25.55
C HIS E 81 -4.68 -8.12 -24.50
N ASN E 82 -5.68 -8.14 -23.62
CA ASN E 82 -5.87 -7.07 -22.63
C ASN E 82 -5.38 -7.45 -21.24
N GLN E 83 -4.44 -8.40 -21.15
CA GLN E 83 -3.87 -8.77 -19.86
C GLN E 83 -2.96 -7.67 -19.33
N GLN E 84 -3.00 -7.46 -18.02
CA GLN E 84 -2.14 -6.50 -17.34
C GLN E 84 -1.39 -7.22 -16.21
N GLY E 85 -0.08 -7.01 -16.16
CA GLY E 85 0.72 -7.56 -15.08
C GLY E 85 1.03 -9.03 -15.25
N ARG E 86 1.41 -9.66 -14.13
CA ARG E 86 1.81 -11.05 -14.11
C ARG E 86 0.60 -11.95 -13.88
N MET E 87 0.58 -13.09 -14.56
CA MET E 87 -0.46 -14.09 -14.39
C MET E 87 0.10 -15.27 -13.60
N ASP E 88 -0.58 -15.64 -12.52
CA ASP E 88 -0.16 -16.73 -11.65
C ASP E 88 -0.86 -18.01 -12.06
N PHE E 89 -0.08 -19.02 -12.44
CA PHE E 89 -0.61 -20.29 -12.88
C PHE E 89 -0.64 -21.30 -11.73
N GLN E 90 -1.74 -22.03 -11.61
CA GLN E 90 -1.87 -23.09 -10.62
C GLN E 90 -1.74 -24.49 -11.22
N ASN E 91 -2.40 -24.75 -12.34
CA ASN E 91 -2.34 -26.04 -13.00
C ASN E 91 -2.15 -25.86 -14.50
N ARG E 92 -1.27 -26.68 -15.08
CA ARG E 92 -1.06 -26.73 -16.53
C ARG E 92 -0.84 -28.19 -16.89
N LEU E 93 -1.89 -28.85 -17.38
CA LEU E 93 -1.89 -30.28 -17.60
C LEU E 93 -2.09 -30.61 -19.07
N ILE E 94 -1.50 -31.72 -19.50
CA ILE E 94 -1.56 -32.17 -20.90
C ILE E 94 -2.02 -33.62 -20.92
N SER E 95 -2.98 -33.92 -21.78
CA SER E 95 -3.48 -35.29 -21.98
C SER E 95 -3.53 -35.57 -23.48
N LEU E 96 -3.02 -36.74 -23.87
CA LEU E 96 -2.93 -37.13 -25.27
C LEU E 96 -3.61 -38.48 -25.46
N SER E 97 -4.43 -38.58 -26.50
CA SER E 97 -5.10 -39.82 -26.86
C SER E 97 -4.37 -40.53 -27.99
N GLU E 98 -4.79 -41.77 -28.26
CA GLU E 98 -4.12 -42.57 -29.27
C GLU E 98 -4.30 -42.02 -30.68
N ASP E 99 -5.42 -41.33 -30.94
CA ASP E 99 -5.67 -40.79 -32.27
C ASP E 99 -4.98 -39.45 -32.51
N GLY E 100 -4.30 -38.90 -31.51
CA GLY E 100 -3.60 -37.65 -31.67
C GLY E 100 -4.31 -36.42 -31.13
N THR E 101 -5.42 -36.60 -30.42
CA THR E 101 -6.14 -35.46 -29.86
C THR E 101 -5.47 -35.01 -28.56
N VAL E 102 -5.22 -33.71 -28.45
CA VAL E 102 -4.54 -33.13 -27.29
C VAL E 102 -5.56 -32.34 -26.49
N MET E 103 -5.58 -32.55 -25.18
CA MET E 103 -6.45 -31.83 -24.27
C MET E 103 -5.60 -31.04 -23.27
N TYR E 104 -5.93 -29.77 -23.09
CA TYR E 104 -5.13 -28.85 -22.28
C TYR E 104 -6.01 -28.14 -21.28
N LEU E 105 -5.49 -27.98 -20.05
CA LEU E 105 -6.19 -27.29 -18.98
C LEU E 105 -5.26 -26.27 -18.34
N GLU E 106 -5.81 -25.10 -18.02
CA GLU E 106 -5.02 -24.02 -17.46
C GLU E 106 -5.85 -23.27 -16.42
N ARG E 107 -5.32 -23.15 -15.20
CA ARG E 107 -5.95 -22.40 -14.13
C ARG E 107 -5.05 -21.21 -13.79
N PHE E 108 -5.66 -20.03 -13.62
CA PHE E 108 -4.87 -18.81 -13.48
C PHE E 108 -5.65 -17.77 -12.69
N THR E 109 -4.90 -16.77 -12.22
CA THR E 109 -5.44 -15.54 -11.64
C THR E 109 -4.71 -14.37 -12.28
N SER E 110 -5.45 -13.37 -12.74
CA SER E 110 -4.85 -12.27 -13.48
C SER E 110 -5.77 -11.07 -13.46
N THR E 111 -5.23 -9.92 -13.88
CA THR E 111 -5.94 -8.66 -13.99
C THR E 111 -6.06 -8.27 -15.45
N PHE E 112 -7.20 -7.67 -15.82
CA PHE E 112 -7.48 -7.31 -17.21
C PHE E 112 -7.95 -5.86 -17.29
N GLN E 113 -7.63 -5.23 -18.42
CA GLN E 113 -8.01 -3.85 -18.68
C GLN E 113 -9.50 -3.74 -18.99
N ALA E 114 -10.10 -2.61 -18.57
CA ALA E 114 -11.49 -2.30 -18.83
C ALA E 114 -11.59 -0.90 -19.43
N PRO E 115 -11.34 -0.75 -20.72
CA PRO E 115 -11.33 0.58 -21.35
C PRO E 115 -12.70 1.10 -21.77
N ALA E 116 -13.79 0.42 -21.41
CA ALA E 116 -15.13 0.81 -21.82
C ALA E 116 -15.91 1.53 -20.72
N PHE E 117 -15.24 1.97 -19.66
CA PHE E 117 -15.93 2.62 -18.55
C PHE E 117 -16.51 3.95 -18.98
N ASP E 118 -17.69 4.26 -18.43
CA ASP E 118 -18.35 5.55 -18.66
C ASP E 118 -19.08 5.94 -17.38
N PHE E 119 -18.70 7.07 -16.79
CA PHE E 119 -19.21 7.51 -15.50
C PHE E 119 -20.20 8.67 -15.59
N ARG E 120 -20.76 8.91 -16.78
CA ARG E 120 -21.66 10.05 -16.95
C ARG E 120 -22.93 9.89 -16.12
N LEU E 121 -23.45 8.67 -16.02
CA LEU E 121 -24.67 8.40 -15.27
C LEU E 121 -24.40 7.87 -13.87
N PHE E 122 -23.18 8.00 -13.38
CA PHE E 122 -22.85 7.52 -12.04
C PHE E 122 -23.73 8.22 -11.01
N PRO E 123 -24.26 7.49 -10.02
CA PRO E 123 -24.09 6.05 -9.79
C PRO E 123 -25.17 5.16 -10.42
N PHE E 124 -25.91 5.68 -11.39
CA PHE E 124 -26.94 4.92 -12.09
C PHE E 124 -26.42 4.32 -13.40
N ASP E 125 -25.15 3.95 -13.46
CA ASP E 125 -24.49 3.54 -14.68
C ASP E 125 -24.50 2.02 -14.83
N ASN E 126 -24.30 1.56 -16.06
CA ASN E 126 -24.15 0.16 -16.40
C ASN E 126 -22.92 0.01 -17.28
N GLN E 127 -22.10 -0.99 -16.99
CA GLN E 127 -20.78 -1.11 -17.60
C GLN E 127 -20.63 -2.43 -18.34
N LEU E 128 -19.61 -2.51 -19.18
CA LEU E 128 -19.30 -3.68 -19.99
C LEU E 128 -17.87 -4.14 -19.70
N PHE E 129 -17.69 -5.45 -19.60
CA PHE E 129 -16.38 -6.05 -19.38
C PHE E 129 -16.17 -7.19 -20.36
N PHE E 130 -14.92 -7.39 -20.79
CA PHE E 130 -14.63 -8.41 -21.78
C PHE E 130 -13.21 -8.94 -21.59
N ILE E 131 -12.98 -10.12 -22.15
CA ILE E 131 -11.66 -10.75 -22.20
C ILE E 131 -11.43 -11.24 -23.63
N HIS E 132 -10.26 -10.90 -24.19
CA HIS E 132 -9.93 -11.23 -25.57
C HIS E 132 -8.80 -12.25 -25.61
N VAL E 133 -8.98 -13.28 -26.44
CA VAL E 133 -7.95 -14.28 -26.69
C VAL E 133 -7.63 -14.24 -28.18
N ASP E 134 -6.36 -14.02 -28.51
CA ASP E 134 -5.93 -13.80 -29.89
C ASP E 134 -4.95 -14.88 -30.32
N SER E 135 -5.10 -15.34 -31.56
CA SER E 135 -4.17 -16.26 -32.16
C SER E 135 -3.05 -15.49 -32.86
N ILE E 136 -1.82 -15.98 -32.72
CA ILE E 136 -0.67 -15.30 -33.31
C ILE E 136 -0.55 -15.62 -34.80
N PHE E 137 -0.68 -16.89 -35.16
CA PHE E 137 -0.55 -17.29 -36.56
C PHE E 137 -1.82 -16.96 -37.33
N PRO E 138 -1.69 -16.69 -38.63
CA PRO E 138 -2.87 -16.31 -39.42
C PRO E 138 -3.84 -17.48 -39.62
N GLN E 139 -4.99 -17.15 -40.19
CA GLN E 139 -6.08 -18.11 -40.32
C GLN E 139 -5.85 -19.18 -41.38
N HIS E 140 -4.82 -19.03 -42.22
CA HIS E 140 -4.53 -20.09 -43.18
C HIS E 140 -3.72 -21.22 -42.57
N LEU E 141 -3.37 -21.13 -41.30
CA LEU E 141 -2.71 -22.20 -40.56
C LEU E 141 -3.58 -22.77 -39.46
N PHE E 142 -4.24 -21.92 -38.67
CA PHE E 142 -5.11 -22.38 -37.59
C PHE E 142 -6.41 -21.57 -37.62
N ARG E 143 -7.49 -22.21 -37.17
CA ARG E 143 -8.80 -21.57 -37.05
C ARG E 143 -9.40 -21.90 -35.70
N PHE E 144 -9.93 -20.87 -35.03
CA PHE E 144 -10.57 -21.07 -33.73
C PHE E 144 -12.01 -21.54 -33.89
N GLN E 145 -12.43 -22.40 -32.96
CA GLN E 145 -13.81 -22.88 -32.90
C GLN E 145 -14.29 -22.81 -31.46
N GLU E 146 -15.61 -22.75 -31.30
CA GLU E 146 -16.22 -22.59 -29.98
C GLU E 146 -16.51 -23.95 -29.36
N MET E 147 -15.87 -24.24 -28.24
CA MET E 147 -16.21 -25.43 -27.47
C MET E 147 -17.59 -25.29 -26.84
N GLN E 148 -18.34 -26.37 -26.82
CA GLN E 148 -19.73 -26.36 -26.37
C GLN E 148 -19.83 -26.86 -24.94
N GLY E 149 -20.67 -26.19 -24.14
CA GLY E 149 -21.00 -26.66 -22.81
C GLY E 149 -20.01 -26.32 -21.72
N PHE E 150 -19.06 -25.41 -21.97
CA PHE E 150 -18.06 -25.07 -20.96
C PHE E 150 -18.02 -23.59 -20.62
N SER E 151 -18.18 -22.71 -21.61
CA SER E 151 -18.01 -21.28 -21.37
C SER E 151 -19.17 -20.70 -20.57
N GLY E 152 -18.86 -19.71 -19.75
CA GLY E 152 -19.85 -19.03 -18.95
C GLY E 152 -19.23 -18.48 -17.68
N LEU E 153 -20.10 -18.13 -16.73
CA LEU E 153 -19.69 -17.61 -15.44
C LEU E 153 -20.20 -18.54 -14.33
N GLY E 154 -19.50 -18.55 -13.21
CA GLY E 154 -19.85 -19.40 -12.09
C GLY E 154 -20.98 -18.83 -11.27
N ASP E 155 -21.33 -19.56 -10.21
CA ASP E 155 -22.42 -19.20 -9.31
C ASP E 155 -21.94 -18.42 -8.09
N GLN E 156 -20.83 -18.83 -7.47
CA GLN E 156 -20.30 -18.18 -6.28
C GLN E 156 -19.20 -17.22 -6.72
N LEU E 157 -19.62 -16.08 -7.28
CA LEU E 157 -18.65 -15.08 -7.73
C LEU E 157 -18.03 -14.33 -6.57
N GLY E 158 -18.80 -14.05 -5.51
CA GLY E 158 -18.31 -13.35 -4.35
C GLY E 158 -18.36 -11.84 -4.42
N GLU E 159 -18.90 -11.27 -5.50
CA GLU E 159 -19.02 -9.83 -5.62
C GLU E 159 -20.24 -9.34 -4.84
N GLU E 160 -20.06 -8.25 -4.08
CA GLU E 160 -21.11 -7.72 -3.23
C GLU E 160 -21.82 -6.51 -3.83
N GLU E 161 -21.13 -5.69 -4.61
CA GLU E 161 -21.70 -4.45 -5.12
C GLU E 161 -22.29 -4.57 -6.51
N TRP E 162 -21.71 -5.39 -7.38
CA TRP E 162 -22.13 -5.48 -8.77
C TRP E 162 -23.00 -6.71 -9.00
N ILE E 163 -23.99 -6.56 -9.88
CA ILE E 163 -24.91 -7.63 -10.25
C ILE E 163 -24.79 -7.86 -11.75
N VAL E 164 -24.53 -9.11 -12.14
CA VAL E 164 -24.37 -9.47 -13.54
C VAL E 164 -25.74 -9.59 -14.19
N THR E 165 -25.87 -9.09 -15.42
CA THR E 165 -27.13 -9.10 -16.14
C THR E 165 -27.17 -10.08 -17.31
N GLU E 166 -26.09 -10.18 -18.08
CA GLU E 166 -26.08 -11.09 -19.23
C GLU E 166 -24.64 -11.47 -19.56
N VAL E 167 -24.50 -12.58 -20.27
CA VAL E 167 -23.20 -13.11 -20.68
C VAL E 167 -23.31 -13.60 -22.12
N ASN E 168 -22.29 -13.30 -22.94
CA ASN E 168 -22.30 -13.71 -24.34
C ASN E 168 -20.88 -14.03 -24.79
N THR E 169 -20.79 -14.87 -25.83
CA THR E 169 -19.53 -15.21 -26.47
C THR E 169 -19.72 -15.20 -27.98
N HIS E 170 -18.63 -14.93 -28.70
CA HIS E 170 -18.65 -14.94 -30.16
C HIS E 170 -17.20 -14.98 -30.65
N LEU E 171 -17.04 -14.94 -31.97
CA LEU E 171 -15.74 -14.99 -32.62
C LEU E 171 -15.59 -13.82 -33.59
N THR E 172 -14.34 -13.40 -33.79
CA THR E 172 -14.02 -12.31 -34.71
C THR E 172 -12.59 -12.48 -35.19
N THR E 173 -12.04 -11.44 -35.82
CA THR E 173 -10.71 -11.50 -36.41
C THR E 173 -9.90 -10.27 -35.99
N HIS E 174 -8.59 -10.33 -36.27
CA HIS E 174 -7.69 -9.23 -35.95
C HIS E 174 -6.48 -9.33 -36.87
N ASN E 175 -5.71 -8.25 -36.92
CA ASN E 175 -4.52 -8.15 -37.77
C ASN E 175 -3.37 -7.53 -36.99
N GLU E 176 -3.15 -8.01 -35.77
CA GLU E 176 -2.15 -7.39 -34.90
C GLU E 176 -0.73 -7.60 -35.41
N PHE E 177 -0.39 -8.81 -35.84
CA PHE E 177 0.97 -9.14 -36.21
C PHE E 177 1.15 -9.60 -37.65
N THR E 178 0.08 -9.82 -38.40
CA THR E 178 0.18 -10.31 -39.77
C THR E 178 -0.76 -9.50 -40.67
N LYS E 179 -0.41 -9.45 -41.95
CA LYS E 179 -1.28 -8.80 -42.92
C LYS E 179 -2.60 -9.54 -43.05
N GLY E 180 -2.56 -10.86 -43.03
CA GLY E 180 -3.77 -11.66 -43.06
C GLY E 180 -4.50 -11.67 -41.74
N ASP E 181 -5.75 -12.12 -41.78
CA ASP E 181 -6.59 -12.14 -40.60
C ASP E 181 -6.23 -13.30 -39.69
N ALA E 182 -6.43 -13.10 -38.39
CA ALA E 182 -6.20 -14.12 -37.38
C ALA E 182 -7.40 -14.18 -36.45
N SER E 183 -7.66 -15.37 -35.90
CA SER E 183 -8.86 -15.61 -35.12
C SER E 183 -8.78 -14.90 -33.76
N ARG E 184 -9.96 -14.60 -33.20
CA ARG E 184 -10.08 -13.99 -31.89
C ARG E 184 -11.30 -14.55 -31.18
N PHE E 185 -11.17 -14.84 -29.89
CA PHE E 185 -12.25 -15.35 -29.06
C PHE E 185 -12.59 -14.30 -28.01
N VAL E 186 -13.89 -14.05 -27.81
CA VAL E 186 -14.37 -12.97 -26.96
C VAL E 186 -15.38 -13.50 -25.96
N LEU E 187 -15.22 -13.10 -24.70
CA LEU E 187 -16.21 -13.36 -23.65
C LEU E 187 -16.58 -12.04 -23.01
N GLU E 188 -17.89 -11.78 -22.90
CA GLU E 188 -18.39 -10.49 -22.44
C GLU E 188 -19.50 -10.68 -21.41
N PHE E 189 -19.65 -9.67 -20.55
CA PHE E 189 -20.77 -9.63 -19.61
C PHE E 189 -21.00 -8.18 -19.18
N HIS E 190 -22.20 -7.92 -18.69
CA HIS E 190 -22.61 -6.61 -18.22
C HIS E 190 -22.98 -6.67 -16.75
N ALA E 191 -22.85 -5.53 -16.06
CA ALA E 191 -23.15 -5.46 -14.64
C ALA E 191 -23.67 -4.08 -14.28
N GLU E 192 -24.44 -4.02 -13.19
CA GLU E 192 -24.94 -2.77 -12.64
C GLU E 192 -24.61 -2.71 -11.16
N ARG E 193 -25.02 -1.64 -10.50
CA ARG E 193 -24.55 -1.30 -9.17
C ARG E 193 -25.69 -1.30 -8.15
N HIS E 194 -25.36 -1.67 -6.92
CA HIS E 194 -26.29 -1.53 -5.80
C HIS E 194 -26.30 -0.11 -5.30
N LEU E 195 -27.47 0.36 -4.86
CA LEU E 195 -27.66 1.74 -4.42
C LEU E 195 -27.80 1.88 -2.91
N ASN E 196 -27.78 0.78 -2.16
CA ASN E 196 -27.98 0.87 -0.71
C ASN E 196 -26.87 1.67 -0.04
N TYR E 197 -25.62 1.42 -0.42
CA TYR E 197 -24.49 2.13 0.19
C TYR E 197 -24.60 3.63 -0.06
N TYR E 198 -24.86 4.03 -1.30
CA TYR E 198 -24.97 5.44 -1.62
C TYR E 198 -26.15 6.08 -0.89
N LEU E 199 -27.30 5.39 -0.86
CA LEU E 199 -28.46 5.92 -0.16
C LEU E 199 -28.17 6.14 1.32
N MET E 200 -27.49 5.18 1.94
CA MET E 200 -27.23 5.28 3.38
C MET E 200 -26.12 6.28 3.71
N ARG E 201 -25.16 6.49 2.81
CA ARG E 201 -24.00 7.30 3.16
C ARG E 201 -24.03 8.72 2.62
N ILE E 202 -24.77 9.01 1.55
CA ILE E 202 -24.65 10.31 0.90
C ILE E 202 -25.97 11.07 0.95
N LEU E 203 -27.04 10.46 0.41
CA LEU E 203 -28.29 11.17 0.22
C LEU E 203 -28.91 11.60 1.54
N ILE E 204 -28.96 10.68 2.51
CA ILE E 204 -29.63 10.97 3.78
C ILE E 204 -28.96 12.10 4.56
N PRO E 205 -27.63 12.10 4.78
CA PRO E 205 -27.04 13.20 5.57
C PRO E 205 -27.25 14.57 4.96
N VAL E 206 -27.14 14.70 3.63
CA VAL E 206 -27.31 16.01 2.99
C VAL E 206 -28.74 16.51 3.19
N LEU E 207 -29.72 15.64 2.96
CA LEU E 207 -31.11 16.04 3.15
C LEU E 207 -31.39 16.39 4.60
N LEU E 208 -30.82 15.64 5.54
CA LEU E 208 -31.00 15.97 6.96
C LEU E 208 -30.41 17.32 7.31
N ILE E 209 -29.22 17.62 6.79
CA ILE E 209 -28.60 18.91 7.05
C ILE E 209 -29.44 20.04 6.47
N ILE E 210 -29.93 19.86 5.25
CA ILE E 210 -30.78 20.88 4.63
C ILE E 210 -32.06 21.06 5.44
N THR E 211 -32.66 19.95 5.89
CA THR E 211 -33.88 20.02 6.68
C THR E 211 -33.66 20.75 7.99
N VAL E 212 -32.55 20.49 8.67
CA VAL E 212 -32.28 21.17 9.93
C VAL E 212 -32.01 22.65 9.68
N SER E 213 -31.30 22.97 8.60
CA SER E 213 -31.04 24.37 8.28
C SER E 213 -32.34 25.12 8.00
N TRP E 214 -33.28 24.49 7.30
CA TRP E 214 -34.58 25.11 7.06
C TRP E 214 -35.44 25.14 8.33
N PHE E 215 -35.28 24.15 9.21
CA PHE E 215 -35.95 24.18 10.51
C PHE E 215 -35.52 25.40 11.32
N THR E 216 -34.23 25.72 11.28
CA THR E 216 -33.71 26.84 12.06
C THR E 216 -34.21 28.19 11.55
N PHE E 217 -34.82 28.25 10.37
CA PHE E 217 -35.27 29.53 9.83
C PHE E 217 -36.45 30.14 10.59
N PHE E 218 -37.18 29.35 11.38
CA PHE E 218 -38.35 29.88 12.08
C PHE E 218 -38.00 30.73 13.29
N LEU E 219 -36.71 30.77 13.68
CA LEU E 219 -36.30 31.61 14.80
C LEU E 219 -36.24 33.08 14.43
N GLN E 220 -36.27 33.41 13.14
CA GLN E 220 -36.19 34.79 12.65
C GLN E 220 -34.90 35.47 13.13
N ASP E 221 -33.76 34.82 12.87
CA ASP E 221 -32.45 35.33 13.24
C ASP E 221 -31.55 35.29 12.01
N TYR E 222 -31.42 36.45 11.35
CA TYR E 222 -30.68 36.53 10.10
C TYR E 222 -29.20 36.20 10.29
N THR E 223 -28.61 36.71 11.37
CA THR E 223 -27.19 36.44 11.62
C THR E 223 -26.94 34.96 11.87
N LYS E 224 -27.82 34.31 12.64
CA LYS E 224 -27.68 32.88 12.88
C LYS E 224 -27.85 32.09 11.58
N ARG E 225 -28.78 32.52 10.73
CA ARG E 225 -28.92 31.88 9.43
C ARG E 225 -27.65 32.01 8.61
N ILE E 226 -27.04 33.19 8.62
CA ILE E 226 -25.80 33.40 7.88
C ILE E 226 -24.70 32.49 8.39
N ASP E 227 -24.55 32.41 9.72
CA ASP E 227 -23.51 31.57 10.30
C ASP E 227 -23.73 30.10 9.97
N LEU E 228 -24.98 29.63 10.07
CA LEU E 228 -25.27 28.24 9.75
C LEU E 228 -25.00 27.93 8.29
N ALA E 229 -25.38 28.83 7.39
CA ALA E 229 -25.11 28.63 5.97
C ALA E 229 -23.60 28.61 5.71
N GLY E 230 -22.86 29.47 6.38
CA GLY E 230 -21.41 29.47 6.23
C GLY E 230 -20.77 28.15 6.67
N GLY E 231 -21.27 27.58 7.77
CA GLY E 231 -20.77 26.28 8.18
C GLY E 231 -21.16 25.18 7.20
N ASN E 232 -22.40 25.21 6.70
CA ASN E 232 -22.85 24.20 5.76
C ASN E 232 -22.09 24.25 4.44
N LEU E 233 -21.64 25.44 4.05
CA LEU E 233 -20.82 25.53 2.83
C LEU E 233 -19.53 24.74 2.99
N LEU E 234 -18.86 24.88 4.14
CA LEU E 234 -17.64 24.11 4.39
C LEU E 234 -17.94 22.62 4.48
N LEU E 235 -19.07 22.27 5.09
CA LEU E 235 -19.46 20.86 5.16
C LEU E 235 -19.65 20.27 3.75
N PHE E 236 -20.31 21.03 2.87
CA PHE E 236 -20.52 20.57 1.51
C PHE E 236 -19.20 20.46 0.75
N ILE E 237 -18.28 21.40 0.99
CA ILE E 237 -16.97 21.33 0.34
C ILE E 237 -16.24 20.06 0.77
N ALA E 238 -16.29 19.75 2.07
CA ALA E 238 -15.67 18.52 2.57
C ALA E 238 -16.32 17.29 1.94
N PHE E 239 -17.64 17.29 1.81
CA PHE E 239 -18.33 16.18 1.18
C PHE E 239 -17.89 16.01 -0.27
N ASN E 240 -17.77 17.11 -1.01
CA ASN E 240 -17.33 17.03 -2.41
C ASN E 240 -15.91 16.47 -2.50
N PHE E 241 -15.02 16.94 -1.63
CA PHE E 241 -13.65 16.44 -1.65
C PHE E 241 -13.59 14.96 -1.32
N THR E 242 -14.41 14.51 -0.36
CA THR E 242 -14.46 13.08 -0.03
C THR E 242 -14.98 12.27 -1.21
N ILE E 243 -16.01 12.78 -1.89
CA ILE E 243 -16.60 12.04 -3.00
C ILE E 243 -15.63 11.93 -4.17
N SER E 244 -14.86 12.99 -4.43
CA SER E 244 -14.03 13.03 -5.62
C SER E 244 -12.95 11.96 -5.63
N SER E 245 -12.63 11.35 -4.48
CA SER E 245 -11.52 10.41 -4.40
C SER E 245 -11.85 9.03 -4.95
N ASP E 246 -13.12 8.73 -5.22
CA ASP E 246 -13.51 7.39 -5.67
C ASP E 246 -13.49 7.22 -7.18
N LEU E 247 -13.19 8.26 -7.93
CA LEU E 247 -13.23 8.23 -9.39
C LEU E 247 -11.94 8.78 -9.94
N PRO E 248 -11.59 8.41 -11.18
CA PRO E 248 -10.43 9.01 -11.84
C PRO E 248 -10.68 10.48 -12.14
N ARG E 249 -9.59 11.18 -12.50
CA ARG E 249 -9.66 12.60 -12.82
C ARG E 249 -10.20 12.74 -14.25
N LEU E 250 -11.52 12.60 -14.36
CA LEU E 250 -12.19 12.59 -15.66
C LEU E 250 -12.22 13.99 -16.27
N GLY E 251 -12.37 14.03 -17.58
CA GLY E 251 -12.49 15.25 -18.35
C GLY E 251 -13.90 15.75 -18.56
N TYR E 252 -14.90 15.13 -17.93
CA TYR E 252 -16.29 15.53 -18.09
C TYR E 252 -16.98 15.56 -16.74
N ILE E 253 -18.09 16.28 -16.67
CA ILE E 253 -18.82 16.52 -15.43
C ILE E 253 -19.86 15.44 -15.24
N THR E 254 -20.04 15.00 -14.00
CA THR E 254 -20.98 13.94 -13.65
C THR E 254 -22.16 14.48 -12.84
N LEU E 255 -23.14 13.59 -12.66
CA LEU E 255 -24.36 13.95 -11.96
C LEU E 255 -24.10 14.31 -10.51
N MET E 256 -23.21 13.57 -9.85
CA MET E 256 -22.90 13.88 -8.45
C MET E 256 -22.23 15.25 -8.33
N ASP E 257 -21.32 15.56 -9.25
CA ASP E 257 -20.67 16.88 -9.22
C ASP E 257 -21.67 17.99 -9.44
N ALA E 258 -22.60 17.80 -10.40
CA ALA E 258 -23.63 18.80 -10.61
C ALA E 258 -24.53 18.95 -9.37
N PHE E 259 -24.83 17.82 -8.71
CA PHE E 259 -25.64 17.84 -7.51
C PHE E 259 -24.96 18.64 -6.39
N LEU E 260 -23.64 18.50 -6.25
CA LEU E 260 -22.92 19.25 -5.23
C LEU E 260 -22.82 20.73 -5.59
N VAL E 261 -22.61 21.03 -6.88
CA VAL E 261 -22.52 22.42 -7.29
C VAL E 261 -23.84 23.14 -7.09
N GLY E 262 -24.96 22.45 -7.32
CA GLY E 262 -26.25 23.04 -7.05
C GLY E 262 -26.41 23.43 -5.59
N THR E 263 -25.95 22.57 -4.68
CA THR E 263 -26.00 22.89 -3.26
C THR E 263 -25.12 24.09 -2.94
N PHE E 264 -23.93 24.16 -3.56
CA PHE E 264 -23.07 25.32 -3.37
C PHE E 264 -23.80 26.60 -3.76
N ILE E 265 -24.41 26.60 -4.95
CA ILE E 265 -25.08 27.79 -5.46
C ILE E 265 -26.24 28.19 -4.56
N ILE E 266 -27.02 27.20 -4.12
CA ILE E 266 -28.18 27.50 -3.27
C ILE E 266 -27.73 28.09 -1.93
N THR E 267 -26.67 27.54 -1.35
CA THR E 267 -26.14 28.09 -0.10
C THR E 267 -25.68 29.53 -0.29
N ALA E 268 -24.99 29.81 -1.41
CA ALA E 268 -24.56 31.18 -1.67
C ALA E 268 -25.75 32.13 -1.81
N LEU E 269 -26.80 31.70 -2.51
CA LEU E 269 -27.99 32.54 -2.66
C LEU E 269 -28.66 32.79 -1.32
N VAL E 270 -28.73 31.77 -0.46
CA VAL E 270 -29.32 31.95 0.86
C VAL E 270 -28.52 32.95 1.68
N VAL E 271 -27.19 32.87 1.61
CA VAL E 271 -26.34 33.82 2.32
C VAL E 271 -26.63 35.24 1.84
N LEU E 272 -26.69 35.42 0.52
CA LEU E 272 -26.94 36.76 -0.03
C LEU E 272 -28.29 37.31 0.43
N GLY E 273 -29.33 36.47 0.38
CA GLY E 273 -30.65 36.92 0.81
C GLY E 273 -30.69 37.30 2.28
N ASN E 274 -30.05 36.49 3.13
CA ASN E 274 -30.03 36.82 4.56
C ASN E 274 -29.26 38.10 4.82
N VAL E 275 -28.16 38.32 4.10
CA VAL E 275 -27.42 39.57 4.25
C VAL E 275 -28.28 40.76 3.85
N TRP E 276 -29.01 40.64 2.75
CA TRP E 276 -29.88 41.75 2.34
C TRP E 276 -30.97 42.02 3.37
N LEU E 277 -31.55 40.96 3.93
CA LEU E 277 -32.57 41.15 4.97
C LEU E 277 -32.01 41.84 6.20
N ARG E 278 -30.79 41.44 6.62
CA ARG E 278 -30.18 42.08 7.77
C ARG E 278 -29.88 43.54 7.49
N ARG E 279 -29.41 43.86 6.28
CA ARG E 279 -29.15 45.26 5.93
C ARG E 279 -30.43 46.07 5.93
N LEU E 280 -31.53 45.49 5.45
CA LEU E 280 -32.82 46.17 5.51
C LEU E 280 -33.25 46.42 6.95
N GLU E 281 -33.05 45.43 7.83
CA GLU E 281 -33.43 45.59 9.23
C GLU E 281 -32.60 46.67 9.91
N ASN E 282 -31.32 46.76 9.57
CA ASN E 282 -30.43 47.72 10.24
C ASN E 282 -30.81 49.17 9.97
N HIS E 283 -31.60 49.45 8.93
CA HIS E 283 -31.94 50.81 8.56
C HIS E 283 -33.37 51.19 8.93
N GLY E 284 -33.96 50.49 9.90
CA GLY E 284 -35.30 50.82 10.34
C GLY E 284 -36.41 50.29 9.46
N LYS E 285 -36.11 49.35 8.57
CA LYS E 285 -37.09 48.74 7.68
C LYS E 285 -37.50 47.35 8.15
N GLN E 286 -37.64 47.19 9.47
CA GLN E 286 -38.02 45.89 10.03
C GLN E 286 -39.36 45.43 9.52
N ALA E 287 -40.30 46.34 9.27
CA ALA E 287 -41.59 45.95 8.70
C ALA E 287 -41.41 45.36 7.31
N LEU E 288 -40.58 45.98 6.47
CA LEU E 288 -40.31 45.44 5.15
C LEU E 288 -39.62 44.09 5.23
N ALA E 289 -38.66 43.95 6.15
CA ALA E 289 -37.99 42.67 6.33
C ALA E 289 -38.96 41.58 6.75
N ARG E 290 -39.87 41.89 7.68
CA ARG E 290 -40.87 40.92 8.11
C ARG E 290 -41.83 40.58 6.97
N LYS E 291 -42.16 41.56 6.13
CA LYS E 291 -43.03 41.28 4.98
C LYS E 291 -42.35 40.34 4.00
N LEU E 292 -41.05 40.54 3.75
CA LEU E 292 -40.33 39.69 2.80
C LEU E 292 -39.87 38.36 3.40
N ASP E 293 -39.93 38.21 4.72
CA ASP E 293 -39.48 36.98 5.35
C ASP E 293 -40.31 35.78 4.93
N ILE E 294 -41.61 35.95 4.73
CA ILE E 294 -42.45 34.83 4.32
C ILE E 294 -42.03 34.32 2.94
N TYR E 295 -41.78 35.23 2.01
CA TYR E 295 -41.30 34.83 0.69
C TYR E 295 -39.93 34.17 0.79
N ALA E 296 -39.04 34.72 1.63
CA ALA E 296 -37.72 34.14 1.79
C ALA E 296 -37.80 32.71 2.33
N ILE E 297 -38.71 32.47 3.28
CA ILE E 297 -38.87 31.12 3.82
C ILE E 297 -39.47 30.18 2.78
N THR E 298 -40.49 30.65 2.05
CA THR E 298 -41.19 29.78 1.12
C THR E 298 -40.37 29.49 -0.14
N SER E 299 -39.36 30.29 -0.44
CA SER E 299 -38.54 30.05 -1.63
C SER E 299 -37.48 28.99 -1.43
N TYR E 300 -37.35 28.42 -0.22
CA TYR E 300 -36.24 27.50 0.03
C TYR E 300 -36.43 26.15 -0.64
N PRO E 301 -37.52 25.40 -0.40
CA PRO E 301 -37.59 24.04 -0.98
C PRO E 301 -37.85 24.02 -2.47
N LEU E 302 -38.52 25.05 -3.00
CA LEU E 302 -38.81 25.09 -4.44
C LEU E 302 -37.53 25.16 -5.26
N ALA E 303 -36.50 25.83 -4.74
CA ALA E 303 -35.22 25.88 -5.45
C ALA E 303 -34.61 24.49 -5.60
N TYR E 304 -34.62 23.70 -4.52
CA TYR E 304 -34.09 22.35 -4.60
C TYR E 304 -34.93 21.46 -5.50
N LEU E 305 -36.26 21.61 -5.46
CA LEU E 305 -37.13 20.84 -6.33
C LEU E 305 -36.84 21.17 -7.80
N LEU E 306 -36.71 22.45 -8.12
CA LEU E 306 -36.40 22.86 -9.49
C LEU E 306 -35.03 22.37 -9.91
N GLY E 307 -34.06 22.38 -8.99
CA GLY E 307 -32.74 21.87 -9.33
C GLY E 307 -32.74 20.38 -9.63
N ALA E 308 -33.49 19.61 -8.83
CA ALA E 308 -33.61 18.18 -9.09
C ALA E 308 -34.28 17.93 -10.44
N LEU E 309 -35.34 18.69 -10.74
CA LEU E 309 -36.01 18.54 -12.02
C LEU E 309 -35.08 18.89 -13.18
N THR E 310 -34.30 19.96 -13.02
CA THR E 310 -33.37 20.36 -14.07
C THR E 310 -32.28 19.31 -14.28
N LEU E 311 -31.76 18.73 -13.20
CA LEU E 311 -30.76 17.67 -13.33
C LEU E 311 -31.35 16.46 -14.04
N TRP E 312 -32.58 16.08 -13.70
CA TRP E 312 -33.22 14.96 -14.37
C TRP E 312 -33.39 15.25 -15.86
N LEU E 313 -33.84 16.47 -16.20
CA LEU E 313 -34.01 16.83 -17.60
C LEU E 313 -32.70 16.81 -18.35
N LEU E 314 -31.63 17.31 -17.72
CA LEU E 314 -30.35 17.41 -18.41
C LEU E 314 -29.70 16.05 -18.62
N PHE E 315 -29.78 15.16 -17.62
CA PHE E 315 -29.04 13.90 -17.70
C PHE E 315 -29.85 12.72 -18.21
N PHE E 316 -31.16 12.71 -18.01
CA PHE E 316 -31.99 11.61 -18.47
C PHE E 316 -33.00 12.08 -19.52
#